data_4AM0
#
_entry.id   4AM0
#
_cell.length_a   69.930
_cell.length_b   92.800
_cell.length_c   96.590
_cell.angle_alpha   118.55
_cell.angle_beta   90.33
_cell.angle_gamma   104.05
#
_symmetry.space_group_name_H-M   'P 1'
#
loop_
_entity.id
_entity.type
_entity.pdbx_description
1 polymer 'FAB 2H12, HEAVY CHAIN'
2 polymer 'FAB 2H12, LIGHT CHAIN'
3 polymer 'ENVELOPE PROTEIN,'
#
loop_
_entity_poly.entity_id
_entity_poly.type
_entity_poly.pdbx_seq_one_letter_code
_entity_poly.pdbx_strand_id
1 'polypeptide(L)'
;DVQLVEPGAELVQPGASVKMSCKASGYTFSSYWINWEKQRPGKGLEWIGNIYPGSGTVNYDDKFKSKATLTIDTSSNTAY
MQLSSLTSEDSAVYYCTRGGSHAMDYWGQGTSVTVSSAKTTPPSVYPLAPGSADTTGSSVTLGCLVKGYFPESVTVTWNS
GSLSSSVHTFPALLQSGLYTMSSSVTVPSSTWPSQTVTCSVAHPASSTTVDKKLEPR
;
A,C,E,H
2 'polypeptide(L)'
;DIVMTQSQKFMSTSVGDRVSITCKASQNVRTSVAWYQQKPGQSPKALIYLASNRHTGVPDRFTGSGSGTDFTLTISNVQS
EDLADYFCLQHWTYPYTFGGGTKLEIKRADAAPTVSIFPPSSEQLTSGGASVVCFLNNFYPKDINVKWKIDGSERQNGVL
NSWTDQDSKDSTYSMSSTLTLTKDEYERHNSYTCEATHKTSTSPIVKSFNRN
;
B,D,F,L
3 'polypeptide(L)'
;KGMSYTMCSGKFSIDKEMAETQHGTTVVKVKYEGAGAPCKVPIEIRDVNKEKVVGRIISSTPFAEYTNSVTNIELEPPFG
DSYIVIGVGDSALTLHWFRKG
;
Q,R,S,T
#
# COMPACT_ATOMS: atom_id res chain seq x y z
N ASP A 1 -22.27 22.58 -37.78
CA ASP A 1 -22.19 21.29 -37.05
C ASP A 1 -21.97 21.42 -35.51
N VAL A 2 -23.08 21.26 -34.75
CA VAL A 2 -23.17 21.38 -33.30
C VAL A 2 -22.23 20.43 -32.62
N GLN A 3 -21.45 20.97 -31.67
CA GLN A 3 -20.48 20.18 -30.89
C GLN A 3 -20.37 20.67 -29.46
N LEU A 4 -20.79 19.87 -28.50
CA LEU A 4 -20.63 20.19 -27.08
C LEU A 4 -19.50 19.27 -26.56
N VAL A 5 -18.28 19.81 -26.39
CA VAL A 5 -17.14 19.02 -25.93
C VAL A 5 -17.15 18.91 -24.39
N GLU A 6 -17.32 17.68 -23.88
CA GLU A 6 -17.27 17.52 -22.42
C GLU A 6 -16.08 16.67 -22.00
N PRO A 7 -15.26 17.04 -20.96
CA PRO A 7 -14.17 16.13 -20.59
C PRO A 7 -14.72 14.76 -20.26
N GLY A 8 -14.03 13.72 -20.73
CA GLY A 8 -14.45 12.33 -20.61
C GLY A 8 -14.80 11.80 -19.23
N ALA A 9 -13.90 12.04 -18.27
CA ALA A 9 -14.05 11.62 -16.88
C ALA A 9 -13.29 12.51 -15.89
N GLU A 10 -13.76 12.55 -14.62
CA GLU A 10 -13.18 13.35 -13.54
C GLU A 10 -13.17 12.60 -12.22
N LEU A 11 -11.96 12.49 -11.57
CA LEU A 11 -11.79 11.80 -10.27
C LEU A 11 -11.77 12.80 -9.12
N VAL A 12 -12.80 12.69 -8.28
CA VAL A 12 -12.95 13.60 -7.16
C VAL A 12 -12.96 12.91 -5.80
N GLN A 13 -12.41 13.62 -4.83
CA GLN A 13 -12.31 13.15 -3.47
C GLN A 13 -13.65 13.37 -2.77
N PRO A 14 -14.05 12.48 -1.86
CA PRO A 14 -15.28 12.73 -1.07
C PRO A 14 -15.17 14.02 -0.26
N GLY A 15 -16.22 14.83 -0.27
CA GLY A 15 -16.22 16.11 0.44
C GLY A 15 -15.66 17.24 -0.39
N ALA A 16 -14.88 16.94 -1.41
CA ALA A 16 -14.33 17.96 -2.30
C ALA A 16 -15.36 18.44 -3.31
N SER A 17 -15.01 19.41 -4.14
CA SER A 17 -15.90 19.90 -5.19
C SER A 17 -15.23 19.77 -6.58
N VAL A 18 -16.07 19.68 -7.63
CA VAL A 18 -15.65 19.52 -9.01
C VAL A 18 -16.27 20.62 -9.83
N LYS A 19 -15.56 21.08 -10.89
CA LYS A 19 -16.02 22.03 -11.89
C LYS A 19 -15.83 21.32 -13.20
N MET A 20 -16.93 21.11 -13.91
CA MET A 20 -16.88 20.49 -15.21
C MET A 20 -17.36 21.49 -16.29
N SER A 21 -16.82 21.35 -17.51
CA SER A 21 -17.04 22.24 -18.63
C SER A 21 -17.82 21.55 -19.73
N CYS A 22 -18.52 22.37 -20.57
CA CYS A 22 -19.27 21.90 -21.72
C CYS A 22 -19.00 22.94 -22.77
N LYS A 23 -18.05 22.66 -23.70
CA LYS A 23 -17.62 23.57 -24.76
C LYS A 23 -18.48 23.47 -26.01
N ALA A 24 -19.38 24.45 -26.13
CA ALA A 24 -20.25 24.56 -27.29
C ALA A 24 -19.48 25.16 -28.49
N SER A 25 -19.93 24.83 -29.71
CA SER A 25 -19.38 25.29 -30.98
C SER A 25 -20.34 24.87 -32.12
N GLY A 26 -20.25 25.51 -33.29
CA GLY A 26 -21.10 25.12 -34.39
C GLY A 26 -22.46 25.77 -34.44
N TYR A 27 -22.75 26.69 -33.49
CA TYR A 27 -24.03 27.41 -33.48
C TYR A 27 -23.91 28.73 -32.67
N THR A 28 -24.92 29.63 -32.79
CA THR A 28 -25.02 30.88 -32.04
C THR A 28 -25.31 30.51 -30.56
N PHE A 29 -24.26 30.54 -29.73
CA PHE A 29 -24.32 30.12 -28.34
C PHE A 29 -25.18 31.01 -27.43
N SER A 30 -25.00 32.34 -27.55
CA SER A 30 -25.74 33.34 -26.77
C SER A 30 -27.27 33.41 -27.07
N SER A 31 -27.78 32.51 -27.93
CA SER A 31 -29.20 32.49 -28.33
C SER A 31 -29.95 31.17 -28.08
N TYR A 32 -29.35 30.23 -27.31
CA TYR A 32 -29.96 28.93 -26.96
C TYR A 32 -29.69 28.63 -25.48
N TRP A 33 -30.63 27.96 -24.76
CA TRP A 33 -30.41 27.57 -23.37
C TRP A 33 -29.47 26.37 -23.31
N ILE A 34 -28.82 26.15 -22.14
CA ILE A 34 -27.97 24.98 -21.91
C ILE A 34 -28.60 24.18 -20.80
N ASN A 35 -28.66 22.85 -20.96
CA ASN A 35 -29.23 21.87 -20.02
C ASN A 35 -28.12 21.03 -19.37
N TRP A 36 -28.40 20.37 -18.23
CA TRP A 36 -27.42 19.52 -17.56
C TRP A 36 -28.17 18.35 -16.92
N GLU A 37 -27.78 17.17 -17.24
CA GLU A 37 -28.49 15.99 -16.75
C GLU A 37 -27.58 15.10 -15.99
N LYS A 38 -28.14 14.25 -15.10
CA LYS A 38 -27.37 13.28 -14.32
C LYS A 38 -27.84 11.89 -14.70
N GLN A 39 -26.90 10.96 -14.84
CA GLN A 39 -27.17 9.56 -15.16
C GLN A 39 -26.34 8.58 -14.32
N ARG A 40 -26.97 8.01 -13.29
CA ARG A 40 -26.28 7.00 -12.48
C ARG A 40 -26.37 5.65 -13.22
N PRO A 41 -25.32 4.78 -13.15
CA PRO A 41 -25.37 3.51 -13.91
C PRO A 41 -26.64 2.70 -13.69
N GLY A 42 -27.17 2.12 -14.77
CA GLY A 42 -28.39 1.31 -14.75
C GLY A 42 -29.65 2.05 -14.33
N LYS A 43 -29.49 3.34 -13.94
CA LYS A 43 -30.58 4.23 -13.53
C LYS A 43 -30.91 5.27 -14.61
N GLY A 44 -32.09 5.88 -14.45
CA GLY A 44 -32.62 6.88 -15.36
C GLY A 44 -31.96 8.24 -15.30
N LEU A 45 -32.44 9.14 -16.14
CA LEU A 45 -31.91 10.47 -16.23
C LEU A 45 -32.61 11.46 -15.30
N GLU A 46 -31.85 12.45 -14.81
CA GLU A 46 -32.33 13.48 -13.89
C GLU A 46 -31.93 14.84 -14.42
N TRP A 47 -32.88 15.80 -14.45
CA TRP A 47 -32.60 17.18 -14.94
C TRP A 47 -32.07 18.02 -13.80
N ILE A 48 -30.75 18.37 -13.82
CA ILE A 48 -30.08 19.20 -12.79
C ILE A 48 -30.66 20.62 -12.84
N GLY A 49 -30.70 21.19 -14.06
CA GLY A 49 -31.22 22.54 -14.29
C GLY A 49 -30.77 23.10 -15.61
N ASN A 50 -31.02 24.40 -15.86
CA ASN A 50 -30.66 25.05 -17.14
C ASN A 50 -30.18 26.55 -17.03
N ILE A 51 -29.39 26.99 -18.02
CA ILE A 51 -28.83 28.34 -18.07
C ILE A 51 -29.12 29.04 -19.41
N TYR A 52 -29.26 30.38 -19.43
CA TYR A 52 -29.44 31.15 -20.69
C TYR A 52 -28.28 32.14 -20.99
N PRO A 53 -27.39 31.73 -21.95
CA PRO A 53 -26.19 32.53 -22.27
C PRO A 53 -26.40 34.01 -22.49
N GLY A 54 -27.42 34.34 -23.26
CA GLY A 54 -27.76 35.73 -23.59
C GLY A 54 -28.53 36.51 -22.55
N SER A 55 -28.44 36.11 -21.22
CA SER A 55 -29.11 36.80 -20.10
C SER A 55 -28.57 36.41 -18.73
N GLY A 56 -27.94 35.23 -18.67
CA GLY A 56 -27.40 34.64 -17.45
C GLY A 56 -28.46 34.00 -16.56
N THR A 57 -29.74 33.84 -17.10
CA THR A 57 -30.98 33.28 -16.48
C THR A 57 -30.77 31.85 -16.07
N VAL A 58 -31.04 31.50 -14.80
CA VAL A 58 -30.82 30.13 -14.29
C VAL A 58 -32.09 29.54 -13.72
N ASN A 59 -32.32 28.25 -14.02
CA ASN A 59 -33.36 27.43 -13.43
C ASN A 59 -32.72 26.15 -12.88
N TYR A 60 -32.90 25.86 -11.57
CA TYR A 60 -32.38 24.65 -10.93
C TYR A 60 -33.55 23.74 -10.51
N ASP A 61 -33.31 22.40 -10.53
CA ASP A 61 -34.25 21.43 -9.99
C ASP A 61 -33.91 21.47 -8.49
N ASP A 62 -34.90 21.78 -7.64
CA ASP A 62 -34.71 21.86 -6.20
C ASP A 62 -33.82 20.75 -5.63
N LYS A 63 -33.96 19.51 -6.15
CA LYS A 63 -33.16 18.35 -5.74
C LYS A 63 -31.68 18.64 -5.76
N PHE A 64 -31.25 19.57 -6.64
CA PHE A 64 -29.84 19.95 -6.82
C PHE A 64 -29.47 21.36 -6.35
N LYS A 65 -30.42 22.11 -5.75
CA LYS A 65 -30.20 23.50 -5.30
C LYS A 65 -28.90 23.80 -4.56
N SER A 66 -28.60 23.01 -3.53
CA SER A 66 -27.39 23.21 -2.72
C SER A 66 -26.13 22.59 -3.31
N LYS A 67 -26.31 21.73 -4.30
CA LYS A 67 -25.25 20.95 -4.96
C LYS A 67 -24.61 21.59 -6.22
N ALA A 68 -25.42 21.93 -7.24
CA ALA A 68 -24.97 22.48 -8.51
C ALA A 68 -24.98 24.02 -8.58
N THR A 69 -23.97 24.56 -9.32
CA THR A 69 -23.80 25.98 -9.61
C THR A 69 -23.60 26.04 -11.11
N LEU A 70 -24.56 26.68 -11.84
CA LEU A 70 -24.44 26.76 -13.30
C LEU A 70 -23.96 28.14 -13.69
N THR A 71 -22.72 28.22 -14.20
CA THR A 71 -22.12 29.44 -14.75
C THR A 71 -21.93 29.23 -16.26
N ILE A 72 -21.65 30.33 -16.99
CA ILE A 72 -21.46 30.43 -18.43
C ILE A 72 -20.31 31.43 -18.74
N ASP A 73 -19.49 31.06 -19.77
CA ASP A 73 -18.40 31.87 -20.30
C ASP A 73 -18.71 32.00 -21.77
N THR A 74 -19.36 33.13 -22.14
CA THR A 74 -19.74 33.38 -23.53
C THR A 74 -18.50 33.60 -24.39
N SER A 75 -17.46 34.23 -23.85
CA SER A 75 -16.22 34.46 -24.61
C SER A 75 -15.53 33.15 -25.05
N SER A 76 -15.75 32.07 -24.30
CA SER A 76 -15.20 30.77 -24.65
C SER A 76 -16.31 29.77 -25.05
N ASN A 77 -17.58 30.26 -25.21
CA ASN A 77 -18.75 29.44 -25.56
C ASN A 77 -18.78 28.14 -24.73
N THR A 78 -18.32 28.24 -23.46
CA THR A 78 -18.29 27.14 -22.54
C THR A 78 -19.31 27.39 -21.47
N ALA A 79 -20.04 26.31 -21.10
CA ALA A 79 -21.01 26.27 -20.03
C ALA A 79 -20.34 25.44 -18.91
N TYR A 80 -20.65 25.76 -17.66
CA TYR A 80 -20.03 25.06 -16.53
C TYR A 80 -21.04 24.63 -15.50
N MET A 81 -20.72 23.54 -14.82
CA MET A 81 -21.42 23.03 -13.66
C MET A 81 -20.39 22.68 -12.58
N GLN A 82 -20.62 23.25 -11.41
CA GLN A 82 -19.79 23.02 -10.27
C GLN A 82 -20.66 22.23 -9.33
N LEU A 83 -20.19 21.03 -8.92
CA LEU A 83 -20.88 20.20 -7.94
C LEU A 83 -20.04 20.31 -6.71
N SER A 84 -20.67 20.62 -5.55
CA SER A 84 -19.99 20.83 -4.27
C SER A 84 -20.21 19.72 -3.21
N SER A 85 -19.32 19.68 -2.16
CA SER A 85 -19.38 18.77 -1.02
C SER A 85 -19.79 17.38 -1.47
N LEU A 86 -18.97 16.77 -2.36
CA LEU A 86 -19.29 15.49 -3.00
C LEU A 86 -19.39 14.28 -2.13
N THR A 87 -20.33 13.40 -2.48
CA THR A 87 -20.67 12.14 -1.83
C THR A 87 -20.75 11.10 -2.95
N SER A 88 -20.87 9.78 -2.59
CA SER A 88 -20.95 8.70 -3.59
C SER A 88 -22.22 8.75 -4.45
N GLU A 89 -23.29 9.42 -3.94
CA GLU A 89 -24.54 9.67 -4.65
C GLU A 89 -24.25 10.54 -5.91
N ASP A 90 -23.10 11.25 -5.91
CA ASP A 90 -22.69 12.15 -7.01
C ASP A 90 -21.87 11.48 -8.13
N SER A 91 -21.38 10.23 -7.90
CA SER A 91 -20.68 9.43 -8.92
C SER A 91 -21.77 9.12 -9.96
N ALA A 92 -21.68 9.74 -11.16
CA ALA A 92 -22.63 9.58 -12.28
C ALA A 92 -22.07 10.19 -13.55
N VAL A 93 -22.80 10.04 -14.69
CA VAL A 93 -22.41 10.65 -15.97
C VAL A 93 -23.28 11.91 -16.13
N TYR A 94 -22.58 13.06 -16.24
CA TYR A 94 -23.19 14.36 -16.36
C TYR A 94 -23.20 14.80 -17.77
N TYR A 95 -24.40 15.14 -18.28
CA TYR A 95 -24.57 15.59 -19.66
C TYR A 95 -24.92 17.06 -19.74
N CYS A 96 -24.60 17.68 -20.89
CA CYS A 96 -24.95 19.06 -21.23
C CYS A 96 -25.62 19.04 -22.61
N THR A 97 -26.61 19.90 -22.77
CA THR A 97 -27.38 19.88 -23.98
C THR A 97 -27.84 21.26 -24.33
N ARG A 98 -28.17 21.43 -25.60
CA ARG A 98 -28.72 22.68 -26.10
C ARG A 98 -30.20 22.66 -25.86
N GLY A 99 -30.72 23.81 -25.57
CA GLY A 99 -32.12 23.93 -25.27
C GLY A 99 -32.86 24.89 -26.15
N GLY A 100 -34.15 24.65 -26.22
CA GLY A 100 -35.06 25.50 -26.97
C GLY A 100 -36.45 25.16 -26.51
N SER A 101 -37.44 25.64 -27.24
CA SER A 101 -38.75 25.23 -26.85
C SER A 101 -39.07 23.79 -27.38
N HIS A 102 -38.04 23.10 -27.91
CA HIS A 102 -38.10 21.75 -28.44
C HIS A 102 -37.32 20.86 -27.50
N ALA A 103 -36.73 21.53 -26.50
CA ALA A 103 -35.87 21.03 -25.41
C ALA A 103 -34.50 20.65 -25.93
N MET A 104 -33.95 19.58 -25.33
CA MET A 104 -32.68 18.98 -25.64
C MET A 104 -32.71 18.51 -27.06
N ASP A 105 -31.67 18.84 -27.79
CA ASP A 105 -31.52 18.39 -29.15
C ASP A 105 -30.11 17.83 -29.36
N TYR A 106 -29.11 18.63 -29.02
CA TYR A 106 -27.76 18.18 -29.22
C TYR A 106 -27.13 18.06 -27.88
N TRP A 107 -26.86 16.80 -27.47
CA TRP A 107 -26.23 16.38 -26.22
C TRP A 107 -24.69 16.22 -26.42
N GLY A 108 -23.92 16.65 -25.43
CA GLY A 108 -22.46 16.49 -25.36
C GLY A 108 -22.05 15.10 -24.90
N GLN A 109 -20.73 14.79 -24.80
CA GLN A 109 -20.37 13.40 -24.52
C GLN A 109 -20.45 12.90 -23.08
N GLY A 110 -20.63 13.81 -22.15
CA GLY A 110 -20.78 13.45 -20.75
C GLY A 110 -19.49 13.17 -20.04
N THR A 111 -19.37 13.70 -18.82
CA THR A 111 -18.24 13.51 -17.93
C THR A 111 -18.66 12.45 -16.92
N SER A 112 -17.87 11.38 -16.81
CA SER A 112 -18.11 10.32 -15.87
C SER A 112 -17.34 10.64 -14.61
N VAL A 113 -18.03 11.27 -13.66
CA VAL A 113 -17.49 11.64 -12.36
C VAL A 113 -17.40 10.38 -11.45
N THR A 114 -16.26 10.24 -10.74
CA THR A 114 -16.03 9.16 -9.80
C THR A 114 -15.59 9.75 -8.46
N VAL A 115 -16.39 9.52 -7.41
CA VAL A 115 -16.16 10.03 -6.07
C VAL A 115 -15.51 8.92 -5.22
N SER A 116 -14.21 9.11 -4.90
CA SER A 116 -13.38 8.20 -4.12
C SER A 116 -12.10 8.88 -3.64
N SER A 117 -11.65 8.51 -2.43
CA SER A 117 -10.41 9.00 -1.82
C SER A 117 -9.22 8.10 -2.26
N ALA A 118 -9.50 7.06 -3.07
CA ALA A 118 -8.53 6.10 -3.59
C ALA A 118 -7.46 6.68 -4.54
N LYS A 119 -6.23 6.13 -4.46
CA LYS A 119 -5.08 6.50 -5.28
C LYS A 119 -5.21 5.94 -6.69
N THR A 120 -4.86 6.77 -7.70
CA THR A 120 -4.83 6.40 -9.10
C THR A 120 -3.71 5.40 -9.31
N THR A 121 -4.07 4.21 -9.83
CA THR A 121 -3.17 3.10 -10.04
C THR A 121 -3.08 2.73 -11.52
N PRO A 122 -1.87 2.65 -12.09
CA PRO A 122 -1.76 2.19 -13.50
C PRO A 122 -2.00 0.66 -13.59
N PRO A 123 -2.56 0.16 -14.70
CA PRO A 123 -2.82 -1.29 -14.80
C PRO A 123 -1.64 -2.14 -15.21
N SER A 124 -1.76 -3.44 -14.94
CA SER A 124 -0.84 -4.50 -15.35
C SER A 124 -1.46 -5.03 -16.64
N VAL A 125 -0.67 -5.14 -17.71
CA VAL A 125 -1.17 -5.62 -19.01
C VAL A 125 -0.57 -6.96 -19.37
N TYR A 126 -1.43 -7.99 -19.40
CA TYR A 126 -1.00 -9.36 -19.66
C TYR A 126 -1.51 -9.87 -20.98
N PRO A 127 -0.64 -10.44 -21.81
CA PRO A 127 -1.10 -10.94 -23.12
C PRO A 127 -1.75 -12.33 -23.04
N LEU A 128 -2.87 -12.50 -23.77
CA LEU A 128 -3.61 -13.75 -23.81
C LEU A 128 -3.44 -14.46 -25.16
N ALA A 129 -2.48 -15.42 -25.20
CA ALA A 129 -2.13 -16.25 -26.36
C ALA A 129 -2.43 -17.72 -26.01
N PRO A 130 -3.09 -18.49 -26.91
CA PRO A 130 -3.43 -19.88 -26.55
C PRO A 130 -2.24 -20.83 -26.34
N GLY A 131 -2.47 -21.85 -25.50
CA GLY A 131 -1.50 -22.86 -25.09
C GLY A 131 -0.95 -23.74 -26.19
N SER A 138 -9.63 -22.27 -38.17
CA SER A 138 -9.95 -21.27 -39.20
C SER A 138 -9.57 -19.83 -38.79
N SER A 139 -9.85 -19.45 -37.52
CA SER A 139 -9.55 -18.16 -36.92
C SER A 139 -8.92 -18.36 -35.54
N VAL A 140 -8.02 -17.43 -35.14
CA VAL A 140 -7.32 -17.39 -33.85
C VAL A 140 -7.74 -16.16 -33.04
N THR A 141 -8.37 -16.38 -31.86
CA THR A 141 -8.77 -15.31 -30.94
C THR A 141 -7.62 -15.05 -29.96
N LEU A 142 -7.22 -13.78 -29.86
CA LEU A 142 -6.18 -13.33 -28.95
C LEU A 142 -6.77 -12.31 -28.00
N GLY A 143 -6.07 -12.04 -26.91
CA GLY A 143 -6.54 -11.08 -25.94
C GLY A 143 -5.47 -10.38 -25.14
N CYS A 144 -5.89 -9.42 -24.33
CA CYS A 144 -5.05 -8.66 -23.43
C CYS A 144 -5.80 -8.44 -22.11
N LEU A 145 -5.09 -8.56 -20.98
CA LEU A 145 -5.66 -8.47 -19.65
C LEU A 145 -5.15 -7.26 -18.86
N VAL A 146 -5.98 -6.22 -18.79
CA VAL A 146 -5.79 -4.92 -18.13
C VAL A 146 -6.30 -5.05 -16.69
N LYS A 147 -5.37 -5.41 -15.78
CA LYS A 147 -5.63 -5.72 -14.38
C LYS A 147 -5.16 -4.66 -13.34
N GLY A 148 -5.97 -4.50 -12.29
CA GLY A 148 -5.72 -3.64 -11.13
C GLY A 148 -5.40 -2.19 -11.37
N TYR A 149 -6.36 -1.43 -11.93
CA TYR A 149 -6.19 -0.01 -12.22
C TYR A 149 -7.34 0.85 -11.64
N PHE A 150 -7.02 2.08 -11.25
CA PHE A 150 -8.02 3.01 -10.76
C PHE A 150 -7.70 4.42 -11.23
N PRO A 151 -8.67 5.23 -11.69
CA PRO A 151 -10.10 4.94 -11.90
C PRO A 151 -10.38 4.46 -13.32
N GLU A 152 -11.62 4.53 -13.75
CA GLU A 152 -11.96 4.19 -15.12
C GLU A 152 -11.60 5.44 -16.00
N SER A 153 -11.36 5.29 -17.33
CA SER A 153 -11.41 4.06 -18.10
C SER A 153 -10.06 3.81 -18.76
N VAL A 154 -9.96 2.71 -19.49
CA VAL A 154 -8.79 2.31 -20.25
C VAL A 154 -9.22 2.08 -21.69
N THR A 155 -8.31 2.18 -22.65
CA THR A 155 -8.67 1.86 -24.04
C THR A 155 -7.68 0.83 -24.53
N VAL A 156 -8.16 -0.24 -25.16
CA VAL A 156 -7.28 -1.26 -25.74
C VAL A 156 -7.33 -1.15 -27.26
N THR A 157 -6.20 -0.81 -27.88
CA THR A 157 -6.00 -0.64 -29.32
C THR A 157 -5.21 -1.83 -29.89
N TRP A 158 -5.76 -2.46 -30.93
CA TRP A 158 -5.13 -3.61 -31.59
C TRP A 158 -4.56 -3.16 -32.95
N ASN A 159 -3.23 -3.40 -33.16
CA ASN A 159 -2.47 -3.03 -34.37
C ASN A 159 -2.74 -1.60 -34.83
N SER A 160 -2.52 -0.62 -33.92
CA SER A 160 -2.73 0.81 -34.10
C SER A 160 -4.17 1.19 -34.53
N GLY A 161 -5.11 0.26 -34.38
CA GLY A 161 -6.52 0.45 -34.71
C GLY A 161 -7.00 -0.25 -35.97
N SER A 162 -6.05 -0.78 -36.79
CA SER A 162 -6.33 -1.52 -38.04
C SER A 162 -7.22 -2.76 -37.78
N LEU A 163 -6.95 -3.45 -36.66
CA LEU A 163 -7.68 -4.61 -36.20
C LEU A 163 -8.84 -4.10 -35.34
N SER A 164 -10.03 -4.08 -35.95
CA SER A 164 -11.30 -3.64 -35.36
C SER A 164 -12.37 -4.51 -36.02
N SER A 165 -13.66 -4.44 -35.55
CA SER A 165 -14.79 -5.23 -36.07
C SER A 165 -14.56 -6.77 -36.00
N SER A 166 -13.57 -7.15 -35.13
CA SER A 166 -13.10 -8.49 -34.78
C SER A 166 -12.73 -8.43 -33.30
N VAL A 167 -12.75 -7.19 -32.73
CA VAL A 167 -12.44 -6.83 -31.34
C VAL A 167 -13.67 -6.67 -30.43
N HIS A 168 -13.63 -7.34 -29.28
CA HIS A 168 -14.64 -7.24 -28.23
C HIS A 168 -13.93 -6.62 -27.06
N THR A 169 -14.50 -5.55 -26.49
CA THR A 169 -13.95 -4.89 -25.33
C THR A 169 -14.95 -5.14 -24.19
N PHE A 170 -14.51 -5.90 -23.19
CA PHE A 170 -15.33 -6.35 -22.06
C PHE A 170 -15.39 -5.37 -20.86
N PRO A 171 -16.63 -5.07 -20.36
CA PRO A 171 -16.78 -4.18 -19.19
C PRO A 171 -15.93 -4.52 -17.97
N ALA A 172 -15.32 -3.46 -17.41
CA ALA A 172 -14.46 -3.52 -16.24
C ALA A 172 -15.19 -3.87 -14.94
N LEU A 173 -14.68 -4.90 -14.23
CA LEU A 173 -15.23 -5.40 -12.96
C LEU A 173 -14.28 -5.02 -11.82
N LEU A 174 -14.81 -4.95 -10.59
CA LEU A 174 -14.01 -4.59 -9.43
C LEU A 174 -13.55 -5.73 -8.55
N GLN A 175 -12.28 -5.66 -8.19
CA GLN A 175 -11.70 -6.59 -7.27
C GLN A 175 -10.83 -5.83 -6.34
N SER A 176 -11.34 -5.72 -5.10
CA SER A 176 -10.74 -5.03 -3.96
C SER A 176 -10.42 -3.56 -4.29
N GLY A 177 -11.39 -2.86 -4.86
CA GLY A 177 -11.29 -1.46 -5.21
C GLY A 177 -10.54 -1.13 -6.49
N LEU A 178 -10.01 -2.15 -7.17
CA LEU A 178 -9.29 -1.93 -8.42
C LEU A 178 -10.03 -2.58 -9.60
N TYR A 179 -9.94 -1.97 -10.79
CA TYR A 179 -10.63 -2.46 -11.98
C TYR A 179 -9.81 -3.46 -12.75
N THR A 180 -10.51 -4.40 -13.38
CA THR A 180 -9.94 -5.40 -14.26
C THR A 180 -10.86 -5.49 -15.47
N MET A 181 -10.23 -5.53 -16.66
CA MET A 181 -10.92 -5.66 -17.93
C MET A 181 -10.09 -6.44 -18.93
N SER A 182 -10.78 -7.06 -19.86
CA SER A 182 -10.21 -7.87 -20.92
C SER A 182 -10.69 -7.32 -22.26
N SER A 183 -9.87 -7.53 -23.31
CA SER A 183 -10.17 -7.13 -24.67
C SER A 183 -9.78 -8.26 -25.60
N SER A 184 -10.72 -8.74 -26.40
CA SER A 184 -10.47 -9.84 -27.35
C SER A 184 -10.29 -9.32 -28.79
N VAL A 185 -9.61 -10.11 -29.63
CA VAL A 185 -9.38 -9.83 -31.04
C VAL A 185 -9.47 -11.18 -31.76
N THR A 186 -10.02 -11.21 -32.98
CA THR A 186 -10.12 -12.44 -33.75
C THR A 186 -9.49 -12.22 -35.13
N VAL A 187 -8.33 -12.84 -35.35
CA VAL A 187 -7.60 -12.72 -36.62
C VAL A 187 -7.55 -14.07 -37.37
N PRO A 188 -7.63 -14.08 -38.73
CA PRO A 188 -7.54 -15.37 -39.46
C PRO A 188 -6.22 -16.09 -39.13
N SER A 189 -6.32 -17.36 -38.70
CA SER A 189 -5.22 -18.24 -38.28
C SER A 189 -3.88 -18.09 -39.02
N SER A 190 -3.92 -17.70 -40.30
CA SER A 190 -2.75 -17.48 -41.15
C SER A 190 -1.95 -16.22 -40.76
N THR A 191 -2.65 -15.11 -40.39
CA THR A 191 -2.03 -13.82 -40.00
C THR A 191 -1.32 -13.81 -38.63
N TRP A 192 -1.40 -14.91 -37.87
CA TRP A 192 -0.71 -15.00 -36.58
C TRP A 192 -0.14 -16.40 -36.35
N PRO A 193 1.13 -16.56 -35.91
CA PRO A 193 2.11 -15.51 -35.54
C PRO A 193 2.87 -14.84 -36.69
N SER A 194 2.54 -15.17 -37.96
CA SER A 194 3.17 -14.64 -39.17
C SER A 194 3.26 -13.11 -39.25
N GLN A 195 2.25 -12.41 -38.69
CA GLN A 195 2.20 -10.95 -38.60
C GLN A 195 2.20 -10.52 -37.14
N THR A 196 2.72 -9.32 -36.86
CA THR A 196 2.78 -8.77 -35.50
C THR A 196 1.39 -8.29 -35.04
N VAL A 197 0.91 -8.84 -33.91
CA VAL A 197 -0.36 -8.48 -33.27
C VAL A 197 -0.03 -7.87 -31.89
N THR A 198 -0.33 -6.56 -31.73
CA THR A 198 -0.02 -5.80 -30.52
C THR A 198 -1.25 -5.07 -29.99
N CYS A 199 -1.42 -5.10 -28.65
CA CYS A 199 -2.48 -4.37 -27.95
C CYS A 199 -1.86 -3.14 -27.24
N SER A 200 -2.37 -1.96 -27.55
CA SER A 200 -1.92 -0.67 -27.02
C SER A 200 -2.91 -0.17 -25.96
N VAL A 201 -2.69 -0.59 -24.72
CA VAL A 201 -3.52 -0.21 -23.59
C VAL A 201 -3.15 1.20 -23.10
N ALA A 202 -4.14 2.10 -23.00
CA ALA A 202 -3.96 3.48 -22.56
C ALA A 202 -4.80 3.79 -21.32
N HIS A 203 -4.16 4.38 -20.29
CA HIS A 203 -4.82 4.76 -19.06
C HIS A 203 -4.51 6.24 -18.81
N PRO A 204 -5.39 7.15 -19.31
CA PRO A 204 -5.14 8.58 -19.20
C PRO A 204 -4.88 9.14 -17.81
N ALA A 205 -5.58 8.61 -16.77
CA ALA A 205 -5.43 9.03 -15.37
C ALA A 205 -3.98 8.95 -14.89
N SER A 206 -3.37 7.77 -15.06
CA SER A 206 -1.99 7.43 -14.72
C SER A 206 -0.98 7.92 -15.78
N SER A 207 -1.48 8.42 -16.95
CA SER A 207 -0.67 8.93 -18.05
C SER A 207 0.20 7.83 -18.66
N THR A 208 -0.30 6.58 -18.60
CA THR A 208 0.39 5.38 -19.13
C THR A 208 -0.19 4.96 -20.46
N THR A 209 0.59 4.08 -21.10
CA THR A 209 0.35 3.41 -22.37
C THR A 209 1.32 2.25 -22.44
N VAL A 210 0.77 1.03 -22.35
CA VAL A 210 1.52 -0.22 -22.33
C VAL A 210 1.24 -1.02 -23.60
N ASP A 211 2.27 -1.23 -24.43
CA ASP A 211 2.15 -2.02 -25.65
C ASP A 211 2.70 -3.41 -25.40
N LYS A 212 1.86 -4.45 -25.63
CA LYS A 212 2.28 -5.84 -25.43
C LYS A 212 2.23 -6.66 -26.71
N LYS A 213 3.30 -7.37 -27.03
CA LYS A 213 3.37 -8.20 -28.23
C LYS A 213 2.83 -9.62 -27.95
N LEU A 214 1.78 -10.03 -28.69
CA LEU A 214 1.13 -11.34 -28.61
C LEU A 214 2.05 -12.37 -29.31
N GLU A 215 2.82 -13.14 -28.52
CA GLU A 215 3.77 -14.16 -28.99
C GLU A 215 3.23 -15.58 -28.76
N PRO A 216 3.48 -16.52 -29.69
CA PRO A 216 2.92 -17.88 -29.54
C PRO A 216 3.42 -18.74 -28.37
N ARG A 217 2.86 -19.97 -28.24
CA ARG A 217 3.10 -20.99 -27.20
C ARG A 217 2.59 -20.47 -25.84
N ASP B 1 -44.32 17.87 -8.94
CA ASP B 1 -43.46 17.38 -10.02
C ASP B 1 -44.15 16.33 -10.87
N ILE B 2 -43.87 16.34 -12.19
CA ILE B 2 -44.48 15.39 -13.12
C ILE B 2 -43.62 14.14 -13.23
N VAL B 3 -44.29 12.98 -13.26
CA VAL B 3 -43.66 11.68 -13.30
C VAL B 3 -43.94 11.02 -14.62
N MET B 4 -42.86 10.77 -15.38
CA MET B 4 -42.94 10.10 -16.67
C MET B 4 -42.78 8.61 -16.39
N THR B 5 -43.83 7.82 -16.70
CA THR B 5 -43.85 6.38 -16.41
C THR B 5 -43.63 5.48 -17.64
N GLN B 6 -42.36 5.12 -17.89
CA GLN B 6 -41.96 4.28 -19.02
C GLN B 6 -41.89 2.83 -18.57
N SER B 7 -43.09 2.24 -18.36
CA SER B 7 -43.37 0.90 -17.83
C SER B 7 -42.57 -0.24 -18.44
N GLN B 8 -42.40 -0.20 -19.79
CA GLN B 8 -41.66 -1.15 -20.60
C GLN B 8 -40.18 -1.04 -20.24
N LYS B 9 -39.64 -1.97 -19.45
CA LYS B 9 -38.23 -1.86 -19.09
C LYS B 9 -37.31 -2.50 -20.13
N PHE B 10 -37.76 -3.63 -20.72
CA PHE B 10 -37.02 -4.40 -21.72
C PHE B 10 -37.94 -4.82 -22.87
N MET B 11 -37.42 -4.78 -24.14
CA MET B 11 -38.21 -5.13 -25.33
C MET B 11 -37.36 -5.80 -26.41
N SER B 12 -37.75 -7.02 -26.85
CA SER B 12 -37.02 -7.75 -27.92
C SER B 12 -37.86 -7.78 -29.18
N THR B 13 -37.25 -7.40 -30.33
CA THR B 13 -37.90 -7.26 -31.63
C THR B 13 -36.97 -7.74 -32.73
N SER B 14 -37.47 -8.56 -33.66
CA SER B 14 -36.70 -9.04 -34.79
C SER B 14 -36.63 -7.94 -35.83
N VAL B 15 -35.52 -7.88 -36.61
CA VAL B 15 -35.33 -6.85 -37.65
C VAL B 15 -36.50 -6.86 -38.65
N GLY B 16 -37.07 -5.68 -38.85
CA GLY B 16 -38.19 -5.50 -39.76
C GLY B 16 -39.54 -5.40 -39.08
N ASP B 17 -39.67 -5.91 -37.84
CA ASP B 17 -40.91 -5.88 -37.05
C ASP B 17 -41.20 -4.47 -36.49
N ARG B 18 -42.37 -4.31 -35.83
CA ARG B 18 -42.81 -3.04 -35.24
C ARG B 18 -42.89 -3.14 -33.72
N VAL B 19 -42.43 -2.07 -33.05
CA VAL B 19 -42.36 -1.89 -31.59
C VAL B 19 -42.98 -0.53 -31.19
N SER B 20 -43.79 -0.50 -30.11
CA SER B 20 -44.42 0.72 -29.59
C SER B 20 -44.05 0.98 -28.11
N ILE B 21 -43.05 1.86 -27.88
CA ILE B 21 -42.57 2.21 -26.54
C ILE B 21 -43.48 3.31 -25.93
N THR B 22 -44.25 2.91 -24.90
CA THR B 22 -45.20 3.77 -24.19
C THR B 22 -44.50 4.56 -23.07
N CYS B 23 -45.08 5.72 -22.74
CA CYS B 23 -44.66 6.67 -21.72
C CYS B 23 -45.96 7.31 -21.20
N LYS B 24 -46.15 7.34 -19.87
CA LYS B 24 -47.33 7.95 -19.24
C LYS B 24 -46.95 9.13 -18.31
N ALA B 25 -47.59 10.30 -18.53
CA ALA B 25 -47.38 11.50 -17.73
C ALA B 25 -48.29 11.54 -16.50
N SER B 26 -47.74 11.99 -15.34
CA SER B 26 -48.47 12.10 -14.05
C SER B 26 -49.60 13.14 -14.11
N GLN B 27 -49.48 14.13 -15.03
CA GLN B 27 -50.45 15.19 -15.28
C GLN B 27 -50.37 15.72 -16.71
N ASN B 28 -51.40 16.45 -17.19
CA ASN B 28 -51.46 17.02 -18.53
C ASN B 28 -50.21 17.91 -18.82
N VAL B 29 -49.35 17.35 -19.70
CA VAL B 29 -48.12 17.96 -20.18
C VAL B 29 -48.30 18.45 -21.61
N ARG B 30 -49.54 18.38 -22.11
CA ARG B 30 -49.89 18.79 -23.46
C ARG B 30 -49.15 17.94 -24.54
N THR B 31 -48.17 18.52 -25.24
CA THR B 31 -47.39 17.82 -26.28
C THR B 31 -45.91 18.05 -26.06
N SER B 32 -45.55 18.74 -24.98
CA SER B 32 -44.17 19.01 -24.63
C SER B 32 -43.49 17.70 -24.12
N VAL B 33 -43.32 16.74 -25.05
CA VAL B 33 -42.70 15.44 -24.81
C VAL B 33 -41.71 15.12 -25.96
N ALA B 34 -40.45 14.86 -25.61
CA ALA B 34 -39.42 14.52 -26.57
C ALA B 34 -38.96 13.08 -26.39
N TRP B 35 -38.41 12.45 -27.43
CA TRP B 35 -37.91 11.08 -27.33
C TRP B 35 -36.47 11.07 -27.66
N TYR B 36 -35.69 10.29 -26.94
CA TYR B 36 -34.24 10.19 -27.15
C TYR B 36 -33.79 8.77 -27.31
N GLN B 37 -32.80 8.55 -28.14
CA GLN B 37 -32.21 7.25 -28.38
C GLN B 37 -30.81 7.26 -27.79
N GLN B 38 -30.56 6.34 -26.88
CA GLN B 38 -29.24 6.20 -26.28
C GLN B 38 -28.61 4.81 -26.55
N LYS B 39 -27.76 4.76 -27.61
CA LYS B 39 -27.02 3.57 -28.03
C LYS B 39 -25.93 3.32 -26.99
N PRO B 40 -25.67 2.03 -26.65
CA PRO B 40 -24.67 1.73 -25.57
C PRO B 40 -23.36 2.48 -25.72
N GLY B 41 -22.89 3.04 -24.62
CA GLY B 41 -21.67 3.83 -24.57
C GLY B 41 -21.61 5.03 -25.50
N GLN B 42 -22.76 5.75 -25.66
CA GLN B 42 -22.88 6.92 -26.53
C GLN B 42 -23.81 7.98 -25.91
N SER B 43 -23.77 9.23 -26.42
CA SER B 43 -24.65 10.31 -25.94
C SER B 43 -26.08 10.11 -26.48
N PRO B 44 -27.14 10.56 -25.79
CA PRO B 44 -28.49 10.39 -26.33
C PRO B 44 -28.66 11.26 -27.57
N LYS B 45 -29.43 10.76 -28.52
CA LYS B 45 -29.72 11.42 -29.78
C LYS B 45 -31.18 11.79 -29.77
N ALA B 46 -31.48 13.07 -30.10
CA ALA B 46 -32.86 13.54 -30.19
C ALA B 46 -33.61 12.91 -31.39
N LEU B 47 -34.75 12.24 -31.11
CA LEU B 47 -35.53 11.57 -32.17
C LEU B 47 -36.82 12.31 -32.52
N ILE B 48 -37.67 12.54 -31.51
CA ILE B 48 -38.96 13.18 -31.71
C ILE B 48 -39.01 14.40 -30.79
N TYR B 49 -39.47 15.53 -31.33
CA TYR B 49 -39.69 16.71 -30.52
C TYR B 49 -41.18 16.97 -30.53
N LEU B 50 -41.68 17.65 -29.48
CA LEU B 50 -43.09 18.00 -29.33
C LEU B 50 -44.06 16.86 -29.73
N ALA B 51 -43.97 15.73 -29.00
CA ALA B 51 -44.77 14.49 -29.11
C ALA B 51 -44.82 13.74 -30.44
N SER B 52 -45.03 14.45 -31.57
CA SER B 52 -45.23 13.90 -32.91
C SER B 52 -44.23 14.29 -34.02
N ASN B 53 -43.39 15.32 -33.79
CA ASN B 53 -42.47 15.80 -34.81
C ASN B 53 -41.12 15.18 -34.76
N ARG B 54 -40.76 14.55 -35.85
CA ARG B 54 -39.50 13.88 -36.11
C ARG B 54 -38.40 14.97 -36.30
N HIS B 55 -37.18 14.70 -35.81
CA HIS B 55 -36.07 15.65 -35.95
C HIS B 55 -35.40 15.49 -37.32
N THR B 56 -34.44 16.37 -37.63
CA THR B 56 -33.67 16.33 -38.86
C THR B 56 -32.70 15.15 -38.77
N GLY B 57 -32.68 14.34 -39.83
CA GLY B 57 -31.82 13.17 -39.90
C GLY B 57 -32.26 12.05 -38.98
N VAL B 58 -33.57 11.78 -38.99
CA VAL B 58 -34.19 10.70 -38.23
C VAL B 58 -35.08 9.95 -39.24
N PRO B 59 -34.81 8.64 -39.46
CA PRO B 59 -35.64 7.84 -40.39
C PRO B 59 -37.13 7.88 -40.12
N ASP B 60 -37.94 7.77 -41.19
CA ASP B 60 -39.41 7.80 -41.10
C ASP B 60 -40.05 6.54 -40.44
N ARG B 61 -39.19 5.66 -39.90
CA ARG B 61 -39.52 4.46 -39.15
C ARG B 61 -39.94 4.89 -37.77
N PHE B 62 -39.33 6.01 -37.30
CA PHE B 62 -39.56 6.63 -35.99
C PHE B 62 -40.78 7.52 -36.04
N THR B 63 -41.74 7.26 -35.13
CA THR B 63 -43.01 8.00 -35.07
C THR B 63 -43.42 8.30 -33.63
N GLY B 64 -43.84 9.54 -33.42
CA GLY B 64 -44.34 10.00 -32.14
C GLY B 64 -45.83 10.28 -32.19
N SER B 65 -46.56 9.90 -31.13
CA SER B 65 -47.98 10.12 -31.07
C SER B 65 -48.44 10.37 -29.67
N GLY B 66 -49.57 11.06 -29.60
CA GLY B 66 -50.23 11.36 -28.35
C GLY B 66 -50.23 12.81 -27.92
N SER B 67 -50.98 13.05 -26.83
CA SER B 67 -51.15 14.31 -26.14
C SER B 67 -51.63 14.03 -24.72
N GLY B 68 -51.44 15.02 -23.84
CA GLY B 68 -51.88 15.03 -22.45
C GLY B 68 -51.10 14.17 -21.49
N THR B 69 -51.47 12.89 -21.43
CA THR B 69 -50.84 11.89 -20.54
C THR B 69 -50.27 10.60 -21.25
N ASP B 70 -50.77 10.22 -22.45
CA ASP B 70 -50.31 9.03 -23.20
C ASP B 70 -49.50 9.40 -24.41
N PHE B 71 -48.25 8.99 -24.38
CA PHE B 71 -47.27 9.27 -25.41
C PHE B 71 -46.62 7.98 -25.82
N THR B 72 -46.46 7.77 -27.12
CA THR B 72 -45.87 6.55 -27.64
C THR B 72 -44.82 6.84 -28.72
N LEU B 73 -43.70 6.08 -28.66
CA LEU B 73 -42.66 6.11 -29.68
C LEU B 73 -42.82 4.81 -30.45
N THR B 74 -42.95 4.90 -31.78
CA THR B 74 -43.12 3.72 -32.62
C THR B 74 -41.99 3.58 -33.62
N ILE B 75 -41.31 2.41 -33.58
CA ILE B 75 -40.25 2.10 -34.53
C ILE B 75 -40.72 0.96 -35.43
N SER B 76 -41.15 1.31 -36.63
CA SER B 76 -41.56 0.34 -37.64
C SER B 76 -40.29 -0.03 -38.40
N ASN B 77 -40.22 -1.25 -38.97
CA ASN B 77 -39.04 -1.73 -39.70
C ASN B 77 -37.80 -1.63 -38.79
N VAL B 78 -37.79 -2.42 -37.71
CA VAL B 78 -36.68 -2.41 -36.76
C VAL B 78 -35.39 -2.84 -37.44
N GLN B 79 -34.32 -2.11 -37.14
CA GLN B 79 -33.00 -2.32 -37.70
C GLN B 79 -32.03 -2.78 -36.62
N SER B 80 -30.89 -3.37 -37.03
CA SER B 80 -29.88 -3.82 -36.07
C SER B 80 -29.27 -2.64 -35.27
N GLU B 81 -29.19 -1.46 -35.90
CA GLU B 81 -28.67 -0.24 -35.31
C GLU B 81 -29.58 0.37 -34.25
N ASP B 82 -30.88 0.09 -34.34
CA ASP B 82 -31.91 0.59 -33.41
C ASP B 82 -31.73 0.14 -31.94
N LEU B 83 -30.76 -0.73 -31.72
CA LEU B 83 -30.32 -1.28 -30.46
C LEU B 83 -29.91 -0.16 -29.50
N ALA B 84 -30.85 0.29 -28.65
CA ALA B 84 -30.58 1.39 -27.72
C ALA B 84 -31.47 1.45 -26.48
N ASP B 85 -31.42 2.61 -25.84
CA ASP B 85 -32.25 2.90 -24.71
C ASP B 85 -33.10 4.03 -25.18
N TYR B 86 -34.42 3.92 -25.00
CA TYR B 86 -35.35 4.94 -25.46
C TYR B 86 -36.02 5.62 -24.31
N PHE B 87 -36.06 6.96 -24.34
CA PHE B 87 -36.68 7.70 -23.26
C PHE B 87 -37.40 8.97 -23.63
N CYS B 88 -38.50 9.19 -22.94
CA CYS B 88 -39.37 10.35 -23.02
C CYS B 88 -38.96 11.37 -21.97
N LEU B 89 -39.27 12.63 -22.24
CA LEU B 89 -38.99 13.71 -21.33
C LEU B 89 -40.06 14.80 -21.45
N GLN B 90 -40.57 15.29 -20.32
CA GLN B 90 -41.53 16.39 -20.32
C GLN B 90 -40.77 17.70 -20.13
N HIS B 91 -41.22 18.69 -20.84
CA HIS B 91 -40.67 20.04 -20.77
C HIS B 91 -41.85 20.98 -20.79
N TRP B 92 -42.93 20.49 -20.13
CA TRP B 92 -44.15 21.24 -19.95
C TRP B 92 -43.90 22.30 -18.90
N THR B 93 -43.31 21.91 -17.74
CA THR B 93 -42.93 22.78 -16.64
C THR B 93 -41.67 22.27 -15.97
N TYR B 94 -40.97 23.17 -15.25
CA TYR B 94 -39.78 22.83 -14.45
C TYR B 94 -40.26 22.07 -13.19
N PRO B 95 -39.54 21.02 -12.73
CA PRO B 95 -38.31 20.46 -13.31
C PRO B 95 -38.64 19.45 -14.39
N TYR B 96 -37.80 19.45 -15.45
CA TYR B 96 -37.92 18.58 -16.61
C TYR B 96 -37.72 17.15 -16.15
N THR B 97 -38.68 16.27 -16.42
CA THR B 97 -38.54 14.90 -15.92
C THR B 97 -38.53 13.86 -17.02
N PHE B 98 -37.63 12.83 -16.87
CA PHE B 98 -37.39 11.75 -17.83
C PHE B 98 -38.10 10.44 -17.55
N GLY B 99 -38.40 9.71 -18.64
CA GLY B 99 -38.97 8.37 -18.56
C GLY B 99 -37.94 7.41 -18.01
N GLY B 100 -38.41 6.31 -17.45
CA GLY B 100 -37.54 5.29 -16.87
C GLY B 100 -36.50 4.72 -17.80
N GLY B 101 -36.80 4.70 -19.08
CA GLY B 101 -35.93 4.14 -20.12
C GLY B 101 -36.47 2.80 -20.54
N THR B 102 -36.22 2.43 -21.81
CA THR B 102 -36.64 1.15 -22.40
C THR B 102 -35.50 0.56 -23.21
N LYS B 103 -34.82 -0.49 -22.65
CA LYS B 103 -33.72 -1.14 -23.33
C LYS B 103 -34.32 -2.04 -24.40
N LEU B 104 -34.06 -1.69 -25.65
CA LEU B 104 -34.53 -2.45 -26.78
C LEU B 104 -33.46 -3.46 -27.17
N GLU B 105 -33.83 -4.76 -27.16
CA GLU B 105 -32.99 -5.87 -27.58
C GLU B 105 -33.43 -6.19 -29.01
N ILE B 106 -32.50 -6.64 -29.88
CA ILE B 106 -32.84 -7.02 -31.27
C ILE B 106 -32.81 -8.55 -31.40
N LYS B 107 -33.98 -9.19 -31.65
CA LYS B 107 -34.08 -10.64 -31.82
C LYS B 107 -33.40 -11.06 -33.13
N ARG B 108 -32.69 -12.21 -33.09
CA ARG B 108 -31.97 -12.80 -34.24
C ARG B 108 -31.94 -14.33 -34.16
N ALA B 109 -31.45 -15.00 -35.25
CA ALA B 109 -31.31 -16.45 -35.31
C ALA B 109 -30.25 -16.89 -34.30
N ASP B 110 -30.54 -17.92 -33.46
CA ASP B 110 -29.57 -18.43 -32.47
C ASP B 110 -28.15 -18.60 -33.05
N ALA B 111 -27.15 -18.05 -32.36
CA ALA B 111 -25.73 -18.13 -32.74
C ALA B 111 -24.99 -18.77 -31.59
N ALA B 112 -24.17 -19.80 -31.86
CA ALA B 112 -23.39 -20.51 -30.84
C ALA B 112 -22.17 -19.68 -30.41
N PRO B 113 -21.73 -19.74 -29.13
CA PRO B 113 -20.55 -18.97 -28.73
C PRO B 113 -19.25 -19.48 -29.33
N THR B 114 -18.25 -18.59 -29.48
CA THR B 114 -16.93 -18.98 -29.96
C THR B 114 -15.95 -18.91 -28.78
N VAL B 115 -15.81 -20.08 -28.11
CA VAL B 115 -15.05 -20.29 -26.88
C VAL B 115 -13.52 -20.40 -27.09
N SER B 116 -12.74 -19.66 -26.28
CA SER B 116 -11.29 -19.61 -26.29
C SER B 116 -10.74 -19.54 -24.86
N ILE B 117 -9.92 -20.53 -24.45
CA ILE B 117 -9.29 -20.58 -23.12
C ILE B 117 -7.85 -20.03 -23.16
N PHE B 118 -7.43 -19.28 -22.13
CA PHE B 118 -6.08 -18.67 -22.10
C PHE B 118 -5.39 -18.88 -20.77
N PRO B 119 -4.18 -19.45 -20.77
CA PRO B 119 -3.46 -19.65 -19.50
C PRO B 119 -2.81 -18.34 -19.05
N PRO B 120 -2.47 -18.26 -17.75
CA PRO B 120 -1.78 -17.06 -17.25
C PRO B 120 -0.42 -16.86 -17.91
N SER B 121 -0.15 -15.59 -18.25
CA SER B 121 1.10 -15.14 -18.85
C SER B 121 2.24 -15.27 -17.83
N SER B 122 3.45 -15.59 -18.32
CA SER B 122 4.67 -15.71 -17.52
C SER B 122 4.96 -14.41 -16.75
N GLU B 123 4.43 -13.27 -17.26
CA GLU B 123 4.55 -11.94 -16.64
C GLU B 123 3.74 -11.92 -15.34
N GLN B 124 2.49 -12.46 -15.38
CA GLN B 124 1.60 -12.53 -14.23
C GLN B 124 2.12 -13.48 -13.19
N LEU B 125 2.66 -14.63 -13.64
CA LEU B 125 3.20 -15.67 -12.76
C LEU B 125 4.40 -15.15 -11.95
N THR B 126 5.16 -14.17 -12.48
CA THR B 126 6.30 -13.56 -11.81
C THR B 126 5.84 -12.56 -10.71
N SER B 127 4.62 -11.99 -10.83
CA SER B 127 4.03 -11.06 -9.86
C SER B 127 3.27 -11.75 -8.71
N GLY B 128 3.18 -13.09 -8.76
CA GLY B 128 2.57 -13.94 -7.75
C GLY B 128 1.10 -14.30 -7.94
N GLY B 129 0.49 -13.79 -9.01
CA GLY B 129 -0.91 -14.04 -9.35
C GLY B 129 -1.08 -14.92 -10.58
N ALA B 130 -2.33 -15.39 -10.82
CA ALA B 130 -2.65 -16.23 -11.98
C ALA B 130 -4.13 -16.09 -12.37
N SER B 131 -4.38 -15.47 -13.53
CA SER B 131 -5.73 -15.31 -14.00
C SER B 131 -5.89 -16.15 -15.25
N VAL B 132 -6.95 -16.99 -15.26
CA VAL B 132 -7.28 -17.89 -16.37
C VAL B 132 -8.53 -17.32 -17.02
N VAL B 133 -8.37 -16.72 -18.23
CA VAL B 133 -9.43 -16.05 -19.00
C VAL B 133 -10.10 -16.98 -20.04
N CYS B 134 -11.40 -16.75 -20.26
CA CYS B 134 -12.21 -17.49 -21.22
C CYS B 134 -13.13 -16.55 -21.94
N PHE B 135 -13.01 -16.53 -23.29
CA PHE B 135 -13.84 -15.70 -24.15
C PHE B 135 -14.91 -16.56 -24.83
N LEU B 136 -16.19 -16.21 -24.58
CA LEU B 136 -17.40 -16.86 -25.11
C LEU B 136 -17.96 -15.80 -26.05
N ASN B 137 -17.50 -15.81 -27.31
CA ASN B 137 -17.81 -14.78 -28.28
C ASN B 137 -18.88 -15.05 -29.29
N ASN B 138 -19.68 -14.01 -29.60
CA ASN B 138 -20.75 -13.91 -30.60
C ASN B 138 -21.82 -14.97 -30.53
N PHE B 139 -22.76 -14.80 -29.59
CA PHE B 139 -23.83 -15.76 -29.37
C PHE B 139 -25.20 -15.13 -29.19
N TYR B 140 -26.25 -15.91 -29.42
CA TYR B 140 -27.64 -15.49 -29.19
C TYR B 140 -28.50 -16.71 -28.78
N PRO B 141 -29.30 -16.65 -27.67
CA PRO B 141 -29.56 -15.49 -26.76
C PRO B 141 -28.45 -15.06 -25.80
N LYS B 142 -28.67 -13.98 -25.00
CA LYS B 142 -27.70 -13.51 -24.01
C LYS B 142 -27.50 -14.52 -22.88
N ASP B 143 -28.54 -15.36 -22.62
CA ASP B 143 -28.50 -16.38 -21.59
C ASP B 143 -27.49 -17.48 -21.91
N ILE B 144 -26.48 -17.61 -21.05
CA ILE B 144 -25.38 -18.58 -21.17
C ILE B 144 -24.85 -18.94 -19.77
N ASN B 145 -24.30 -20.15 -19.63
CA ASN B 145 -23.70 -20.63 -18.41
C ASN B 145 -22.24 -20.89 -18.67
N VAL B 146 -21.40 -20.40 -17.77
CA VAL B 146 -19.97 -20.64 -17.89
C VAL B 146 -19.51 -21.35 -16.61
N LYS B 147 -18.88 -22.52 -16.76
CA LYS B 147 -18.43 -23.36 -15.65
C LYS B 147 -16.93 -23.56 -15.72
N TRP B 148 -16.26 -23.46 -14.58
CA TRP B 148 -14.82 -23.72 -14.50
C TRP B 148 -14.58 -25.04 -13.80
N LYS B 149 -13.57 -25.78 -14.28
CA LYS B 149 -13.20 -27.05 -13.68
C LYS B 149 -11.68 -27.12 -13.48
N ILE B 150 -11.26 -27.39 -12.23
CA ILE B 150 -9.85 -27.55 -11.90
C ILE B 150 -9.64 -29.01 -11.54
N ASP B 151 -8.93 -29.76 -12.42
CA ASP B 151 -8.67 -31.19 -12.30
C ASP B 151 -9.97 -31.97 -12.04
N GLY B 152 -10.96 -31.72 -12.91
CA GLY B 152 -12.27 -32.36 -12.84
C GLY B 152 -13.27 -31.71 -11.90
N SER B 153 -12.80 -31.20 -10.73
CA SER B 153 -13.64 -30.56 -9.71
C SER B 153 -14.02 -29.11 -10.04
N GLU B 154 -15.31 -28.80 -9.92
CA GLU B 154 -15.90 -27.49 -10.20
C GLU B 154 -15.33 -26.43 -9.28
N ARG B 155 -15.27 -25.20 -9.80
CA ARG B 155 -14.80 -24.03 -9.07
C ARG B 155 -15.71 -22.86 -9.42
N GLN B 156 -16.11 -22.09 -8.38
CA GLN B 156 -16.92 -20.87 -8.54
C GLN B 156 -16.25 -19.71 -7.84
N ASN B 157 -15.40 -19.99 -6.83
CA ASN B 157 -14.67 -18.97 -6.08
C ASN B 157 -13.57 -18.35 -6.91
N GLY B 158 -13.58 -17.02 -7.03
CA GLY B 158 -12.57 -16.31 -7.81
C GLY B 158 -12.98 -16.00 -9.24
N VAL B 159 -14.16 -16.51 -9.64
CA VAL B 159 -14.72 -16.31 -10.99
C VAL B 159 -15.49 -14.97 -11.13
N LEU B 160 -15.10 -14.18 -12.15
CA LEU B 160 -15.68 -12.93 -12.54
C LEU B 160 -16.16 -13.00 -14.00
N ASN B 161 -17.44 -12.69 -14.24
CA ASN B 161 -18.06 -12.71 -15.58
C ASN B 161 -18.53 -11.35 -16.05
N SER B 162 -18.22 -11.01 -17.31
CA SER B 162 -18.61 -9.72 -17.88
C SER B 162 -19.23 -9.87 -19.26
N TRP B 163 -20.48 -9.42 -19.39
CA TRP B 163 -21.18 -9.43 -20.66
C TRP B 163 -21.03 -8.09 -21.34
N THR B 164 -20.86 -8.13 -22.66
CA THR B 164 -20.82 -6.95 -23.52
C THR B 164 -22.28 -6.59 -23.84
N ASP B 165 -22.53 -5.35 -24.26
CA ASP B 165 -23.87 -4.99 -24.71
C ASP B 165 -24.08 -5.65 -26.11
N GLN B 166 -25.34 -5.85 -26.53
CA GLN B 166 -25.66 -6.49 -27.81
C GLN B 166 -24.98 -5.75 -28.97
N ASP B 167 -24.41 -6.51 -29.95
CA ASP B 167 -23.71 -5.94 -31.10
C ASP B 167 -24.60 -5.18 -32.04
N SER B 168 -24.18 -3.96 -32.42
CA SER B 168 -24.92 -3.05 -33.32
C SER B 168 -25.09 -3.62 -34.73
N LYS B 169 -24.15 -4.45 -35.18
CA LYS B 169 -24.14 -5.03 -36.51
C LYS B 169 -24.76 -6.43 -36.54
N ASP B 170 -24.14 -7.42 -35.85
CA ASP B 170 -24.60 -8.78 -35.90
C ASP B 170 -25.66 -9.20 -34.87
N SER B 171 -26.05 -8.29 -33.98
CA SER B 171 -27.04 -8.56 -32.91
C SER B 171 -26.69 -9.68 -31.91
N THR B 172 -25.40 -10.09 -31.84
CA THR B 172 -24.96 -11.11 -30.87
C THR B 172 -24.36 -10.48 -29.61
N TYR B 173 -24.11 -11.34 -28.61
CA TYR B 173 -23.54 -10.98 -27.33
C TYR B 173 -22.21 -11.70 -27.19
N SER B 174 -21.35 -11.17 -26.32
CA SER B 174 -20.03 -11.75 -26.01
C SER B 174 -19.80 -11.67 -24.51
N MET B 175 -19.05 -12.63 -23.97
CA MET B 175 -18.82 -12.72 -22.54
C MET B 175 -17.42 -13.23 -22.20
N SER B 176 -16.78 -12.59 -21.22
CA SER B 176 -15.46 -12.95 -20.70
C SER B 176 -15.65 -13.50 -19.30
N SER B 177 -15.02 -14.65 -19.01
CA SER B 177 -15.07 -15.31 -17.72
C SER B 177 -13.65 -15.45 -17.18
N THR B 178 -13.36 -14.82 -16.03
CA THR B 178 -12.01 -14.83 -15.46
C THR B 178 -11.86 -15.46 -14.05
N LEU B 179 -11.23 -16.64 -14.02
CA LEU B 179 -10.89 -17.30 -12.77
C LEU B 179 -9.52 -16.76 -12.29
N THR B 180 -9.54 -16.01 -11.18
CA THR B 180 -8.35 -15.44 -10.56
C THR B 180 -8.03 -16.32 -9.36
N LEU B 181 -6.81 -16.90 -9.37
CA LEU B 181 -6.28 -17.75 -8.31
C LEU B 181 -4.79 -17.43 -8.08
N THR B 182 -4.24 -17.81 -6.91
CA THR B 182 -2.83 -17.53 -6.59
C THR B 182 -1.89 -18.35 -7.47
N LYS B 183 -0.63 -17.89 -7.61
CA LYS B 183 0.45 -18.58 -8.35
C LYS B 183 0.57 -19.99 -7.77
N ASP B 184 0.61 -20.07 -6.42
CA ASP B 184 0.72 -21.27 -5.60
C ASP B 184 -0.41 -22.26 -5.89
N GLU B 185 -1.67 -21.78 -5.87
CA GLU B 185 -2.87 -22.59 -6.15
C GLU B 185 -2.83 -23.14 -7.58
N TYR B 186 -2.48 -22.28 -8.53
CA TYR B 186 -2.36 -22.61 -9.94
C TYR B 186 -1.33 -23.71 -10.13
N GLU B 187 -0.14 -23.52 -9.52
CA GLU B 187 0.96 -24.48 -9.56
C GLU B 187 0.70 -25.79 -8.80
N ARG B 188 -0.49 -25.93 -8.19
CA ARG B 188 -0.92 -27.11 -7.46
C ARG B 188 -2.02 -27.87 -8.24
N HIS B 189 -2.25 -27.49 -9.52
CA HIS B 189 -3.24 -28.12 -10.39
C HIS B 189 -2.80 -28.18 -11.85
N ASN B 190 -3.25 -29.21 -12.60
CA ASN B 190 -2.84 -29.43 -13.98
C ASN B 190 -3.86 -29.10 -15.06
N SER B 191 -5.05 -29.76 -15.04
CA SER B 191 -6.11 -29.57 -16.04
C SER B 191 -7.15 -28.48 -15.71
N TYR B 192 -7.11 -27.38 -16.48
CA TYR B 192 -8.04 -26.25 -16.39
C TYR B 192 -9.03 -26.35 -17.53
N THR B 193 -10.32 -26.40 -17.19
CA THR B 193 -11.45 -26.59 -18.09
C THR B 193 -12.45 -25.46 -17.90
N CYS B 194 -13.16 -25.13 -18.99
CA CYS B 194 -14.22 -24.13 -19.03
C CYS B 194 -15.37 -24.63 -19.91
N GLU B 195 -16.54 -24.86 -19.30
CA GLU B 195 -17.72 -25.42 -19.95
C GLU B 195 -18.83 -24.41 -20.22
N ALA B 196 -18.94 -23.97 -21.49
CA ALA B 196 -19.96 -23.04 -21.91
C ALA B 196 -21.27 -23.78 -22.20
N THR B 197 -22.34 -23.43 -21.49
CA THR B 197 -23.64 -24.05 -21.72
C THR B 197 -24.60 -23.04 -22.30
N HIS B 198 -25.04 -23.30 -23.54
CA HIS B 198 -25.92 -22.45 -24.31
C HIS B 198 -26.94 -23.33 -25.03
N LYS B 199 -28.14 -22.78 -25.32
CA LYS B 199 -29.23 -23.51 -25.97
C LYS B 199 -28.93 -24.03 -27.38
N THR B 200 -27.93 -23.42 -28.05
CA THR B 200 -27.45 -23.80 -29.39
C THR B 200 -26.94 -25.26 -29.51
N SER B 201 -26.60 -25.91 -28.38
CA SER B 201 -26.11 -27.30 -28.34
C SER B 201 -26.56 -28.02 -27.07
N THR B 202 -26.75 -29.35 -27.19
CA THR B 202 -27.12 -30.21 -26.07
C THR B 202 -25.84 -30.46 -25.26
N SER B 203 -24.71 -30.60 -25.96
CA SER B 203 -23.39 -30.82 -25.40
C SER B 203 -22.76 -29.46 -25.13
N PRO B 204 -22.35 -29.18 -23.88
CA PRO B 204 -21.70 -27.89 -23.61
C PRO B 204 -20.35 -27.85 -24.30
N ILE B 205 -20.01 -26.70 -24.88
CA ILE B 205 -18.72 -26.52 -25.55
C ILE B 205 -17.63 -26.41 -24.49
N VAL B 206 -16.67 -27.34 -24.54
CA VAL B 206 -15.60 -27.45 -23.55
C VAL B 206 -14.23 -27.15 -24.14
N LYS B 207 -13.61 -26.05 -23.68
CA LYS B 207 -12.26 -25.65 -24.07
C LYS B 207 -11.34 -25.77 -22.85
N SER B 208 -10.25 -26.54 -22.98
CA SER B 208 -9.34 -26.82 -21.86
C SER B 208 -7.83 -26.78 -22.21
N PHE B 209 -6.97 -26.99 -21.17
CA PHE B 209 -5.51 -27.07 -21.27
C PHE B 209 -4.88 -27.69 -20.00
N ASN B 210 -3.66 -28.27 -20.15
CA ASN B 210 -2.85 -28.87 -19.08
C ASN B 210 -1.51 -28.13 -18.98
N ARG B 211 -1.08 -27.76 -17.75
CA ARG B 211 0.18 -27.05 -17.44
C ARG B 211 1.47 -27.71 -18.01
N ASN B 212 1.36 -28.95 -18.54
CA ASN B 212 2.46 -29.70 -19.14
C ASN B 212 2.43 -29.68 -20.68
N ASP C 1 5.40 -36.66 31.94
CA ASP C 1 4.54 -35.95 30.97
C ASP C 1 5.37 -35.33 29.82
N VAL C 2 5.54 -36.12 28.72
CA VAL C 2 6.30 -35.72 27.54
C VAL C 2 5.60 -34.52 26.93
N GLN C 3 6.40 -33.48 26.56
CA GLN C 3 5.93 -32.23 25.95
C GLN C 3 6.99 -31.65 25.01
N LEU C 4 6.74 -31.71 23.70
CA LEU C 4 7.63 -31.12 22.70
C LEU C 4 7.04 -29.75 22.42
N VAL C 5 7.81 -28.66 22.72
CA VAL C 5 7.34 -27.28 22.59
C VAL C 5 7.86 -26.48 21.32
N GLU C 6 7.05 -26.46 20.22
CA GLU C 6 7.37 -25.76 18.98
C GLU C 6 6.60 -24.46 18.85
N PRO C 7 7.25 -23.31 18.49
CA PRO C 7 6.51 -22.03 18.32
C PRO C 7 5.38 -22.17 17.31
N GLY C 8 4.25 -21.53 17.58
CA GLY C 8 3.02 -21.64 16.80
C GLY C 8 3.11 -21.40 15.30
N ALA C 9 3.70 -20.26 14.93
CA ALA C 9 3.85 -19.86 13.54
C ALA C 9 5.08 -18.93 13.35
N GLU C 10 5.63 -18.95 12.09
CA GLU C 10 6.77 -18.14 11.69
C GLU C 10 6.59 -17.55 10.28
N LEU C 11 6.70 -16.21 10.14
CA LEU C 11 6.60 -15.51 8.84
C LEU C 11 8.01 -15.22 8.28
N VAL C 12 8.31 -15.85 7.15
CA VAL C 12 9.62 -15.69 6.53
C VAL C 12 9.58 -15.11 5.14
N GLN C 13 10.64 -14.38 4.79
CA GLN C 13 10.79 -13.74 3.52
C GLN C 13 11.32 -14.76 2.51
N PRO C 14 10.91 -14.69 1.22
CA PRO C 14 11.49 -15.59 0.20
C PRO C 14 13.00 -15.39 0.07
N GLY C 15 13.73 -16.48 -0.07
CA GLY C 15 15.18 -16.42 -0.15
C GLY C 15 15.86 -16.38 1.20
N ALA C 16 15.15 -15.96 2.24
CA ALA C 16 15.72 -15.92 3.59
C ALA C 16 15.72 -17.33 4.22
N SER C 17 16.27 -17.47 5.43
CA SER C 17 16.27 -18.74 6.15
C SER C 17 15.56 -18.59 7.50
N VAL C 18 15.03 -19.73 8.01
CA VAL C 18 14.30 -19.81 9.27
C VAL C 18 14.95 -20.85 10.14
N LYS C 19 14.93 -20.62 11.48
CA LYS C 19 15.40 -21.53 12.52
C LYS C 19 14.23 -21.70 13.44
N MET C 20 13.76 -22.94 13.57
CA MET C 20 12.67 -23.25 14.46
C MET C 20 13.16 -24.22 15.55
N SER C 21 12.53 -24.13 16.75
CA SER C 21 12.89 -24.88 17.97
C SER C 21 11.82 -25.90 18.36
N CYS C 22 12.27 -26.95 19.10
CA CYS C 22 11.48 -28.05 19.63
C CYS C 22 11.93 -28.33 21.09
N LYS C 23 11.31 -27.67 22.07
CA LYS C 23 11.69 -27.79 23.45
C LYS C 23 11.09 -29.01 24.06
N ALA C 24 11.94 -30.02 24.22
CA ALA C 24 11.57 -31.29 24.78
C ALA C 24 11.54 -31.07 26.24
N SER C 25 10.66 -31.80 26.94
CA SER C 25 10.51 -31.78 28.40
C SER C 25 9.63 -32.95 28.82
N GLY C 26 9.85 -33.43 30.04
CA GLY C 26 9.06 -34.51 30.60
C GLY C 26 9.66 -35.90 30.57
N TYR C 27 10.85 -36.05 29.94
CA TYR C 27 11.56 -37.33 29.77
C TYR C 27 13.11 -37.14 29.58
N THR C 28 13.88 -38.25 29.64
CA THR C 28 15.34 -38.28 29.42
C THR C 28 15.63 -38.01 27.91
N PHE C 29 15.75 -36.72 27.55
CA PHE C 29 15.95 -36.20 26.17
C PHE C 29 17.08 -36.87 25.40
N SER C 30 18.28 -36.97 26.06
CA SER C 30 19.49 -37.58 25.50
C SER C 30 19.38 -39.10 25.19
N SER C 31 18.17 -39.70 25.40
CA SER C 31 17.95 -41.15 25.21
C SER C 31 16.87 -41.54 24.19
N TYR C 32 16.35 -40.55 23.44
CA TYR C 32 15.37 -40.81 22.40
C TYR C 32 15.75 -40.05 21.06
N TRP C 33 15.28 -40.52 19.90
CA TRP C 33 15.53 -39.79 18.66
C TRP C 33 14.45 -38.71 18.45
N ILE C 34 14.75 -37.60 17.73
CA ILE C 34 13.76 -36.58 17.37
C ILE C 34 13.49 -36.72 15.86
N ASN C 35 12.24 -36.67 15.45
CA ASN C 35 11.96 -36.75 14.02
C ASN C 35 11.41 -35.38 13.58
N TRP C 36 11.64 -34.92 12.32
CA TRP C 36 11.02 -33.67 11.91
C TRP C 36 10.17 -33.97 10.69
N GLU C 37 8.91 -33.49 10.65
CA GLU C 37 8.02 -33.79 9.52
C GLU C 37 7.51 -32.53 8.89
N LYS C 38 7.10 -32.60 7.60
CA LYS C 38 6.52 -31.47 6.91
C LYS C 38 5.09 -31.83 6.50
N GLN C 39 4.17 -30.86 6.63
CA GLN C 39 2.78 -31.02 6.27
C GLN C 39 2.23 -29.82 5.47
N ARG C 40 2.12 -29.96 4.12
CA ARG C 40 1.54 -28.89 3.33
C ARG C 40 0.01 -29.06 3.38
N PRO C 41 -0.80 -27.96 3.47
CA PRO C 41 -2.27 -28.13 3.57
C PRO C 41 -2.85 -29.04 2.50
N GLY C 42 -3.86 -29.81 2.87
CA GLY C 42 -4.54 -30.75 1.96
C GLY C 42 -3.67 -31.89 1.47
N LYS C 43 -2.34 -31.83 1.75
CA LYS C 43 -1.34 -32.83 1.38
C LYS C 43 -0.88 -33.67 2.58
N GLY C 44 -0.21 -34.79 2.24
CA GLY C 44 0.32 -35.74 3.20
C GLY C 44 1.56 -35.28 3.98
N LEU C 45 2.02 -36.15 4.86
CA LEU C 45 3.17 -35.86 5.67
C LEU C 45 4.43 -36.37 5.02
N GLU C 46 5.54 -35.66 5.28
CA GLU C 46 6.87 -35.93 4.72
C GLU C 46 7.89 -35.97 5.83
N TRP C 47 8.77 -37.00 5.88
CA TRP C 47 9.80 -37.11 6.92
C TRP C 47 11.03 -36.37 6.46
N ILE C 48 11.35 -35.20 7.10
CA ILE C 48 12.52 -34.35 6.78
C ILE C 48 13.79 -35.12 7.10
N GLY C 49 13.85 -35.62 8.35
CA GLY C 49 14.95 -36.42 8.87
C GLY C 49 14.85 -36.68 10.34
N ASN C 50 15.91 -37.29 10.91
CA ASN C 50 15.98 -37.56 12.34
C ASN C 50 17.33 -37.25 12.98
N ILE C 51 17.30 -36.97 14.34
CA ILE C 51 18.49 -36.62 15.11
C ILE C 51 18.55 -37.38 16.46
N TYR C 52 19.75 -37.88 16.87
CA TYR C 52 19.89 -38.57 18.14
C TYR C 52 20.68 -37.75 19.18
N PRO C 53 19.92 -37.19 20.18
CA PRO C 53 20.54 -36.32 21.21
C PRO C 53 21.78 -36.84 21.88
N GLY C 54 21.76 -38.10 22.26
CA GLY C 54 22.88 -38.74 22.95
C GLY C 54 24.03 -39.20 22.10
N SER C 55 24.20 -38.66 20.86
CA SER C 55 25.29 -39.04 19.93
C SER C 55 25.51 -38.02 18.82
N GLY C 56 24.48 -37.22 18.57
CA GLY C 56 24.46 -36.21 17.51
C GLY C 56 24.30 -36.80 16.11
N THR C 57 23.85 -38.12 16.04
CA THR C 57 23.58 -38.96 14.83
C THR C 57 22.45 -38.33 14.02
N VAL C 58 22.66 -38.05 12.72
CA VAL C 58 21.65 -37.41 11.87
C VAL C 58 21.36 -38.24 10.66
N ASN C 59 20.08 -38.31 10.31
CA ASN C 59 19.63 -38.93 9.07
C ASN C 59 18.72 -37.94 8.39
N TYR C 60 18.99 -37.63 7.13
CA TYR C 60 18.18 -36.70 6.35
C TYR C 60 17.52 -37.48 5.22
N ASP C 61 16.31 -37.07 4.82
CA ASP C 61 15.65 -37.61 3.63
C ASP C 61 16.28 -36.79 2.50
N ASP C 62 16.89 -37.46 1.52
CA ASP C 62 17.56 -36.81 0.41
C ASP C 62 16.80 -35.59 -0.16
N LYS C 63 15.45 -35.69 -0.25
CA LYS C 63 14.57 -34.61 -0.72
C LYS C 63 14.83 -33.31 0.00
N PHE C 64 15.31 -33.38 1.27
CA PHE C 64 15.60 -32.20 2.08
C PHE C 64 17.09 -31.94 2.37
N LYS C 65 18.01 -32.72 1.76
CA LYS C 65 19.46 -32.59 1.99
C LYS C 65 20.04 -31.20 1.97
N SER C 66 19.76 -30.44 0.90
CA SER C 66 20.27 -29.07 0.75
C SER C 66 19.51 -27.99 1.52
N LYS C 67 18.31 -28.35 2.03
CA LYS C 67 17.33 -27.48 2.69
C LYS C 67 17.39 -27.41 4.24
N ALA C 68 17.32 -28.58 4.90
CA ALA C 68 17.23 -28.75 6.36
C ALA C 68 18.55 -29.03 7.09
N THR C 69 18.76 -28.34 8.21
CA THR C 69 19.93 -28.55 9.07
C THR C 69 19.38 -28.92 10.43
N LEU C 70 19.65 -30.15 10.89
CA LEU C 70 19.15 -30.56 12.20
C LEU C 70 20.25 -30.48 13.24
N THR C 71 20.13 -29.50 14.17
CA THR C 71 21.03 -29.34 15.31
C THR C 71 20.24 -29.67 16.58
N ILE C 72 20.96 -29.89 17.69
CA ILE C 72 20.46 -30.21 19.02
C ILE C 72 21.24 -29.39 20.07
N ASP C 73 20.51 -28.93 21.11
CA ASP C 73 21.06 -28.27 22.31
C ASP C 73 20.60 -29.12 23.49
N THR C 74 21.47 -30.04 23.95
CA THR C 74 21.11 -30.91 25.06
C THR C 74 21.01 -30.12 26.35
N SER C 75 21.85 -29.06 26.55
CA SER C 75 21.78 -28.22 27.75
C SER C 75 20.42 -27.53 27.92
N SER C 76 19.72 -27.29 26.80
CA SER C 76 18.40 -26.68 26.84
C SER C 76 17.29 -27.66 26.41
N ASN C 77 17.66 -28.97 26.23
CA ASN C 77 16.73 -30.02 25.78
C ASN C 77 15.88 -29.54 24.58
N THR C 78 16.48 -28.70 23.72
CA THR C 78 15.83 -28.16 22.56
C THR C 78 16.49 -28.77 21.33
N ALA C 79 15.65 -29.13 20.34
CA ALA C 79 16.05 -29.65 19.05
C ALA C 79 15.72 -28.52 18.07
N TYR C 80 16.50 -28.41 17.01
CA TYR C 80 16.32 -27.32 16.04
C TYR C 80 16.35 -27.84 14.61
N MET C 81 15.62 -27.12 13.76
CA MET C 81 15.61 -27.29 12.33
C MET C 81 15.73 -25.93 11.70
N GLN C 82 16.72 -25.81 10.81
CA GLN C 82 16.97 -24.62 10.09
C GLN C 82 16.63 -24.97 8.66
N LEU C 83 15.72 -24.20 8.03
CA LEU C 83 15.38 -24.35 6.61
C LEU C 83 15.98 -23.16 5.92
N SER C 84 16.75 -23.38 4.85
CA SER C 84 17.48 -22.34 4.11
C SER C 84 16.92 -21.98 2.74
N SER C 85 17.34 -20.78 2.19
CA SER C 85 16.99 -20.28 0.86
C SER C 85 15.51 -20.59 0.56
N LEU C 86 14.59 -20.07 1.40
CA LEU C 86 13.19 -20.38 1.30
C LEU C 86 12.45 -19.97 0.04
N THR C 87 11.49 -20.82 -0.36
CA THR C 87 10.62 -20.70 -1.52
C THR C 87 9.23 -21.02 -1.01
N SER C 88 8.16 -20.81 -1.85
CA SER C 88 6.77 -21.08 -1.46
C SER C 88 6.47 -22.56 -1.23
N GLU C 89 7.29 -23.46 -1.81
CA GLU C 89 7.23 -24.91 -1.59
C GLU C 89 7.49 -25.22 -0.10
N ASP C 90 8.14 -24.27 0.63
CA ASP C 90 8.49 -24.40 2.05
C ASP C 90 7.39 -23.97 3.06
N SER C 91 6.37 -23.25 2.57
CA SER C 91 5.22 -22.84 3.39
C SER C 91 4.48 -24.15 3.73
N ALA C 92 4.57 -24.59 5.02
CA ALA C 92 3.96 -25.82 5.53
C ALA C 92 3.96 -25.85 7.08
N VAL C 93 3.39 -26.90 7.69
CA VAL C 93 3.42 -27.06 9.13
C VAL C 93 4.49 -28.10 9.43
N TYR C 94 5.49 -27.69 10.23
CA TYR C 94 6.64 -28.49 10.60
C TYR C 94 6.49 -29.06 11.95
N TYR C 95 6.59 -30.40 12.04
CA TYR C 95 6.45 -31.09 13.31
C TYR C 95 7.79 -31.66 13.76
N CYS C 96 7.95 -31.79 15.08
CA CYS C 96 9.06 -32.49 15.68
C CYS C 96 8.34 -33.44 16.58
N THR C 97 8.94 -34.61 16.78
CA THR C 97 8.36 -35.69 17.56
C THR C 97 9.44 -36.55 18.16
N ARG C 98 9.10 -37.19 19.24
CA ARG C 98 9.95 -38.15 19.87
C ARG C 98 9.85 -39.46 19.03
N GLY C 99 10.98 -40.12 18.85
CA GLY C 99 11.08 -41.37 18.14
C GLY C 99 11.95 -42.41 18.81
N GLY C 100 11.49 -43.65 18.74
CA GLY C 100 12.26 -44.77 19.22
C GLY C 100 12.10 -45.90 18.24
N SER C 101 12.22 -47.14 18.73
CA SER C 101 12.05 -48.33 17.90
C SER C 101 10.56 -48.58 17.44
N HIS C 102 9.62 -47.73 17.90
CA HIS C 102 8.20 -47.85 17.55
C HIS C 102 7.80 -46.71 16.60
N ALA C 103 8.70 -45.70 16.52
CA ALA C 103 8.66 -44.47 15.71
C ALA C 103 8.18 -43.32 16.53
N MET C 104 7.41 -42.44 15.92
CA MET C 104 6.83 -41.26 16.53
C MET C 104 5.72 -41.63 17.48
N ASP C 105 5.71 -40.99 18.64
CA ASP C 105 4.68 -41.24 19.64
C ASP C 105 4.07 -39.89 20.09
N TYR C 106 5.00 -39.02 20.52
CA TYR C 106 4.73 -37.70 21.03
C TYR C 106 5.19 -36.66 20.04
N TRP C 107 4.23 -36.01 19.43
CA TRP C 107 4.38 -34.97 18.43
C TRP C 107 4.26 -33.58 19.07
N GLY C 108 5.04 -32.63 18.56
CA GLY C 108 4.99 -31.23 18.99
C GLY C 108 3.77 -30.51 18.41
N GLN C 109 3.56 -29.22 18.75
CA GLN C 109 2.37 -28.60 18.18
C GLN C 109 2.52 -28.08 16.75
N GLY C 110 3.74 -28.08 16.25
CA GLY C 110 4.00 -27.69 14.88
C GLY C 110 4.02 -26.20 14.66
N THR C 111 5.02 -25.75 13.87
CA THR C 111 5.20 -24.36 13.49
C THR C 111 4.65 -24.23 12.09
N SER C 112 3.71 -23.28 11.90
CA SER C 112 3.10 -23.03 10.61
C SER C 112 3.89 -21.92 9.97
N VAL C 113 4.86 -22.32 9.13
CA VAL C 113 5.76 -21.44 8.38
C VAL C 113 5.03 -20.88 7.19
N THR C 114 5.17 -19.58 6.95
CA THR C 114 4.58 -18.90 5.79
C THR C 114 5.65 -18.08 5.08
N VAL C 115 5.91 -18.42 3.80
CA VAL C 115 6.96 -17.80 3.00
C VAL C 115 6.32 -16.77 2.07
N SER C 116 6.60 -15.49 2.35
CA SER C 116 6.06 -14.36 1.62
C SER C 116 6.81 -13.08 1.96
N SER C 117 6.96 -12.21 0.95
CA SER C 117 7.57 -10.88 1.09
C SER C 117 6.51 -9.83 1.50
N ALA C 118 5.22 -10.27 1.60
CA ALA C 118 4.07 -9.48 2.00
C ALA C 118 4.11 -8.94 3.46
N LYS C 119 3.60 -7.71 3.60
CA LYS C 119 3.47 -6.94 4.83
C LYS C 119 2.38 -7.53 5.70
N THR C 120 2.65 -7.69 7.01
CA THR C 120 1.68 -8.15 8.00
C THR C 120 0.62 -7.08 8.17
N THR C 121 -0.63 -7.46 7.93
CA THR C 121 -1.76 -6.55 8.00
C THR C 121 -2.76 -6.96 9.08
N PRO C 122 -3.14 -6.03 10.00
CA PRO C 122 -4.18 -6.37 10.97
C PRO C 122 -5.57 -6.41 10.28
N PRO C 123 -6.50 -7.28 10.74
CA PRO C 123 -7.81 -7.31 10.09
C PRO C 123 -8.82 -6.26 10.53
N SER C 124 -9.83 -6.03 9.66
CA SER C 124 -11.01 -5.20 9.92
C SER C 124 -12.05 -6.18 10.48
N VAL C 125 -12.67 -5.83 11.61
CA VAL C 125 -13.66 -6.69 12.29
C VAL C 125 -15.05 -6.05 12.24
N TYR C 126 -15.95 -6.69 11.48
CA TYR C 126 -17.30 -6.22 11.27
C TYR C 126 -18.32 -7.10 11.93
N PRO C 127 -19.24 -6.53 12.72
CA PRO C 127 -20.26 -7.35 13.35
C PRO C 127 -21.44 -7.69 12.44
N LEU C 128 -21.90 -8.95 12.50
CA LEU C 128 -23.02 -9.47 11.71
C LEU C 128 -24.24 -9.71 12.60
N ALA C 129 -25.11 -8.68 12.66
CA ALA C 129 -26.39 -8.66 13.42
C ALA C 129 -27.52 -8.53 12.38
N PRO C 130 -28.62 -9.33 12.49
CA PRO C 130 -29.67 -9.29 11.44
C PRO C 130 -30.36 -7.94 11.20
N GLY C 131 -30.83 -7.74 9.98
CA GLY C 131 -31.49 -6.49 9.55
C GLY C 131 -32.80 -6.14 10.20
N SER C 138 -36.91 -20.83 19.70
CA SER C 138 -36.36 -19.91 18.73
C SER C 138 -34.93 -19.55 19.13
N SER C 139 -34.04 -19.39 18.12
CA SER C 139 -32.63 -19.06 18.27
C SER C 139 -32.21 -17.96 17.30
N VAL C 140 -31.25 -17.10 17.73
CA VAL C 140 -30.67 -15.97 16.97
C VAL C 140 -29.19 -16.24 16.67
N THR C 141 -28.84 -16.33 15.37
CA THR C 141 -27.47 -16.51 14.91
C THR C 141 -26.83 -15.15 14.67
N LEU C 142 -25.65 -14.96 15.26
CA LEU C 142 -24.87 -13.74 15.13
C LEU C 142 -23.52 -14.08 14.55
N GLY C 143 -22.81 -13.09 14.04
CA GLY C 143 -21.50 -13.33 13.45
C GLY C 143 -20.55 -12.16 13.51
N CYS C 144 -19.30 -12.39 13.09
CA CYS C 144 -18.23 -11.40 13.01
C CYS C 144 -17.43 -11.65 11.74
N LEU C 145 -17.04 -10.56 11.08
CA LEU C 145 -16.32 -10.61 9.80
C LEU C 145 -14.90 -10.02 9.88
N VAL C 146 -13.92 -10.92 9.95
CA VAL C 146 -12.46 -10.70 10.06
C VAL C 146 -11.89 -10.62 8.64
N LYS C 147 -11.83 -9.40 8.09
CA LYS C 147 -11.45 -9.07 6.72
C LYS C 147 -10.07 -8.41 6.52
N GLY C 148 -9.40 -8.82 5.43
CA GLY C 148 -8.12 -8.30 4.96
C GLY C 148 -6.95 -8.32 5.92
N TYR C 149 -6.50 -9.53 6.32
CA TYR C 149 -5.37 -9.70 7.23
C TYR C 149 -4.31 -10.67 6.71
N PHE C 150 -3.04 -10.42 7.04
CA PHE C 150 -1.93 -11.29 6.67
C PHE C 150 -0.90 -11.34 7.79
N PRO C 151 -0.35 -12.53 8.17
CA PRO C 151 -0.62 -13.88 7.65
C PRO C 151 -1.72 -14.58 8.43
N GLU C 152 -1.81 -15.90 8.32
CA GLU C 152 -2.75 -16.64 9.14
C GLU C 152 -2.08 -16.82 10.54
N SER C 153 -2.81 -17.05 11.64
CA SER C 153 -4.25 -17.21 11.72
C SER C 153 -4.83 -16.18 12.67
N VAL C 154 -6.14 -16.21 12.80
CA VAL C 154 -6.87 -15.34 13.71
C VAL C 154 -7.72 -16.23 14.61
N THR C 155 -8.08 -15.76 15.80
CA THR C 155 -8.97 -16.55 16.65
C THR C 155 -10.15 -15.65 16.97
N VAL C 156 -11.39 -16.18 16.84
CA VAL C 156 -12.59 -15.42 17.18
C VAL C 156 -13.17 -16.06 18.42
N THR C 157 -13.19 -15.28 19.51
CA THR C 157 -13.68 -15.66 20.83
C THR C 157 -15.03 -14.97 21.09
N TRP C 158 -16.03 -15.76 21.45
CA TRP C 158 -17.37 -15.26 21.76
C TRP C 158 -17.57 -15.32 23.28
N ASN C 159 -17.91 -14.15 23.89
CA ASN C 159 -18.15 -13.97 25.33
C ASN C 159 -17.07 -14.61 26.20
N SER C 160 -15.79 -14.20 25.97
CA SER C 160 -14.58 -14.68 26.66
C SER C 160 -14.35 -16.22 26.54
N GLY C 161 -15.09 -16.86 25.64
CA GLY C 161 -15.00 -18.31 25.39
C GLY C 161 -16.17 -19.12 25.88
N SER C 162 -17.05 -18.51 26.73
CA SER C 162 -18.24 -19.13 27.34
C SER C 162 -19.17 -19.65 26.26
N LEU C 163 -19.35 -18.87 25.19
CA LEU C 163 -20.17 -19.18 24.03
C LEU C 163 -19.32 -20.01 23.05
N SER C 164 -19.52 -21.32 23.08
CA SER C 164 -18.85 -22.32 22.24
C SER C 164 -19.90 -23.41 22.01
N SER C 165 -19.61 -24.43 21.16
CA SER C 165 -20.55 -25.52 20.82
C SER C 165 -21.89 -25.02 20.21
N SER C 166 -21.90 -23.74 19.77
CA SER C 166 -22.95 -22.96 19.12
C SER C 166 -22.26 -22.11 18.06
N VAL C 167 -20.90 -22.13 18.08
CA VAL C 167 -19.97 -21.39 17.22
C VAL C 167 -19.43 -22.23 16.05
N HIS C 168 -19.49 -21.66 14.84
CA HIS C 168 -18.92 -22.22 13.63
C HIS C 168 -17.85 -21.24 13.23
N THR C 169 -16.64 -21.73 12.98
CA THR C 169 -15.53 -20.89 12.55
C THR C 169 -15.22 -21.32 11.11
N PHE C 170 -15.48 -20.41 10.16
CA PHE C 170 -15.33 -20.65 8.73
C PHE C 170 -13.91 -20.41 8.14
N PRO C 171 -13.40 -21.39 7.34
CA PRO C 171 -12.05 -21.27 6.76
C PRO C 171 -11.74 -19.96 6.03
N ALA C 172 -10.55 -19.41 6.32
CA ALA C 172 -10.07 -18.16 5.71
C ALA C 172 -9.75 -18.30 4.21
N LEU C 173 -10.37 -17.41 3.38
CA LEU C 173 -10.18 -17.39 1.93
C LEU C 173 -9.36 -16.15 1.54
N LEU C 174 -8.70 -16.19 0.36
CA LEU C 174 -7.87 -15.11 -0.12
C LEU C 174 -8.51 -14.16 -1.09
N GLN C 175 -8.38 -12.89 -0.75
CA GLN C 175 -8.83 -11.73 -1.49
C GLN C 175 -7.57 -10.86 -1.70
N SER C 176 -7.04 -10.84 -2.94
CA SER C 176 -5.87 -10.04 -3.33
C SER C 176 -4.69 -10.13 -2.33
N GLY C 177 -4.34 -11.35 -1.97
CA GLY C 177 -3.24 -11.60 -1.03
C GLY C 177 -3.53 -11.46 0.45
N LEU C 178 -4.76 -11.05 0.78
CA LEU C 178 -5.19 -10.87 2.15
C LEU C 178 -6.30 -11.86 2.51
N TYR C 179 -6.32 -12.32 3.77
CA TYR C 179 -7.28 -13.30 4.24
C TYR C 179 -8.55 -12.66 4.75
N THR C 180 -9.64 -13.39 4.57
CA THR C 180 -10.96 -13.04 5.06
C THR C 180 -11.58 -14.30 5.65
N MET C 181 -12.18 -14.15 6.85
CA MET C 181 -12.88 -15.21 7.53
C MET C 181 -14.05 -14.69 8.33
N SER C 182 -15.04 -15.56 8.53
CA SER C 182 -16.25 -15.32 9.27
C SER C 182 -16.36 -16.35 10.40
N SER C 183 -17.03 -15.95 11.48
CA SER C 183 -17.27 -16.80 12.65
C SER C 183 -18.72 -16.60 13.09
N SER C 184 -19.50 -17.70 13.15
CA SER C 184 -20.91 -17.62 13.55
C SER C 184 -21.10 -18.06 15.01
N VAL C 185 -22.20 -17.62 15.64
CA VAL C 185 -22.59 -17.99 17.01
C VAL C 185 -24.10 -18.13 16.99
N THR C 186 -24.66 -19.06 17.77
CA THR C 186 -26.12 -19.24 17.83
C THR C 186 -26.55 -19.22 19.31
N VAL C 187 -27.25 -18.14 19.70
CA VAL C 187 -27.71 -17.97 21.07
C VAL C 187 -29.25 -17.99 21.15
N PRO C 188 -29.87 -18.56 22.22
CA PRO C 188 -31.34 -18.54 22.31
C PRO C 188 -31.88 -17.11 22.26
N SER C 189 -32.82 -16.86 21.32
CA SER C 189 -33.47 -15.56 21.04
C SER C 189 -33.70 -14.61 22.25
N SER C 190 -33.91 -15.18 23.45
CA SER C 190 -34.12 -14.45 24.70
C SER C 190 -32.85 -13.76 25.22
N THR C 191 -31.67 -14.43 25.11
CA THR C 191 -30.37 -13.92 25.57
C THR C 191 -29.77 -12.77 24.76
N TRP C 192 -30.39 -12.39 23.63
CA TRP C 192 -29.92 -11.27 22.82
C TRP C 192 -31.09 -10.43 22.29
N PRO C 193 -31.04 -9.08 22.38
CA PRO C 193 -29.95 -8.22 22.90
C PRO C 193 -29.86 -8.06 24.41
N SER C 194 -30.74 -8.76 25.17
CA SER C 194 -30.85 -8.72 26.65
C SER C 194 -29.52 -8.91 27.39
N GLN C 195 -28.62 -9.76 26.84
CA GLN C 195 -27.29 -10.03 27.39
C GLN C 195 -26.23 -9.60 26.39
N THR C 196 -25.04 -9.24 26.91
CA THR C 196 -23.89 -8.78 26.12
C THR C 196 -23.27 -9.92 25.30
N VAL C 197 -23.23 -9.78 23.96
CA VAL C 197 -22.62 -10.77 23.05
C VAL C 197 -21.48 -10.05 22.32
N THR C 198 -20.23 -10.48 22.59
CA THR C 198 -19.01 -9.87 22.05
C THR C 198 -18.10 -10.90 21.40
N CYS C 199 -17.52 -10.55 20.24
CA CYS C 199 -16.52 -11.36 19.55
C CYS C 199 -15.13 -10.71 19.73
N SER C 200 -14.20 -11.47 20.30
CA SER C 200 -12.82 -11.05 20.58
C SER C 200 -11.87 -11.65 19.56
N VAL C 201 -11.69 -10.93 18.47
CA VAL C 201 -10.80 -11.33 17.37
C VAL C 201 -9.33 -11.02 17.72
N ALA C 202 -8.45 -12.04 17.63
CA ALA C 202 -7.02 -11.93 17.94
C ALA C 202 -6.15 -12.29 16.75
N HIS C 203 -5.16 -11.44 16.46
CA HIS C 203 -4.22 -11.63 15.36
C HIS C 203 -2.81 -11.46 15.91
N PRO C 204 -2.20 -12.59 16.32
CA PRO C 204 -0.86 -12.52 16.95
C PRO C 204 0.24 -11.81 16.17
N ALA C 205 0.26 -11.97 14.84
CA ALA C 205 1.26 -11.36 13.93
C ALA C 205 1.33 -9.84 14.07
N SER C 206 0.15 -9.19 13.97
CA SER C 206 -0.04 -7.75 14.10
C SER C 206 -0.10 -7.30 15.57
N SER C 207 -0.16 -8.28 16.54
CA SER C 207 -0.25 -8.06 17.98
C SER C 207 -1.53 -7.31 18.35
N THR C 208 -2.60 -7.55 17.56
CA THR C 208 -3.93 -6.95 17.75
C THR C 208 -4.91 -7.91 18.40
N THR C 209 -5.99 -7.32 18.89
CA THR C 209 -7.16 -7.91 19.52
C THR C 209 -8.25 -6.87 19.48
N VAL C 210 -9.28 -7.13 18.65
CA VAL C 210 -10.42 -6.24 18.40
C VAL C 210 -11.69 -6.86 18.95
N ASP C 211 -12.30 -6.21 19.95
CA ASP C 211 -13.56 -6.63 20.56
C ASP C 211 -14.71 -5.80 19.97
N LYS C 212 -15.71 -6.49 19.40
CA LYS C 212 -16.87 -5.85 18.81
C LYS C 212 -18.16 -6.25 19.49
N LYS C 213 -18.97 -5.25 19.88
CA LYS C 213 -20.25 -5.53 20.52
C LYS C 213 -21.29 -5.79 19.44
N LEU C 214 -21.99 -6.93 19.55
CA LEU C 214 -23.08 -7.28 18.64
C LEU C 214 -24.34 -6.53 19.11
N GLU C 215 -24.70 -5.43 18.39
CA GLU C 215 -25.85 -4.55 18.70
C GLU C 215 -27.01 -4.73 17.72
N PRO C 216 -28.28 -4.69 18.18
CA PRO C 216 -29.42 -4.94 17.27
C PRO C 216 -29.68 -3.93 16.15
N ARG C 217 -30.72 -4.23 15.30
CA ARG C 217 -31.15 -3.48 14.11
C ARG C 217 -30.04 -3.45 13.04
N ASP D 1 13.09 -46.16 -2.42
CA ASP D 1 12.30 -45.71 -1.28
C ASP D 1 10.96 -46.45 -1.24
N ILE D 2 10.39 -46.63 -0.03
CA ILE D 2 9.13 -47.35 0.15
C ILE D 2 7.98 -46.38 0.06
N VAL D 3 6.92 -46.82 -0.62
CA VAL D 3 5.73 -46.02 -0.87
C VAL D 3 4.56 -46.62 -0.14
N MET D 4 4.02 -45.83 0.79
CA MET D 4 2.85 -46.23 1.57
C MET D 4 1.64 -45.77 0.78
N THR D 5 0.83 -46.74 0.31
CA THR D 5 -0.32 -46.43 -0.55
C THR D 5 -1.64 -46.50 0.18
N GLN D 6 -2.04 -45.35 0.74
CA GLN D 6 -3.33 -45.17 1.41
C GLN D 6 -4.34 -44.78 0.33
N SER D 7 -4.77 -45.81 -0.43
CA SER D 7 -5.67 -45.71 -1.58
C SER D 7 -6.96 -45.00 -1.26
N GLN D 8 -7.53 -45.28 -0.04
CA GLN D 8 -8.75 -44.73 0.51
C GLN D 8 -8.52 -43.24 0.79
N LYS D 9 -9.01 -42.36 -0.07
CA LYS D 9 -8.79 -40.93 0.18
C LYS D 9 -9.84 -40.34 1.10
N PHE D 10 -11.11 -40.81 0.95
CA PHE D 10 -12.28 -40.38 1.72
C PHE D 10 -13.11 -41.59 2.15
N MET D 11 -13.62 -41.58 3.40
CA MET D 11 -14.43 -42.67 3.96
C MET D 11 -15.56 -42.18 4.87
N SER D 12 -16.80 -42.60 4.56
CA SER D 12 -17.96 -42.22 5.35
C SER D 12 -18.50 -43.44 6.10
N THR D 13 -18.75 -43.28 7.42
CA THR D 13 -19.22 -44.33 8.32
C THR D 13 -20.21 -43.77 9.34
N SER D 14 -21.33 -44.46 9.57
CA SER D 14 -22.34 -44.04 10.55
C SER D 14 -21.83 -44.43 11.93
N VAL D 15 -22.17 -43.64 12.98
CA VAL D 15 -21.76 -43.90 14.37
C VAL D 15 -22.15 -45.31 14.81
N GLY D 16 -21.19 -46.05 15.34
CA GLY D 16 -21.39 -47.42 15.81
C GLY D 16 -20.93 -48.49 14.85
N ASP D 17 -20.84 -48.15 13.54
CA ASP D 17 -20.40 -49.08 12.49
C ASP D 17 -18.89 -49.35 12.55
N ARG D 18 -18.39 -50.25 11.68
CA ARG D 18 -16.99 -50.61 11.58
C ARG D 18 -16.42 -50.16 10.24
N VAL D 19 -15.19 -49.63 10.30
CA VAL D 19 -14.42 -49.14 9.15
C VAL D 19 -13.01 -49.74 9.18
N SER D 20 -12.47 -50.11 8.00
CA SER D 20 -11.13 -50.68 7.86
C SER D 20 -10.26 -49.86 6.86
N ILE D 21 -9.43 -48.96 7.40
CA ILE D 21 -8.53 -48.11 6.61
C ILE D 21 -7.27 -48.90 6.22
N THR D 22 -7.14 -49.22 4.91
CA THR D 22 -6.02 -49.95 4.35
C THR D 22 -4.82 -49.04 4.01
N CYS D 23 -3.63 -49.62 3.97
CA CYS D 23 -2.37 -48.95 3.64
C CYS D 23 -1.32 -49.98 3.10
N LYS D 24 -1.06 -49.93 1.78
CA LYS D 24 -0.17 -50.87 1.11
C LYS D 24 1.27 -50.38 1.00
N ALA D 25 2.22 -51.23 1.41
CA ALA D 25 3.66 -50.95 1.34
C ALA D 25 4.23 -51.39 -0.02
N SER D 26 5.16 -50.56 -0.59
CA SER D 26 5.79 -50.83 -1.89
C SER D 26 6.69 -52.06 -1.86
N GLN D 27 7.20 -52.42 -0.66
CA GLN D 27 8.05 -53.60 -0.40
C GLN D 27 7.88 -54.08 1.05
N ASN D 28 8.36 -55.31 1.36
CA ASN D 28 8.28 -55.90 2.70
C ASN D 28 8.91 -55.00 3.77
N VAL D 29 8.03 -54.41 4.60
CA VAL D 29 8.36 -53.52 5.71
C VAL D 29 8.19 -54.24 7.04
N ARG D 30 7.94 -55.55 6.96
CA ARG D 30 7.71 -56.39 8.13
C ARG D 30 6.47 -55.93 8.96
N THR D 31 6.68 -55.34 10.16
CA THR D 31 5.60 -54.86 11.04
C THR D 31 5.87 -53.45 11.49
N SER D 32 6.93 -52.84 10.96
CA SER D 32 7.36 -51.50 11.31
C SER D 32 6.40 -50.50 10.66
N VAL D 33 5.14 -50.49 11.13
CA VAL D 33 4.06 -49.63 10.64
C VAL D 33 3.29 -49.05 11.85
N ALA D 34 3.18 -47.72 11.91
CA ALA D 34 2.43 -47.02 12.95
C ALA D 34 1.20 -46.30 12.36
N TRP D 35 0.16 -46.06 13.17
CA TRP D 35 -1.03 -45.36 12.72
C TRP D 35 -1.20 -44.14 13.53
N TYR D 36 -1.60 -43.05 12.87
CA TYR D 36 -1.80 -41.77 13.54
C TYR D 36 -3.14 -41.19 13.24
N GLN D 37 -3.72 -40.50 14.20
CA GLN D 37 -5.00 -39.84 14.05
C GLN D 37 -4.73 -38.33 14.09
N GLN D 38 -5.16 -37.60 13.08
CA GLN D 38 -5.03 -36.14 13.05
C GLN D 38 -6.41 -35.51 12.86
N LYS D 39 -7.02 -35.08 13.98
CA LYS D 39 -8.31 -34.38 14.03
C LYS D 39 -8.12 -32.93 13.51
N PRO D 40 -9.15 -32.31 12.86
CA PRO D 40 -8.95 -30.97 12.25
C PRO D 40 -8.31 -29.97 13.20
N GLY D 41 -7.30 -29.27 12.70
CA GLY D 41 -6.53 -28.27 13.45
C GLY D 41 -5.86 -28.76 14.72
N GLN D 42 -5.30 -29.97 14.67
CA GLN D 42 -4.64 -30.62 15.80
C GLN D 42 -3.37 -31.41 15.36
N SER D 43 -2.47 -31.73 16.33
CA SER D 43 -1.28 -32.53 16.11
C SER D 43 -1.67 -33.99 15.93
N PRO D 44 -0.91 -34.80 15.15
CA PRO D 44 -1.28 -36.24 15.04
C PRO D 44 -1.06 -36.94 16.37
N LYS D 45 -1.94 -37.89 16.68
CA LYS D 45 -1.90 -38.67 17.91
C LYS D 45 -1.57 -40.08 17.53
N ALA D 46 -0.57 -40.65 18.23
CA ALA D 46 -0.14 -42.05 18.00
C ALA D 46 -1.24 -43.07 18.44
N LEU D 47 -1.71 -43.91 17.52
CA LEU D 47 -2.76 -44.89 17.84
C LEU D 47 -2.22 -46.31 17.93
N ILE D 48 -1.57 -46.79 16.89
CA ILE D 48 -1.04 -48.16 16.83
C ILE D 48 0.44 -48.11 16.54
N TYR D 49 1.25 -48.85 17.31
CA TYR D 49 2.68 -48.98 17.04
C TYR D 49 2.94 -50.42 16.61
N LEU D 50 4.02 -50.63 15.82
CA LEU D 50 4.41 -51.94 15.32
C LEU D 50 3.24 -52.79 14.83
N ALA D 51 2.52 -52.29 13.79
CA ALA D 51 1.38 -52.86 13.07
C ALA D 51 0.12 -53.22 13.85
N SER D 52 0.27 -53.93 14.98
CA SER D 52 -0.82 -54.49 15.81
C SER D 52 -0.97 -54.01 17.27
N ASN D 53 0.04 -53.31 17.81
CA ASN D 53 0.03 -52.87 19.21
C ASN D 53 -0.55 -51.50 19.41
N ARG D 54 -1.60 -51.43 20.20
CA ARG D 54 -2.32 -50.23 20.59
C ARG D 54 -1.44 -49.46 21.58
N HIS D 55 -1.46 -48.12 21.52
CA HIS D 55 -0.69 -47.28 22.46
C HIS D 55 -1.48 -47.10 23.77
N THR D 56 -0.82 -46.47 24.76
CA THR D 56 -1.43 -46.16 26.05
C THR D 56 -2.46 -45.05 25.85
N GLY D 57 -3.66 -45.27 26.37
CA GLY D 57 -4.73 -44.30 26.28
C GLY D 57 -5.31 -44.19 24.89
N VAL D 58 -5.58 -45.36 24.29
CA VAL D 58 -6.19 -45.48 22.97
C VAL D 58 -7.32 -46.47 23.14
N PRO D 59 -8.60 -46.06 22.87
CA PRO D 59 -9.73 -47.00 23.00
C PRO D 59 -9.54 -48.33 22.27
N ASP D 60 -10.11 -49.41 22.81
CA ASP D 60 -10.02 -50.75 22.22
C ASP D 60 -10.88 -50.93 20.94
N ARG D 61 -11.44 -49.81 20.43
CA ARG D 61 -12.19 -49.72 19.18
C ARG D 61 -11.17 -49.72 18.06
N PHE D 62 -9.96 -49.17 18.34
CA PHE D 62 -8.83 -49.05 17.42
C PHE D 62 -8.04 -50.34 17.40
N THR D 63 -7.80 -50.89 16.20
CA THR D 63 -7.11 -52.16 15.99
C THR D 63 -6.19 -52.15 14.77
N GLY D 64 -4.99 -52.66 14.96
CA GLY D 64 -4.01 -52.76 13.89
C GLY D 64 -3.76 -54.21 13.49
N SER D 65 -3.63 -54.44 12.19
CA SER D 65 -3.35 -55.78 11.67
C SER D 65 -2.50 -55.72 10.41
N GLY D 66 -1.81 -56.80 10.15
CA GLY D 66 -1.01 -56.91 8.94
C GLY D 66 0.47 -57.00 9.17
N SER D 67 1.12 -57.59 8.17
CA SER D 67 2.56 -57.80 8.08
C SER D 67 2.98 -57.86 6.60
N GLY D 68 4.22 -57.43 6.34
CA GLY D 68 4.79 -57.44 4.99
C GLY D 68 4.46 -56.25 4.13
N THR D 69 3.28 -56.28 3.46
CA THR D 69 2.81 -55.22 2.54
C THR D 69 1.36 -54.73 2.77
N ASP D 70 0.48 -55.58 3.32
CA ASP D 70 -0.91 -55.22 3.55
C ASP D 70 -1.20 -54.94 5.03
N PHE D 71 -1.46 -53.66 5.38
CA PHE D 71 -1.73 -53.18 6.76
C PHE D 71 -3.06 -52.49 6.84
N THR D 72 -3.76 -52.70 7.96
CA THR D 72 -5.10 -52.14 8.13
C THR D 72 -5.32 -51.58 9.53
N LEU D 73 -6.01 -50.43 9.59
CA LEU D 73 -6.44 -49.81 10.84
C LEU D 73 -7.94 -50.01 10.89
N THR D 74 -8.43 -50.58 11.98
CA THR D 74 -9.85 -50.87 12.13
C THR D 74 -10.45 -50.12 13.30
N ILE D 75 -11.49 -49.32 13.02
CA ILE D 75 -12.20 -48.58 14.07
C ILE D 75 -13.60 -49.18 14.17
N SER D 76 -13.81 -50.03 15.18
CA SER D 76 -15.11 -50.61 15.46
C SER D 76 -15.82 -49.62 16.38
N ASN D 77 -17.17 -49.60 16.37
CA ASN D 77 -17.97 -48.66 17.16
C ASN D 77 -17.51 -47.21 16.86
N VAL D 78 -17.73 -46.77 15.60
CA VAL D 78 -17.33 -45.42 15.18
C VAL D 78 -18.07 -44.37 15.99
N GLN D 79 -17.32 -43.37 16.41
CA GLN D 79 -17.81 -42.29 17.23
C GLN D 79 -17.79 -40.99 16.44
N SER D 80 -18.58 -40.00 16.89
CA SER D 80 -18.63 -38.70 16.22
C SER D 80 -17.26 -37.96 16.31
N GLU D 81 -16.49 -38.20 17.39
CA GLU D 81 -15.16 -37.61 17.61
C GLU D 81 -14.07 -38.21 16.70
N ASP D 82 -14.28 -39.46 16.21
CA ASP D 82 -13.35 -40.17 15.33
C ASP D 82 -13.07 -39.47 13.99
N LEU D 83 -13.83 -38.40 13.73
CA LEU D 83 -13.78 -37.47 12.60
C LEU D 83 -12.33 -36.90 12.50
N ALA D 84 -11.45 -37.64 11.81
CA ALA D 84 -10.06 -37.21 11.66
C ALA D 84 -9.41 -37.68 10.36
N ASP D 85 -8.08 -37.50 10.26
CA ASP D 85 -7.29 -37.94 9.13
C ASP D 85 -6.47 -39.06 9.69
N TYR D 86 -6.46 -40.19 9.01
CA TYR D 86 -5.73 -41.36 9.49
C TYR D 86 -4.60 -41.69 8.59
N PHE D 87 -3.44 -41.96 9.16
CA PHE D 87 -2.28 -42.28 8.36
C PHE D 87 -1.31 -43.30 8.95
N CYS D 88 -0.76 -44.10 8.05
CA CYS D 88 0.22 -45.12 8.28
C CYS D 88 1.60 -44.55 7.98
N LEU D 89 2.62 -45.14 8.61
CA LEU D 89 3.99 -44.74 8.40
C LEU D 89 4.89 -45.95 8.54
N GLN D 90 5.82 -46.13 7.58
CA GLN D 90 6.82 -47.19 7.67
C GLN D 90 8.08 -46.63 8.32
N HIS D 91 8.70 -47.46 9.14
CA HIS D 91 9.94 -47.14 9.81
C HIS D 91 10.79 -48.38 9.76
N TRP D 92 10.64 -49.07 8.60
CA TRP D 92 11.39 -50.27 8.30
C TRP D 92 12.82 -49.85 7.93
N THR D 93 12.94 -48.83 7.03
CA THR D 93 14.22 -48.25 6.60
C THR D 93 14.04 -46.76 6.34
N TYR D 94 15.16 -46.01 6.39
CA TYR D 94 15.18 -44.60 6.05
C TYR D 94 15.09 -44.46 4.50
N PRO D 95 14.36 -43.47 3.96
CA PRO D 95 13.55 -42.46 4.67
C PRO D 95 12.19 -43.00 5.03
N TYR D 96 11.71 -42.59 6.23
CA TYR D 96 10.42 -42.96 6.80
C TYR D 96 9.34 -42.35 5.91
N THR D 97 8.41 -43.18 5.42
CA THR D 97 7.40 -42.66 4.51
C THR D 97 6.00 -42.87 5.01
N PHE D 98 5.15 -41.84 4.84
CA PHE D 98 3.75 -41.76 5.29
C PHE D 98 2.71 -42.09 4.24
N GLY D 99 1.58 -42.61 4.71
CA GLY D 99 0.43 -42.88 3.87
C GLY D 99 -0.20 -41.57 3.39
N GLY D 100 -0.88 -41.65 2.25
CA GLY D 100 -1.55 -40.50 1.65
C GLY D 100 -2.54 -39.83 2.57
N GLY D 101 -2.99 -40.56 3.59
CA GLY D 101 -3.97 -40.08 4.54
C GLY D 101 -5.32 -40.62 4.14
N THR D 102 -6.30 -40.57 5.06
CA THR D 102 -7.68 -41.00 4.81
C THR D 102 -8.60 -40.12 5.65
N LYS D 103 -9.29 -39.16 4.98
CA LYS D 103 -10.23 -38.28 5.67
C LYS D 103 -11.49 -39.08 5.94
N LEU D 104 -11.76 -39.32 7.22
CA LEU D 104 -12.93 -40.06 7.65
C LEU D 104 -14.07 -39.10 7.90
N GLU D 105 -15.18 -39.30 7.17
CA GLU D 105 -16.42 -38.51 7.31
C GLU D 105 -17.33 -39.38 8.15
N ILE D 106 -18.23 -38.75 8.95
CA ILE D 106 -19.18 -39.48 9.81
C ILE D 106 -20.60 -39.36 9.21
N LYS D 107 -21.19 -40.46 8.74
CA LYS D 107 -22.54 -40.48 8.17
C LYS D 107 -23.59 -40.26 9.24
N ARG D 108 -24.65 -39.51 8.84
CA ARG D 108 -25.78 -39.17 9.70
C ARG D 108 -27.07 -38.95 8.88
N ALA D 109 -28.21 -38.80 9.57
CA ALA D 109 -29.52 -38.55 8.97
C ALA D 109 -29.53 -37.15 8.38
N ASP D 110 -30.03 -36.99 7.14
CA ASP D 110 -30.07 -35.68 6.46
C ASP D 110 -30.60 -34.57 7.38
N ALA D 111 -29.85 -33.46 7.45
CA ALA D 111 -30.20 -32.29 8.26
C ALA D 111 -30.29 -31.08 7.34
N ALA D 112 -31.40 -30.33 7.41
CA ALA D 112 -31.60 -29.14 6.58
C ALA D 112 -30.76 -27.95 7.12
N PRO D 113 -30.26 -27.07 6.23
CA PRO D 113 -29.46 -25.93 6.72
C PRO D 113 -30.27 -24.90 7.50
N THR D 114 -29.61 -24.15 8.40
CA THR D 114 -30.25 -23.07 9.15
C THR D 114 -29.70 -21.75 8.59
N VAL D 115 -30.43 -21.22 7.61
CA VAL D 115 -30.10 -20.02 6.83
C VAL D 115 -30.37 -18.70 7.57
N SER D 116 -29.37 -17.79 7.57
CA SER D 116 -29.43 -16.47 8.20
C SER D 116 -28.74 -15.43 7.29
N ILE D 117 -29.48 -14.39 6.87
CA ILE D 117 -28.93 -13.31 6.01
C ILE D 117 -28.53 -12.09 6.88
N PHE D 118 -27.40 -11.42 6.53
CA PHE D 118 -26.91 -10.28 7.30
C PHE D 118 -26.52 -9.10 6.44
N PRO D 119 -27.09 -7.91 6.70
CA PRO D 119 -26.69 -6.74 5.90
C PRO D 119 -25.34 -6.21 6.38
N PRO D 120 -24.65 -5.44 5.51
CA PRO D 120 -23.35 -4.85 5.90
C PRO D 120 -23.46 -3.92 7.09
N SER D 121 -22.48 -4.02 8.00
CA SER D 121 -22.36 -3.20 9.19
C SER D 121 -22.09 -1.75 8.79
N SER D 122 -22.65 -0.80 9.56
CA SER D 122 -22.46 0.64 9.39
C SER D 122 -20.97 1.02 9.43
N GLU D 123 -20.13 0.18 10.10
CA GLU D 123 -18.69 0.34 10.20
C GLU D 123 -18.05 0.10 8.84
N GLN D 124 -18.48 -0.98 8.13
CA GLN D 124 -17.98 -1.32 6.78
C GLN D 124 -18.43 -0.29 5.76
N LEU D 125 -19.69 0.20 5.88
CA LEU D 125 -20.25 1.19 4.97
C LEU D 125 -19.48 2.52 5.03
N THR D 126 -18.87 2.83 6.20
CA THR D 126 -18.06 4.04 6.38
C THR D 126 -16.67 3.92 5.71
N SER D 127 -16.18 2.68 5.50
CA SER D 127 -14.89 2.38 4.85
C SER D 127 -14.99 2.27 3.31
N GLY D 128 -16.21 2.34 2.78
CA GLY D 128 -16.48 2.30 1.34
C GLY D 128 -16.82 0.95 0.74
N GLY D 129 -16.82 -0.09 1.56
CA GLY D 129 -17.15 -1.46 1.15
C GLY D 129 -18.47 -1.96 1.70
N ALA D 130 -18.95 -3.10 1.17
CA ALA D 130 -20.22 -3.71 1.61
C ALA D 130 -20.24 -5.23 1.39
N SER D 131 -20.19 -5.99 2.49
CA SER D 131 -20.24 -7.44 2.40
C SER D 131 -21.54 -7.92 2.97
N VAL D 132 -22.27 -8.74 2.19
CA VAL D 132 -23.57 -9.31 2.58
C VAL D 132 -23.32 -10.79 2.82
N VAL D 133 -23.33 -11.20 4.12
CA VAL D 133 -23.05 -12.55 4.60
C VAL D 133 -24.31 -13.42 4.76
N CYS D 134 -24.18 -14.71 4.48
CA CYS D 134 -25.21 -15.73 4.63
C CYS D 134 -24.64 -16.92 5.33
N PHE D 135 -25.26 -17.32 6.41
CA PHE D 135 -24.84 -18.50 7.12
C PHE D 135 -25.85 -19.62 6.87
N LEU D 136 -25.36 -20.72 6.28
CA LEU D 136 -26.12 -21.95 5.98
C LEU D 136 -25.59 -22.96 7.00
N ASN D 137 -26.19 -22.98 8.19
CA ASN D 137 -25.70 -23.77 9.31
C ASN D 137 -26.36 -25.09 9.61
N ASN D 138 -25.51 -26.07 9.99
CA ASN D 138 -25.82 -27.43 10.44
C ASN D 138 -26.68 -28.26 9.48
N PHE D 139 -26.03 -28.80 8.45
CA PHE D 139 -26.69 -29.59 7.42
C PHE D 139 -25.95 -30.85 7.02
N TYR D 140 -26.67 -31.81 6.45
CA TYR D 140 -26.09 -33.05 5.92
C TYR D 140 -26.89 -33.53 4.71
N PRO D 141 -26.26 -33.86 3.54
CA PRO D 141 -24.80 -33.91 3.24
C PRO D 141 -24.08 -32.56 3.07
N LYS D 142 -22.75 -32.59 2.85
CA LYS D 142 -21.95 -31.38 2.63
C LYS D 142 -22.35 -30.66 1.31
N ASP D 143 -22.89 -31.41 0.33
CA ASP D 143 -23.34 -30.86 -0.95
C ASP D 143 -24.56 -29.91 -0.79
N ILE D 144 -24.36 -28.64 -1.17
CA ILE D 144 -25.36 -27.56 -1.09
C ILE D 144 -25.11 -26.49 -2.18
N ASN D 145 -26.17 -25.78 -2.61
CA ASN D 145 -26.11 -24.68 -3.58
C ASN D 145 -26.55 -23.39 -2.89
N VAL D 146 -25.78 -22.34 -3.08
CA VAL D 146 -26.13 -21.04 -2.53
C VAL D 146 -26.23 -20.03 -3.70
N LYS D 147 -27.38 -19.36 -3.82
CA LYS D 147 -27.64 -18.40 -4.90
C LYS D 147 -27.94 -17.04 -4.32
N TRP D 148 -27.37 -15.99 -4.93
CA TRP D 148 -27.63 -14.61 -4.51
C TRP D 148 -28.51 -13.93 -5.55
N LYS D 149 -29.41 -13.05 -5.07
CA LYS D 149 -30.30 -12.29 -5.95
C LYS D 149 -30.33 -10.81 -5.55
N ILE D 150 -30.02 -9.92 -6.50
CA ILE D 150 -30.05 -8.46 -6.29
C ILE D 150 -31.18 -7.90 -7.10
N ASP D 151 -32.26 -7.47 -6.44
CA ASP D 151 -33.49 -6.95 -7.05
C ASP D 151 -34.04 -7.92 -8.11
N GLY D 152 -34.18 -9.18 -7.71
CA GLY D 152 -34.69 -10.25 -8.56
C GLY D 152 -33.66 -10.94 -9.44
N SER D 153 -32.68 -10.18 -9.96
CA SER D 153 -31.61 -10.67 -10.84
C SER D 153 -30.47 -11.37 -10.09
N GLU D 154 -30.10 -12.58 -10.57
CA GLU D 154 -29.03 -13.42 -10.03
C GLU D 154 -27.70 -12.72 -10.09
N ARG D 155 -26.84 -13.02 -9.12
CA ARG D 155 -25.48 -12.51 -9.02
C ARG D 155 -24.55 -13.65 -8.61
N GLN D 156 -23.38 -13.73 -9.25
CA GLN D 156 -22.34 -14.71 -8.94
C GLN D 156 -20.97 -14.02 -8.76
N ASN D 157 -20.82 -12.80 -9.33
CA ASN D 157 -19.61 -11.99 -9.22
C ASN D 157 -19.50 -11.42 -7.80
N GLY D 158 -18.36 -11.63 -7.16
CA GLY D 158 -18.15 -11.12 -5.81
C GLY D 158 -18.49 -12.11 -4.70
N VAL D 159 -19.10 -13.26 -5.06
CA VAL D 159 -19.47 -14.32 -4.11
C VAL D 159 -18.31 -15.25 -3.73
N LEU D 160 -18.10 -15.40 -2.41
CA LEU D 160 -17.10 -16.26 -1.80
C LEU D 160 -17.79 -17.25 -0.85
N ASN D 161 -17.59 -18.55 -1.06
CA ASN D 161 -18.15 -19.60 -0.23
C ASN D 161 -17.08 -20.40 0.55
N SER D 162 -17.34 -20.64 1.85
CA SER D 162 -16.43 -21.38 2.71
C SER D 162 -17.16 -22.42 3.52
N TRP D 163 -16.72 -23.67 3.37
CA TRP D 163 -17.29 -24.79 4.14
C TRP D 163 -16.41 -25.06 5.33
N THR D 164 -17.04 -25.35 6.48
CA THR D 164 -16.38 -25.74 7.72
C THR D 164 -16.09 -27.25 7.64
N ASP D 165 -15.16 -27.75 8.46
CA ASP D 165 -14.91 -29.19 8.57
C ASP D 165 -16.19 -29.79 9.27
N GLN D 166 -16.47 -31.08 9.08
CA GLN D 166 -17.63 -31.73 9.70
C GLN D 166 -17.60 -31.55 11.22
N ASP D 167 -18.76 -31.33 11.87
CA ASP D 167 -18.87 -31.12 13.31
C ASP D 167 -18.54 -32.36 14.12
N SER D 168 -17.69 -32.17 15.14
CA SER D 168 -17.22 -33.22 16.06
C SER D 168 -18.33 -33.82 16.89
N LYS D 169 -19.38 -33.03 17.18
CA LYS D 169 -20.51 -33.46 18.01
C LYS D 169 -21.71 -33.95 17.18
N ASP D 170 -22.32 -33.06 16.38
CA ASP D 170 -23.52 -33.41 15.62
C ASP D 170 -23.33 -33.99 14.22
N SER D 171 -22.08 -34.10 13.75
CA SER D 171 -21.73 -34.60 12.41
C SER D 171 -22.29 -33.81 11.20
N THR D 172 -22.72 -32.56 11.41
CA THR D 172 -23.20 -31.69 10.32
C THR D 172 -22.11 -30.76 9.79
N TYR D 173 -22.42 -30.08 8.67
CA TYR D 173 -21.55 -29.13 8.00
C TYR D 173 -22.20 -27.76 8.07
N SER D 174 -21.39 -26.73 7.93
CA SER D 174 -21.83 -25.36 7.93
C SER D 174 -21.09 -24.61 6.83
N MET D 175 -21.75 -23.60 6.27
CA MET D 175 -21.19 -22.86 5.15
C MET D 175 -21.57 -21.39 5.21
N SER D 176 -20.57 -20.54 4.96
CA SER D 176 -20.72 -19.08 4.92
C SER D 176 -20.57 -18.66 3.46
N SER D 177 -21.52 -17.83 2.99
CA SER D 177 -21.54 -17.30 1.62
C SER D 177 -21.49 -15.79 1.70
N THR D 178 -20.43 -15.18 1.16
CA THR D 178 -20.25 -13.73 1.22
C THR D 178 -20.19 -12.99 -0.11
N LEU D 179 -21.25 -12.23 -0.40
CA LEU D 179 -21.29 -11.35 -1.56
C LEU D 179 -20.63 -10.00 -1.15
N THR D 180 -19.46 -9.71 -1.74
CA THR D 180 -18.72 -8.48 -1.52
C THR D 180 -19.00 -7.59 -2.72
N LEU D 181 -19.54 -6.40 -2.47
CA LEU D 181 -19.82 -5.36 -3.48
C LEU D 181 -19.47 -3.97 -2.92
N THR D 182 -19.30 -2.96 -3.79
CA THR D 182 -18.96 -1.60 -3.36
C THR D 182 -20.12 -0.95 -2.59
N LYS D 183 -19.81 0.08 -1.77
CA LYS D 183 -20.80 0.85 -1.00
C LYS D 183 -21.79 1.41 -2.01
N ASP D 184 -21.26 1.97 -3.11
CA ASP D 184 -21.96 2.61 -4.22
C ASP D 184 -22.95 1.62 -4.89
N GLU D 185 -22.47 0.40 -5.23
CA GLU D 185 -23.28 -0.65 -5.87
C GLU D 185 -24.40 -1.07 -4.94
N TYR D 186 -24.07 -1.29 -3.66
CA TYR D 186 -25.01 -1.68 -2.62
C TYR D 186 -26.12 -0.63 -2.51
N GLU D 187 -25.72 0.66 -2.42
CA GLU D 187 -26.63 1.79 -2.32
C GLU D 187 -27.44 2.07 -3.59
N ARG D 188 -27.24 1.25 -4.64
CA ARG D 188 -27.97 1.34 -5.91
C ARG D 188 -28.96 0.18 -6.08
N HIS D 189 -29.18 -0.61 -5.00
CA HIS D 189 -30.10 -1.76 -4.99
C HIS D 189 -30.83 -1.90 -3.66
N ASN D 190 -32.06 -2.45 -3.71
CA ASN D 190 -32.91 -2.58 -2.52
C ASN D 190 -33.05 -3.97 -1.93
N SER D 191 -33.58 -4.94 -2.72
CA SER D 191 -33.83 -6.32 -2.27
C SER D 191 -32.68 -7.32 -2.49
N TYR D 192 -32.04 -7.75 -1.37
CA TYR D 192 -30.96 -8.74 -1.34
C TYR D 192 -31.52 -10.07 -0.86
N THR D 193 -31.36 -11.10 -1.68
CA THR D 193 -31.90 -12.45 -1.47
C THR D 193 -30.78 -13.48 -1.54
N CYS D 194 -30.96 -14.59 -0.82
CA CYS D 194 -30.05 -15.73 -0.79
C CYS D 194 -30.85 -17.05 -0.75
N GLU D 195 -30.73 -17.85 -1.82
CA GLU D 195 -31.45 -19.12 -2.01
C GLU D 195 -30.61 -20.40 -1.81
N ALA D 196 -30.78 -21.02 -0.66
CA ALA D 196 -30.07 -22.25 -0.33
C ALA D 196 -30.78 -23.45 -0.95
N THR D 197 -30.07 -24.23 -1.78
CA THR D 197 -30.64 -25.42 -2.40
C THR D 197 -29.90 -26.66 -1.88
N HIS D 198 -30.65 -27.51 -1.17
CA HIS D 198 -30.16 -28.72 -0.53
C HIS D 198 -31.17 -29.82 -0.78
N LYS D 199 -30.73 -31.10 -0.79
CA LYS D 199 -31.57 -32.26 -1.03
C LYS D 199 -32.70 -32.45 -0.01
N THR D 200 -32.57 -31.85 1.20
CA THR D 200 -33.56 -31.89 2.29
C THR D 200 -34.95 -31.29 1.90
N SER D 201 -35.02 -30.47 0.83
CA SER D 201 -36.27 -29.86 0.35
C SER D 201 -36.29 -29.65 -1.15
N THR D 202 -37.49 -29.70 -1.75
CA THR D 202 -37.72 -29.45 -3.18
C THR D 202 -37.71 -27.93 -3.39
N SER D 203 -38.23 -27.20 -2.38
CA SER D 203 -38.30 -25.75 -2.35
C SER D 203 -37.03 -25.23 -1.67
N PRO D 204 -36.24 -24.37 -2.38
CA PRO D 204 -35.05 -23.80 -1.75
C PRO D 204 -35.43 -22.85 -0.63
N ILE D 205 -34.68 -22.91 0.49
CA ILE D 205 -34.91 -22.03 1.62
C ILE D 205 -34.37 -20.65 1.27
N VAL D 206 -35.26 -19.64 1.30
CA VAL D 206 -34.97 -18.26 0.90
C VAL D 206 -35.05 -17.28 2.06
N LYS D 207 -33.89 -16.68 2.41
CA LYS D 207 -33.76 -15.63 3.43
C LYS D 207 -33.35 -14.31 2.75
N SER D 208 -34.14 -13.24 2.96
CA SER D 208 -33.93 -11.93 2.31
C SER D 208 -34.11 -10.69 3.20
N PHE D 209 -33.86 -9.49 2.62
CA PHE D 209 -34.03 -8.18 3.24
C PHE D 209 -34.03 -7.02 2.21
N ASN D 210 -34.64 -5.86 2.59
CA ASN D 210 -34.71 -4.63 1.79
C ASN D 210 -34.07 -3.48 2.58
N ARG D 211 -33.19 -2.69 1.94
CA ARG D 211 -32.48 -1.52 2.53
C ARG D 211 -33.39 -0.45 3.21
N ASN D 212 -34.72 -0.58 3.07
CA ASN D 212 -35.72 0.32 3.67
C ASN D 212 -36.42 -0.32 4.89
N ASP E 1 -15.58 15.95 43.58
CA ASP E 1 -14.40 15.93 42.72
C ASP E 1 -14.80 16.03 41.23
N VAL E 2 -14.81 17.30 40.69
CA VAL E 2 -15.19 17.62 39.32
C VAL E 2 -14.33 16.88 38.33
N GLN E 3 -14.98 16.25 37.35
CA GLN E 3 -14.36 15.45 36.28
C GLN E 3 -15.08 15.62 34.95
N LEU E 4 -14.33 15.97 33.92
CA LEU E 4 -14.92 16.12 32.58
C LEU E 4 -14.20 15.09 31.73
N VAL E 5 -14.77 13.89 31.65
CA VAL E 5 -14.21 12.79 30.89
C VAL E 5 -14.46 13.07 29.39
N GLU E 6 -13.38 13.32 28.60
CA GLU E 6 -13.39 13.64 27.15
C GLU E 6 -12.63 12.55 26.41
N PRO E 7 -13.17 11.93 25.32
CA PRO E 7 -12.40 10.86 24.65
C PRO E 7 -11.07 11.40 24.16
N GLY E 8 -10.02 10.60 24.33
CA GLY E 8 -8.65 10.99 24.05
C GLY E 8 -8.32 11.56 22.70
N ALA E 9 -8.78 10.86 21.65
CA ALA E 9 -8.51 11.24 20.26
C ALA E 9 -9.58 10.67 19.32
N GLU E 10 -9.79 11.37 18.19
CA GLU E 10 -10.76 11.00 17.17
C GLU E 10 -10.19 11.17 15.74
N LEU E 11 -10.22 10.11 14.90
CA LEU E 11 -9.75 10.15 13.51
C LEU E 11 -10.94 10.34 12.56
N VAL E 12 -10.92 11.46 11.86
CA VAL E 12 -12.00 11.80 10.94
C VAL E 12 -11.55 12.01 9.53
N GLN E 13 -12.44 11.67 8.60
CA GLN E 13 -12.20 11.79 7.17
C GLN E 13 -12.48 13.24 6.74
N PRO E 14 -11.72 13.77 5.76
CA PRO E 14 -12.02 15.12 5.25
C PRO E 14 -13.43 15.21 4.64
N GLY E 15 -14.16 16.28 4.94
CA GLY E 15 -15.53 16.44 4.49
C GLY E 15 -16.55 15.77 5.40
N ALA E 16 -16.13 14.82 6.20
CA ALA E 16 -17.04 14.13 7.12
C ALA E 16 -17.28 15.00 8.37
N SER E 17 -18.13 14.53 9.29
CA SER E 17 -18.40 15.23 10.55
C SER E 17 -18.10 14.33 11.75
N VAL E 18 -17.78 14.97 12.88
CA VAL E 18 -17.43 14.32 14.14
C VAL E 18 -18.36 14.85 15.24
N LYS E 19 -18.67 13.99 16.23
CA LYS E 19 -19.43 14.32 17.42
C LYS E 19 -18.54 13.87 18.56
N MET E 20 -18.18 14.84 19.40
CA MET E 20 -17.39 14.54 20.58
C MET E 20 -18.20 14.82 21.85
N SER E 21 -17.89 14.07 22.94
CA SER E 21 -18.59 14.10 24.21
C SER E 21 -17.71 14.65 25.31
N CYS E 22 -18.36 15.14 26.36
CA CYS E 22 -17.70 15.65 27.52
C CYS E 22 -18.59 15.22 28.71
N LYS E 23 -18.17 14.15 29.44
CA LYS E 23 -18.93 13.59 30.55
C LYS E 23 -18.54 14.21 31.87
N ALA E 24 -19.38 15.14 32.31
CA ALA E 24 -19.27 15.90 33.53
C ALA E 24 -19.71 15.04 34.69
N SER E 25 -19.18 15.30 35.89
CA SER E 25 -19.47 14.56 37.13
C SER E 25 -18.82 15.30 38.31
N GLY E 26 -19.29 15.04 39.51
CA GLY E 26 -18.71 15.65 40.69
C GLY E 26 -19.22 17.02 41.07
N TYR E 27 -20.21 17.56 40.30
CA TYR E 27 -20.85 18.85 40.58
C TYR E 27 -22.29 18.89 40.02
N THR E 28 -23.15 19.84 40.54
CA THR E 28 -24.54 20.03 40.08
C THR E 28 -24.51 20.55 38.63
N PHE E 29 -24.47 19.59 37.65
CA PHE E 29 -24.32 19.88 36.20
C PHE E 29 -25.27 20.93 35.63
N SER E 30 -26.58 20.79 35.95
CA SER E 30 -27.65 21.66 35.49
C SER E 30 -27.58 23.12 36.04
N SER E 31 -26.51 23.44 36.81
CA SER E 31 -26.34 24.77 37.41
C SER E 31 -25.04 25.52 37.00
N TYR E 32 -24.37 25.02 35.95
CA TYR E 32 -23.11 25.57 35.43
C TYR E 32 -23.08 25.63 33.89
N TRP E 33 -22.38 26.61 33.32
CA TRP E 33 -22.24 26.64 31.87
C TRP E 33 -21.15 25.65 31.44
N ILE E 34 -21.18 25.19 30.16
CA ILE E 34 -20.11 24.37 29.57
C ILE E 34 -19.49 25.22 28.45
N ASN E 35 -18.15 25.18 28.38
CA ASN E 35 -17.42 25.95 27.38
C ASN E 35 -16.72 24.98 26.47
N TRP E 36 -16.35 25.42 25.27
CA TRP E 36 -15.61 24.55 24.36
C TRP E 36 -14.48 25.37 23.78
N GLU E 37 -13.22 24.86 23.77
CA GLU E 37 -12.07 25.60 23.24
C GLU E 37 -11.32 24.80 22.18
N LYS E 38 -10.58 25.47 21.32
CA LYS E 38 -9.80 24.81 20.29
C LYS E 38 -8.33 25.19 20.49
N GLN E 39 -7.44 24.20 20.29
CA GLN E 39 -5.99 24.38 20.41
C GLN E 39 -5.20 23.67 19.29
N ARG E 40 -4.78 24.45 18.31
CA ARG E 40 -3.98 23.93 17.22
C ARG E 40 -2.51 23.87 17.69
N PRO E 41 -1.72 22.84 17.25
CA PRO E 41 -0.31 22.74 17.70
C PRO E 41 0.48 24.03 17.59
N GLY E 42 1.30 24.33 18.59
CA GLY E 42 2.14 25.52 18.63
C GLY E 42 1.40 26.85 18.59
N LYS E 43 0.05 26.79 18.47
CA LYS E 43 -0.86 27.94 18.44
C LYS E 43 -1.66 28.08 19.74
N GLY E 44 -2.26 29.26 19.91
CA GLY E 44 -3.05 29.65 21.07
C GLY E 44 -4.44 29.04 21.11
N LEU E 45 -5.16 29.40 22.19
CA LEU E 45 -6.50 28.89 22.42
C LEU E 45 -7.57 29.78 21.84
N GLU E 46 -8.66 29.15 21.38
CA GLU E 46 -9.78 29.79 20.73
C GLU E 46 -11.06 29.35 21.38
N TRP E 47 -11.95 30.31 21.71
CA TRP E 47 -13.23 30.02 22.35
C TRP E 47 -14.27 29.71 21.28
N ILE E 48 -14.67 28.42 21.13
CA ILE E 48 -15.70 27.96 20.18
C ILE E 48 -17.05 28.56 20.56
N GLY E 49 -17.44 28.39 21.83
CA GLY E 49 -18.70 28.90 22.35
C GLY E 49 -19.09 28.18 23.60
N ASN E 50 -20.24 28.57 24.18
CA ASN E 50 -20.73 28.00 25.45
C ASN E 50 -22.22 27.57 25.48
N ILE E 51 -22.58 26.68 26.46
CA ILE E 51 -23.95 26.14 26.64
C ILE E 51 -24.42 26.09 28.13
N TYR E 52 -25.74 26.31 28.41
CA TYR E 52 -26.27 26.27 29.79
C TYR E 52 -27.26 25.12 30.07
N PRO E 53 -26.77 24.07 30.79
CA PRO E 53 -27.58 22.86 31.03
C PRO E 53 -28.98 23.07 31.54
N GLY E 54 -29.12 23.96 32.50
CA GLY E 54 -30.40 24.27 33.12
C GLY E 54 -31.30 25.22 32.36
N SER E 55 -31.12 25.36 31.00
CA SER E 55 -31.94 26.24 30.14
C SER E 55 -31.81 25.95 28.64
N GLY E 56 -30.70 25.31 28.29
CA GLY E 56 -30.34 24.98 26.91
C GLY E 56 -29.82 26.17 26.12
N THR E 57 -29.45 27.31 26.83
CA THR E 57 -28.93 28.61 26.34
C THR E 57 -27.59 28.42 25.63
N VAL E 58 -27.45 28.87 24.37
CA VAL E 58 -26.23 28.68 23.58
C VAL E 58 -25.67 30.00 23.10
N ASN E 59 -24.33 30.09 23.16
CA ASN E 59 -23.53 31.19 22.71
C ASN E 59 -22.37 30.65 21.89
N TYR E 60 -22.27 31.05 20.59
CA TYR E 60 -21.21 30.67 19.65
C TYR E 60 -20.33 31.87 19.27
N ASP E 61 -19.04 31.63 19.06
CA ASP E 61 -18.12 32.62 18.51
C ASP E 61 -18.39 32.53 16.99
N ASP E 62 -18.76 33.66 16.36
CA ASP E 62 -19.06 33.70 14.92
C ASP E 62 -18.10 32.88 14.06
N LYS E 63 -16.79 32.88 14.40
CA LYS E 63 -15.76 32.12 13.70
C LYS E 63 -16.12 30.66 13.54
N PHE E 64 -16.92 30.13 14.48
CA PHE E 64 -17.35 28.73 14.48
C PHE E 64 -18.85 28.48 14.21
N LYS E 65 -19.64 29.54 13.90
CA LYS E 65 -21.09 29.44 13.65
C LYS E 65 -21.57 28.32 12.75
N SER E 66 -20.94 28.17 11.56
CA SER E 66 -21.32 27.13 10.58
C SER E 66 -20.74 25.76 10.87
N LYS E 67 -19.76 25.68 11.81
CA LYS E 67 -18.95 24.52 12.15
C LYS E 67 -19.39 23.72 13.33
N ALA E 68 -19.57 24.38 14.51
CA ALA E 68 -19.89 23.77 15.82
C ALA E 68 -21.34 23.77 16.26
N THR E 69 -21.86 22.62 16.69
CA THR E 69 -23.23 22.48 17.19
C THR E 69 -23.10 22.02 18.64
N LEU E 70 -23.52 22.87 19.59
CA LEU E 70 -23.42 22.50 20.98
C LEU E 70 -24.75 21.98 21.53
N THR E 71 -24.81 20.67 21.83
CA THR E 71 -25.96 20.06 22.49
C THR E 71 -25.50 19.62 23.91
N ILE E 72 -26.49 19.31 24.77
CA ILE E 72 -26.34 18.85 26.16
C ILE E 72 -27.32 17.70 26.41
N ASP E 73 -26.89 16.70 27.18
CA ASP E 73 -27.70 15.58 27.64
C ASP E 73 -27.60 15.62 29.16
N THR E 74 -28.61 16.25 29.82
CA THR E 74 -28.62 16.36 31.27
C THR E 74 -28.80 15.01 31.92
N SER E 75 -29.59 14.09 31.32
CA SER E 75 -29.79 12.75 31.86
C SER E 75 -28.49 11.93 31.95
N SER E 76 -27.51 12.25 31.10
CA SER E 76 -26.23 11.58 31.14
C SER E 76 -25.10 12.55 31.58
N ASN E 77 -25.47 13.79 32.04
CA ASN E 77 -24.53 14.83 32.45
C ASN E 77 -23.36 14.97 31.45
N THR E 78 -23.68 14.77 30.15
CA THR E 78 -22.72 14.82 29.06
C THR E 78 -23.06 16.04 28.24
N ALA E 79 -22.00 16.75 27.81
CA ALA E 79 -22.05 17.89 26.93
C ALA E 79 -21.47 17.40 25.57
N TYR E 80 -21.97 17.93 24.46
CA TYR E 80 -21.50 17.51 23.16
C TYR E 80 -21.18 18.69 22.25
N MET E 81 -20.22 18.45 21.33
CA MET E 81 -19.87 19.32 20.24
C MET E 81 -19.75 18.50 18.99
N GLN E 82 -20.48 18.93 17.97
CA GLN E 82 -20.47 18.31 16.68
C GLN E 82 -19.78 19.29 15.76
N LEU E 83 -18.71 18.85 15.09
CA LEU E 83 -18.00 19.67 14.10
C LEU E 83 -18.32 19.06 12.77
N SER E 84 -18.77 19.90 11.81
CA SER E 84 -19.22 19.46 10.49
C SER E 84 -18.29 19.81 9.32
N SER E 85 -18.47 19.12 8.15
CA SER E 85 -17.76 19.36 6.89
C SER E 85 -16.29 19.64 7.18
N LEU E 86 -15.60 18.66 7.81
CA LEU E 86 -14.22 18.83 8.25
C LEU E 86 -13.16 19.06 7.20
N THR E 87 -12.20 19.91 7.57
CA THR E 87 -11.04 20.33 6.79
C THR E 87 -9.82 20.19 7.72
N SER E 88 -8.58 20.34 7.20
CA SER E 88 -7.36 20.20 8.02
C SER E 88 -7.22 21.31 9.06
N GLU E 89 -7.90 22.48 8.84
CA GLU E 89 -7.96 23.59 9.80
C GLU E 89 -8.63 23.11 11.10
N ASP E 90 -9.41 21.99 11.04
CA ASP E 90 -10.12 21.39 12.18
C ASP E 90 -9.33 20.38 13.01
N SER E 91 -8.17 19.92 12.51
CA SER E 91 -7.25 19.05 13.25
C SER E 91 -6.71 19.94 14.39
N ALA E 92 -7.12 19.64 15.65
CA ALA E 92 -6.75 20.38 16.87
C ALA E 92 -7.16 19.64 18.11
N VAL E 93 -6.84 20.18 19.31
CA VAL E 93 -7.25 19.60 20.59
C VAL E 93 -8.40 20.43 21.10
N TYR E 94 -9.55 19.76 21.29
CA TYR E 94 -10.80 20.37 21.71
C TYR E 94 -11.03 20.15 23.14
N TYR E 95 -11.23 21.25 23.90
CA TYR E 95 -11.45 21.20 25.35
C TYR E 95 -12.86 21.61 25.70
N CYS E 96 -13.36 21.12 26.85
CA CYS E 96 -14.65 21.50 27.45
C CYS E 96 -14.30 21.97 28.82
N THR E 97 -15.12 22.84 29.39
CA THR E 97 -14.80 23.52 30.62
C THR E 97 -16.08 23.87 31.35
N ARG E 98 -16.03 23.89 32.66
CA ARG E 98 -17.16 24.30 33.47
C ARG E 98 -17.21 25.87 33.36
N GLY E 99 -18.39 26.42 33.34
CA GLY E 99 -18.56 27.87 33.21
C GLY E 99 -19.20 28.57 34.39
N GLY E 100 -19.03 29.87 34.42
CA GLY E 100 -19.57 30.72 35.47
C GLY E 100 -19.15 32.17 35.38
N SER E 101 -19.51 32.96 36.38
CA SER E 101 -19.07 34.34 36.38
C SER E 101 -17.54 34.42 36.60
N HIS E 102 -16.84 33.26 36.76
CA HIS E 102 -15.38 33.18 36.98
C HIS E 102 -14.74 32.67 35.75
N ALA E 103 -15.58 32.23 34.80
CA ALA E 103 -15.28 31.66 33.48
C ALA E 103 -15.02 30.18 33.62
N MET E 104 -14.01 29.69 32.86
CA MET E 104 -13.45 28.36 32.88
C MET E 104 -12.95 28.08 34.33
N ASP E 105 -12.75 26.79 34.66
CA ASP E 105 -12.12 26.36 35.90
C ASP E 105 -11.67 24.91 35.82
N TYR E 106 -12.57 24.02 35.35
CA TYR E 106 -12.26 22.61 35.31
C TYR E 106 -12.36 22.10 33.93
N TRP E 107 -11.23 22.05 33.26
CA TRP E 107 -11.11 21.60 31.87
C TRP E 107 -11.21 20.08 31.70
N GLY E 108 -11.64 19.67 30.54
CA GLY E 108 -11.66 18.25 30.24
C GLY E 108 -10.26 17.83 29.82
N GLN E 109 -10.05 16.53 29.54
CA GLN E 109 -8.72 16.16 29.07
C GLN E 109 -8.44 16.47 27.57
N GLY E 110 -9.48 16.84 26.83
CA GLY E 110 -9.32 17.22 25.44
C GLY E 110 -9.20 16.07 24.48
N THR E 111 -9.95 16.17 23.36
CA THR E 111 -9.97 15.22 22.27
C THR E 111 -9.06 15.78 21.19
N SER E 112 -8.07 14.99 20.78
CA SER E 112 -7.14 15.37 19.74
C SER E 112 -7.68 14.81 18.43
N VAL E 113 -8.44 15.66 17.72
CA VAL E 113 -9.05 15.36 16.43
C VAL E 113 -7.97 15.41 15.34
N THR E 114 -7.99 14.42 14.43
CA THR E 114 -7.06 14.34 13.30
C THR E 114 -7.87 14.12 12.02
N VAL E 115 -7.77 15.10 11.09
CA VAL E 115 -8.52 15.11 9.83
C VAL E 115 -7.62 14.63 8.72
N SER E 116 -7.92 13.40 8.22
CA SER E 116 -7.16 12.71 7.19
C SER E 116 -7.94 11.53 6.62
N SER E 117 -7.77 11.29 5.32
CA SER E 117 -8.37 10.17 4.59
C SER E 117 -7.48 8.94 4.68
N ALA E 118 -6.32 9.05 5.38
CA ALA E 118 -5.31 8.02 5.56
C ALA E 118 -5.75 6.82 6.40
N LYS E 119 -5.24 5.64 5.99
CA LYS E 119 -5.44 4.34 6.63
C LYS E 119 -4.66 4.23 7.94
N THR E 120 -5.34 3.75 9.00
CA THR E 120 -4.77 3.48 10.31
C THR E 120 -3.77 2.34 10.18
N THR E 121 -2.52 2.61 10.55
CA THR E 121 -1.43 1.67 10.45
C THR E 121 -0.85 1.35 11.80
N PRO E 122 -0.72 0.04 12.17
CA PRO E 122 -0.03 -0.30 13.42
C PRO E 122 1.49 -0.09 13.29
N PRO E 123 2.18 0.31 14.36
CA PRO E 123 3.64 0.54 14.23
C PRO E 123 4.50 -0.71 14.29
N SER E 124 5.74 -0.55 13.80
CA SER E 124 6.83 -1.52 13.87
C SER E 124 7.58 -1.13 15.14
N VAL E 125 7.82 -2.08 16.06
CA VAL E 125 8.50 -1.81 17.32
C VAL E 125 9.86 -2.49 17.33
N TYR E 126 10.93 -1.68 17.34
CA TYR E 126 12.30 -2.15 17.28
C TYR E 126 13.02 -1.86 18.56
N PRO E 127 13.69 -2.87 19.14
CA PRO E 127 14.42 -2.64 20.39
C PRO E 127 15.79 -2.02 20.16
N LEU E 128 16.16 -1.05 21.02
CA LEU E 128 17.43 -0.35 20.97
C LEU E 128 18.33 -0.76 22.12
N ALA E 129 19.24 -1.71 21.83
CA ALA E 129 20.25 -2.27 22.75
C ALA E 129 21.65 -1.91 22.21
N PRO E 130 22.57 -1.42 23.06
CA PRO E 130 23.90 -0.99 22.56
C PRO E 130 24.78 -2.09 21.97
N GLY E 131 25.62 -1.71 20.98
CA GLY E 131 26.54 -2.59 20.26
C GLY E 131 27.57 -3.33 21.09
N GLY E 137 29.66 1.52 31.04
CA GLY E 137 29.47 2.55 32.07
C GLY E 137 28.57 2.13 33.21
N SER E 138 28.53 2.98 34.31
CA SER E 138 27.75 2.82 35.57
C SER E 138 26.24 2.56 35.39
N SER E 139 25.67 3.10 34.31
CA SER E 139 24.26 2.96 33.91
C SER E 139 24.20 2.61 32.42
N VAL E 140 23.17 1.83 32.04
CA VAL E 140 22.88 1.39 30.66
C VAL E 140 21.55 1.99 30.16
N THR E 141 21.61 2.81 29.08
CA THR E 141 20.42 3.40 28.46
C THR E 141 19.91 2.48 27.35
N LEU E 142 18.63 2.13 27.40
CA LEU E 142 17.98 1.26 26.44
C LEU E 142 16.85 2.05 25.80
N GLY E 143 16.35 1.55 24.68
CA GLY E 143 15.27 2.23 23.98
C GLY E 143 14.40 1.32 23.14
N CYS E 144 13.35 1.90 22.60
CA CYS E 144 12.40 1.23 21.70
C CYS E 144 12.01 2.19 20.59
N LEU E 145 11.93 1.68 19.35
CA LEU E 145 11.64 2.46 18.17
C LEU E 145 10.30 2.10 17.53
N VAL E 146 9.30 2.95 17.80
CA VAL E 146 7.90 2.88 17.34
C VAL E 146 7.80 3.62 16.01
N LYS E 147 7.97 2.86 14.90
CA LYS E 147 8.06 3.35 13.53
C LYS E 147 6.82 3.06 12.63
N GLY E 148 6.50 4.04 11.77
CA GLY E 148 5.47 3.98 10.76
C GLY E 148 4.06 3.64 11.18
N TYR E 149 3.45 4.51 12.01
CA TYR E 149 2.08 4.30 12.49
C TYR E 149 1.20 5.52 12.26
N PHE E 150 -0.10 5.29 12.04
CA PHE E 150 -1.06 6.37 11.89
C PHE E 150 -2.39 5.96 12.54
N PRO E 151 -3.08 6.85 13.29
CA PRO E 151 -2.72 8.22 13.68
C PRO E 151 -1.97 8.26 15.00
N GLU E 152 -1.94 9.43 15.66
CA GLU E 152 -1.35 9.53 16.98
C GLU E 152 -2.42 9.03 17.98
N SER E 153 -2.07 8.57 19.20
CA SER E 153 -0.73 8.49 19.77
C SER E 153 -0.43 7.05 20.14
N VAL E 154 0.78 6.83 20.64
CA VAL E 154 1.27 5.54 21.12
C VAL E 154 1.78 5.74 22.53
N THR E 155 1.76 4.69 23.36
CA THR E 155 2.32 4.81 24.70
C THR E 155 3.36 3.75 24.84
N VAL E 156 4.54 4.11 25.37
CA VAL E 156 5.61 3.15 25.60
C VAL E 156 5.78 2.95 27.11
N THR E 157 5.51 1.72 27.57
CA THR E 157 5.56 1.30 28.96
C THR E 157 6.78 0.40 29.17
N TRP E 158 7.60 0.74 30.15
CA TRP E 158 8.80 -0.01 30.49
C TRP E 158 8.55 -0.81 31.79
N ASN E 159 8.74 -2.16 31.73
CA ASN E 159 8.54 -3.13 32.82
C ASN E 159 7.23 -2.93 33.58
N SER E 160 6.10 -2.94 32.84
CA SER E 160 4.71 -2.71 33.33
C SER E 160 4.50 -1.35 34.05
N GLY E 161 5.46 -0.43 33.85
CA GLY E 161 5.42 0.90 34.46
C GLY E 161 6.36 1.12 35.64
N SER E 162 6.96 0.03 36.18
CA SER E 162 7.91 0.06 37.30
C SER E 162 9.14 0.94 36.98
N LEU E 163 9.61 0.86 35.73
CA LEU E 163 10.71 1.64 35.20
C LEU E 163 10.15 2.95 34.67
N SER E 164 10.30 4.00 35.46
CA SER E 164 9.85 5.37 35.18
C SER E 164 10.87 6.30 35.87
N SER E 165 10.78 7.63 35.65
CA SER E 165 11.69 8.63 36.26
C SER E 165 13.18 8.41 35.82
N SER E 166 13.37 7.59 34.75
CA SER E 166 14.60 7.17 34.08
C SER E 166 14.28 7.08 32.59
N VAL E 167 12.98 7.25 32.27
CA VAL E 167 12.37 7.19 30.93
C VAL E 167 12.15 8.58 30.29
N HIS E 168 12.56 8.73 29.03
CA HIS E 168 12.33 9.91 28.21
C HIS E 168 11.49 9.42 27.08
N THR E 169 10.39 10.13 26.80
CA THR E 169 9.50 9.80 25.68
C THR E 169 9.59 10.94 24.68
N PHE E 170 10.18 10.65 23.51
CA PHE E 170 10.46 11.62 22.45
C PHE E 170 9.30 11.89 21.46
N PRO E 171 8.98 13.20 21.19
CA PRO E 171 7.88 13.54 20.27
C PRO E 171 7.94 12.89 18.88
N ALA E 172 6.77 12.39 18.44
CA ALA E 172 6.58 11.71 17.16
C ALA E 172 6.71 12.64 15.96
N LEU E 173 7.59 12.26 15.00
CA LEU E 173 7.85 13.03 13.79
C LEU E 173 7.25 12.28 12.58
N LEU E 174 6.99 13.00 11.47
CA LEU E 174 6.41 12.41 10.28
C LEU E 174 7.38 12.15 9.16
N GLN E 175 7.35 10.92 8.64
CA GLN E 175 8.16 10.52 7.50
C GLN E 175 7.26 9.78 6.53
N SER E 176 6.77 10.53 5.50
CA SER E 176 5.86 10.12 4.44
C SER E 176 4.46 9.76 4.95
N GLY E 177 3.88 10.64 5.74
CA GLY E 177 2.53 10.45 6.28
C GLY E 177 2.39 9.52 7.47
N LEU E 178 3.48 8.88 7.88
CA LEU E 178 3.45 7.96 9.01
C LEU E 178 4.33 8.49 10.14
N TYR E 179 3.91 8.23 11.39
CA TYR E 179 4.64 8.69 12.57
C TYR E 179 5.73 7.74 13.01
N THR E 180 6.77 8.32 13.58
CA THR E 180 7.90 7.61 14.18
C THR E 180 8.25 8.30 15.50
N MET E 181 8.45 7.49 16.53
CA MET E 181 8.83 7.95 17.85
C MET E 181 9.70 6.95 18.56
N SER E 182 10.51 7.46 19.48
CA SER E 182 11.45 6.72 20.29
C SER E 182 11.16 6.99 21.75
N SER E 183 11.50 6.01 22.60
CA SER E 183 11.34 6.09 24.05
C SER E 183 12.60 5.51 24.68
N SER E 184 13.27 6.29 25.54
CA SER E 184 14.49 5.85 26.21
C SER E 184 14.22 5.44 27.67
N VAL E 185 15.11 4.61 28.23
CA VAL E 185 15.07 4.13 29.62
C VAL E 185 16.52 4.05 30.08
N THR E 186 16.79 4.37 31.35
CA THR E 186 18.15 4.29 31.91
C THR E 186 18.14 3.44 33.17
N VAL E 187 18.73 2.24 33.09
CA VAL E 187 18.77 1.30 34.21
C VAL E 187 20.21 1.05 34.71
N PRO E 188 20.45 0.89 36.04
CA PRO E 188 21.83 0.62 36.50
C PRO E 188 22.40 -0.64 35.84
N SER E 189 23.58 -0.51 35.21
CA SER E 189 24.31 -1.54 34.44
C SER E 189 24.20 -2.98 34.96
N SER E 190 24.02 -3.17 36.28
CA SER E 190 23.87 -4.47 36.94
C SER E 190 22.52 -5.14 36.65
N THR E 191 21.41 -4.35 36.60
CA THR E 191 20.05 -4.85 36.33
C THR E 191 19.77 -5.30 34.90
N TRP E 192 20.72 -5.12 33.97
CA TRP E 192 20.57 -5.56 32.59
C TRP E 192 21.89 -6.13 32.03
N PRO E 193 21.88 -7.31 31.35
CA PRO E 193 20.73 -8.16 31.00
C PRO E 193 20.20 -9.09 32.08
N SER E 194 20.77 -9.01 33.31
CA SER E 194 20.42 -9.85 34.50
C SER E 194 18.92 -9.90 34.83
N GLN E 195 18.20 -8.79 34.58
CA GLN E 195 16.76 -8.68 34.79
C GLN E 195 16.07 -8.38 33.46
N THR E 196 14.82 -8.81 33.34
CA THR E 196 14.03 -8.62 32.12
C THR E 196 13.61 -7.15 31.94
N VAL E 197 13.98 -6.52 30.81
CA VAL E 197 13.61 -5.13 30.46
C VAL E 197 12.77 -5.20 29.19
N THR E 198 11.49 -4.84 29.30
CA THR E 198 10.51 -4.91 28.22
C THR E 198 9.79 -3.57 28.02
N CYS E 199 9.60 -3.17 26.76
CA CYS E 199 8.80 -2.01 26.39
C CYS E 199 7.45 -2.48 25.80
N SER E 200 6.36 -2.01 26.43
CA SER E 200 4.98 -2.34 26.05
C SER E 200 4.35 -1.19 25.29
N VAL E 201 4.54 -1.19 23.97
CA VAL E 201 4.01 -0.19 23.06
C VAL E 201 2.53 -0.46 22.77
N ALA E 202 1.68 0.56 22.98
CA ALA E 202 0.24 0.47 22.77
C ALA E 202 -0.24 1.51 21.76
N HIS E 203 -1.03 1.05 20.76
CA HIS E 203 -1.59 1.89 19.71
C HIS E 203 -3.10 1.64 19.65
N PRO E 204 -3.86 2.45 20.42
CA PRO E 204 -5.32 2.25 20.50
C PRO E 204 -6.09 2.19 19.19
N ALA E 205 -5.69 3.01 18.20
CA ALA E 205 -6.34 3.10 16.89
C ALA E 205 -6.39 1.75 16.17
N SER E 206 -5.21 1.11 16.05
CA SER E 206 -4.99 -0.20 15.45
C SER E 206 -5.35 -1.36 16.41
N SER E 207 -5.66 -1.05 17.70
CA SER E 207 -6.03 -2.02 18.74
C SER E 207 -4.88 -2.99 19.05
N THR E 208 -3.62 -2.51 18.84
CA THR E 208 -2.40 -3.27 19.08
C THR E 208 -1.72 -2.90 20.40
N THR E 209 -0.82 -3.79 20.78
CA THR E 209 0.07 -3.75 21.93
C THR E 209 1.18 -4.76 21.65
N VAL E 210 2.38 -4.21 21.41
CA VAL E 210 3.58 -4.96 21.04
C VAL E 210 4.60 -4.89 22.17
N ASP E 211 4.91 -6.04 22.76
CA ASP E 211 5.90 -6.15 23.83
C ASP E 211 7.19 -6.67 23.23
N LYS E 212 8.29 -5.92 23.41
CA LYS E 212 9.61 -6.31 22.91
C LYS E 212 10.62 -6.50 24.03
N LYS E 213 11.34 -7.61 24.07
CA LYS E 213 12.35 -7.81 25.09
C LYS E 213 13.63 -7.15 24.62
N LEU E 214 14.38 -6.56 25.56
CA LEU E 214 15.67 -5.95 25.29
C LEU E 214 16.75 -7.01 25.54
N GLU E 215 17.37 -7.48 24.45
CA GLU E 215 18.40 -8.52 24.49
C GLU E 215 19.78 -7.97 24.17
N PRO E 216 20.84 -8.41 24.89
CA PRO E 216 22.18 -7.85 24.65
C PRO E 216 22.86 -8.09 23.30
N ARG E 217 24.08 -7.50 23.13
CA ARG E 217 24.92 -7.49 21.91
C ARG E 217 24.21 -6.78 20.76
N ASP F 1 -14.19 42.94 18.93
CA ASP F 1 -13.66 41.88 19.80
C ASP F 1 -12.43 42.37 20.57
N ILE F 2 -12.25 41.85 21.79
CA ILE F 2 -11.14 42.24 22.67
C ILE F 2 -9.93 41.37 22.41
N VAL F 3 -8.75 42.00 22.43
CA VAL F 3 -7.48 41.37 22.16
C VAL F 3 -6.64 41.37 23.38
N MET F 4 -6.32 40.17 23.87
CA MET F 4 -5.46 39.98 25.03
C MET F 4 -4.04 39.89 24.52
N THR F 5 -3.18 40.86 24.92
CA THR F 5 -1.80 40.94 24.43
C THR F 5 -0.71 40.51 25.41
N GLN F 6 -0.40 39.20 25.40
CA GLN F 6 0.64 38.64 26.24
C GLN F 6 1.94 38.73 25.46
N SER F 7 2.57 39.91 25.53
CA SER F 7 3.81 40.28 24.84
C SER F 7 4.97 39.34 25.07
N GLN F 8 5.14 38.87 26.33
CA GLN F 8 6.17 37.93 26.80
C GLN F 8 5.93 36.58 26.15
N LYS F 9 6.70 36.22 25.11
CA LYS F 9 6.46 34.94 24.46
C LYS F 9 7.22 33.79 25.15
N PHE F 10 8.45 34.08 25.63
CA PHE F 10 9.33 33.12 26.31
C PHE F 10 9.96 33.76 27.55
N MET F 11 10.07 32.99 28.67
CA MET F 11 10.60 33.49 29.94
C MET F 11 11.39 32.42 30.70
N SER F 12 12.67 32.73 31.02
CA SER F 12 13.52 31.82 31.79
C SER F 12 13.74 32.36 33.20
N THR F 13 13.53 31.51 34.23
CA THR F 13 13.62 31.87 35.65
C THR F 13 14.24 30.72 36.43
N SER F 14 15.19 31.03 37.34
CA SER F 14 15.81 30.01 38.18
C SER F 14 14.86 29.69 39.32
N VAL F 15 14.86 28.43 39.82
CA VAL F 15 13.99 27.99 40.92
C VAL F 15 14.16 28.88 42.15
N GLY F 16 13.04 29.38 42.67
CA GLY F 16 13.01 30.24 43.85
C GLY F 16 12.84 31.70 43.55
N ASP F 17 13.22 32.13 42.31
CA ASP F 17 13.10 33.53 41.86
C ASP F 17 11.62 33.93 41.60
N ARG F 18 11.41 35.21 41.27
CA ARG F 18 10.08 35.75 40.98
C ARG F 18 9.97 36.17 39.50
N VAL F 19 8.82 35.87 38.90
CA VAL F 19 8.47 36.15 37.52
C VAL F 19 7.09 36.85 37.47
N SER F 20 6.96 37.87 36.61
CA SER F 20 5.69 38.61 36.43
C SER F 20 5.21 38.59 34.94
N ILE F 21 4.28 37.66 34.63
CA ILE F 21 3.73 37.50 33.29
C ILE F 21 2.62 38.53 33.05
N THR F 22 2.91 39.51 32.17
CA THR F 22 1.99 40.60 31.81
C THR F 22 1.04 40.18 30.72
N CYS F 23 -0.13 40.82 30.71
CA CYS F 23 -1.20 40.63 29.74
C CYS F 23 -1.97 41.96 29.63
N LYS F 24 -2.13 42.46 28.40
CA LYS F 24 -2.83 43.71 28.13
C LYS F 24 -4.14 43.54 27.34
N ALA F 25 -5.23 44.12 27.85
CA ALA F 25 -6.54 44.09 27.21
C ALA F 25 -6.72 45.23 26.21
N SER F 26 -7.36 44.94 25.02
CA SER F 26 -7.59 45.92 23.94
C SER F 26 -8.55 47.04 24.38
N GLN F 27 -9.43 46.74 25.38
CA GLN F 27 -10.40 47.67 25.96
C GLN F 27 -10.72 47.30 27.41
N ASN F 28 -11.36 48.22 28.17
CA ASN F 28 -11.72 47.99 29.57
C ASN F 28 -12.58 46.72 29.74
N VAL F 29 -11.96 45.69 30.35
CA VAL F 29 -12.53 44.39 30.64
C VAL F 29 -12.84 44.27 32.13
N ARG F 30 -12.68 45.38 32.86
CA ARG F 30 -12.88 45.45 34.30
C ARG F 30 -11.93 44.50 35.09
N THR F 31 -12.43 43.39 35.66
CA THR F 31 -11.61 42.40 36.39
C THR F 31 -11.88 41.01 35.88
N SER F 32 -12.72 40.89 34.83
CA SER F 32 -13.09 39.62 34.24
C SER F 32 -11.91 39.05 33.45
N VAL F 33 -10.82 38.68 34.18
CA VAL F 33 -9.58 38.11 33.63
C VAL F 33 -9.16 36.90 34.49
N ALA F 34 -8.98 35.74 33.84
CA ALA F 34 -8.53 34.51 34.50
C ALA F 34 -7.17 34.09 33.99
N TRP F 35 -6.41 33.33 34.78
CA TRP F 35 -5.09 32.86 34.37
C TRP F 35 -5.08 31.37 34.38
N TYR F 36 -4.46 30.76 33.37
CA TYR F 36 -4.39 29.31 33.25
C TYR F 36 -2.98 28.84 33.08
N GLN F 37 -2.68 27.68 33.61
CA GLN F 37 -1.39 27.05 33.50
C GLN F 37 -1.53 25.81 32.61
N GLN F 38 -0.74 25.74 31.54
CA GLN F 38 -0.74 24.59 30.62
C GLN F 38 0.64 23.86 30.55
N LYS F 39 0.78 22.84 31.43
CA LYS F 39 1.99 22.02 31.50
C LYS F 39 2.05 21.16 30.20
N PRO F 40 3.28 20.91 29.64
CA PRO F 40 3.37 20.18 28.37
C PRO F 40 2.54 18.93 28.32
N GLY F 41 1.76 18.75 27.26
CA GLY F 41 0.90 17.58 27.05
C GLY F 41 -0.11 17.30 28.13
N GLN F 42 -0.73 18.38 28.67
CA GLN F 42 -1.73 18.32 29.74
C GLN F 42 -2.85 19.37 29.51
N SER F 43 -3.98 19.21 30.24
CA SER F 43 -5.10 20.18 30.16
C SER F 43 -4.73 21.48 30.88
N PRO F 44 -5.28 22.66 30.48
CA PRO F 44 -4.95 23.88 31.24
C PRO F 44 -5.61 23.82 32.62
N LYS F 45 -4.92 24.36 33.62
CA LYS F 45 -5.39 24.35 35.00
C LYS F 45 -5.70 25.77 35.38
N ALA F 46 -6.91 25.99 35.95
CA ALA F 46 -7.33 27.31 36.42
C ALA F 46 -6.48 27.78 37.64
N LEU F 47 -5.83 28.95 37.52
CA LEU F 47 -5.01 29.47 38.60
C LEU F 47 -5.63 30.66 39.31
N ILE F 48 -5.94 31.72 38.56
CA ILE F 48 -6.50 32.95 39.13
C ILE F 48 -7.84 33.24 38.46
N TYR F 49 -8.87 33.54 39.24
CA TYR F 49 -10.16 33.95 38.68
C TYR F 49 -10.37 35.41 39.06
N LEU F 50 -11.16 36.13 38.25
CA LEU F 50 -11.47 37.54 38.47
C LEU F 50 -10.27 38.39 38.88
N ALA F 51 -9.26 38.45 38.00
CA ALA F 51 -7.98 39.20 38.08
C ALA F 51 -7.04 38.95 39.26
N SER F 52 -7.56 38.92 40.49
CA SER F 52 -6.81 38.79 41.74
C SER F 52 -7.08 37.57 42.65
N ASN F 53 -8.17 36.82 42.42
CA ASN F 53 -8.54 35.70 43.28
C ASN F 53 -7.96 34.40 42.84
N ARG F 54 -7.20 33.78 43.73
CA ARG F 54 -6.56 32.47 43.59
C ARG F 54 -7.66 31.39 43.70
N HIS F 55 -7.53 30.30 42.93
CA HIS F 55 -8.49 29.21 42.96
C HIS F 55 -8.18 28.23 44.12
N THR F 56 -9.07 27.24 44.32
CA THR F 56 -8.91 26.19 45.30
C THR F 56 -7.81 25.24 44.83
N GLY F 57 -6.85 24.96 45.72
CA GLY F 57 -5.74 24.07 45.40
C GLY F 57 -4.73 24.69 44.44
N VAL F 58 -4.38 25.96 44.70
CA VAL F 58 -3.40 26.71 43.94
C VAL F 58 -2.45 27.31 44.95
N PRO F 59 -1.14 26.95 44.90
CA PRO F 59 -0.17 27.54 45.86
C PRO F 59 -0.20 29.06 45.94
N ASP F 60 0.10 29.60 47.14
CA ASP F 60 0.12 31.04 47.40
C ASP F 60 1.30 31.80 46.75
N ARG F 61 2.04 31.09 45.90
CA ARG F 61 3.14 31.60 45.10
C ARG F 61 2.53 32.35 43.92
N PHE F 62 1.34 31.88 43.48
CA PHE F 62 0.57 32.42 42.38
C PHE F 62 -0.25 33.61 42.83
N THR F 63 -0.11 34.75 42.12
CA THR F 63 -0.78 36.00 42.44
C THR F 63 -1.26 36.74 41.21
N GLY F 64 -2.50 37.23 41.29
CA GLY F 64 -3.10 38.02 40.22
C GLY F 64 -3.31 39.47 40.63
N SER F 65 -3.06 40.39 39.69
CA SER F 65 -3.23 41.81 39.97
C SER F 65 -3.64 42.59 38.72
N GLY F 66 -4.28 43.72 38.94
CA GLY F 66 -4.74 44.63 37.90
C GLY F 66 -6.23 44.76 37.75
N SER F 67 -6.65 45.76 36.94
CA SER F 67 -8.03 46.12 36.55
C SER F 67 -8.02 47.01 35.28
N GLY F 68 -9.08 46.93 34.48
CA GLY F 68 -9.23 47.71 33.27
C GLY F 68 -8.56 47.13 32.05
N THR F 69 -7.22 47.37 31.88
CA THR F 69 -6.41 46.92 30.73
C THR F 69 -5.08 46.22 31.08
N ASP F 70 -4.48 46.53 32.23
CA ASP F 70 -3.19 45.98 32.65
C ASP F 70 -3.34 44.91 33.74
N PHE F 71 -3.00 43.64 33.40
CA PHE F 71 -3.13 42.47 34.28
C PHE F 71 -1.84 41.70 34.31
N THR F 72 -1.48 41.22 35.50
CA THR F 72 -0.22 40.50 35.71
C THR F 72 -0.41 39.24 36.55
N LEU F 73 0.27 38.16 36.16
CA LEU F 73 0.32 36.91 36.92
C LEU F 73 1.73 36.86 37.50
N THR F 74 1.82 36.69 38.82
CA THR F 74 3.11 36.65 39.50
C THR F 74 3.34 35.33 40.19
N ILE F 75 4.45 34.66 39.82
CA ILE F 75 4.83 33.41 40.45
C ILE F 75 6.10 33.65 41.26
N SER F 76 5.93 33.78 42.56
CA SER F 76 7.05 33.94 43.49
C SER F 76 7.47 32.53 43.88
N ASN F 77 8.77 32.35 44.24
CA ASN F 77 9.33 31.03 44.59
C ASN F 77 9.05 30.05 43.43
N VAL F 78 9.68 30.31 42.25
CA VAL F 78 9.50 29.47 41.07
C VAL F 78 9.99 28.06 41.36
N GLN F 79 9.19 27.11 40.95
CA GLN F 79 9.44 25.70 41.15
C GLN F 79 9.71 25.01 39.83
N SER F 80 10.34 23.84 39.88
CA SER F 80 10.64 23.08 38.68
C SER F 80 9.36 22.64 37.97
N GLU F 81 8.26 22.39 38.72
CA GLU F 81 6.96 21.98 38.19
C GLU F 81 6.22 23.10 37.47
N ASP F 82 6.53 24.37 37.79
CA ASP F 82 5.93 25.57 37.20
C ASP F 82 6.14 25.72 35.69
N LEU F 83 6.96 24.83 35.13
CA LEU F 83 7.32 24.67 33.74
C LEU F 83 6.01 24.48 32.92
N ALA F 84 5.37 25.59 32.52
CA ALA F 84 4.11 25.53 31.79
C ALA F 84 3.93 26.70 30.81
N ASP F 85 2.77 26.77 30.19
CA ASP F 85 2.39 27.85 29.32
C ASP F 85 1.39 28.58 30.12
N TYR F 86 1.52 29.89 30.20
CA TYR F 86 0.61 30.70 31.00
C TYR F 86 -0.21 31.62 30.14
N PHE F 87 -1.51 31.67 30.41
CA PHE F 87 -2.39 32.51 29.62
C PHE F 87 -3.56 33.13 30.34
N CYS F 88 -3.84 34.36 29.94
CA CYS F 88 -4.93 35.20 30.41
C CYS F 88 -6.11 35.02 29.47
N LEU F 89 -7.31 35.26 30.01
CA LEU F 89 -8.53 35.17 29.22
C LEU F 89 -9.54 36.19 29.75
N GLN F 90 -10.17 36.92 28.81
CA GLN F 90 -11.20 37.86 29.19
C GLN F 90 -12.55 37.19 29.04
N HIS F 91 -13.43 37.48 29.98
CA HIS F 91 -14.79 36.99 29.99
C HIS F 91 -15.68 38.16 30.35
N TRP F 92 -15.26 39.33 29.84
CA TRP F 92 -15.96 40.58 30.03
C TRP F 92 -17.19 40.56 29.10
N THR F 93 -16.96 40.20 27.81
CA THR F 93 -17.99 40.08 26.79
C THR F 93 -17.65 38.94 25.84
N TYR F 94 -18.68 38.41 25.17
CA TYR F 94 -18.54 37.41 24.12
C TYR F 94 -17.97 38.09 22.85
N PRO F 95 -17.05 37.42 22.10
CA PRO F 95 -16.44 36.11 22.38
C PRO F 95 -15.26 36.26 23.32
N TYR F 96 -15.12 35.24 24.19
CA TYR F 96 -14.08 35.14 25.20
C TYR F 96 -12.75 34.98 24.47
N THR F 97 -11.78 35.87 24.78
CA THR F 97 -10.50 35.83 24.06
C THR F 97 -9.31 35.60 24.95
N PHE F 98 -8.37 34.75 24.47
CA PHE F 98 -7.16 34.32 25.21
C PHE F 98 -5.86 35.06 24.88
N GLY F 99 -4.98 35.14 25.86
CA GLY F 99 -3.65 35.70 25.67
C GLY F 99 -2.83 34.82 24.77
N GLY F 100 -1.82 35.41 24.11
CA GLY F 100 -0.94 34.68 23.20
C GLY F 100 -0.26 33.45 23.77
N GLY F 101 -0.05 33.46 25.09
CA GLY F 101 0.64 32.42 25.84
C GLY F 101 2.03 32.88 26.18
N THR F 102 2.58 32.35 27.28
CA THR F 102 3.94 32.65 27.73
C THR F 102 4.61 31.33 28.19
N LYS F 103 5.53 30.79 27.34
CA LYS F 103 6.24 29.56 27.66
C LYS F 103 7.29 29.91 28.67
N LEU F 104 7.13 29.39 29.89
CA LEU F 104 8.07 29.59 30.97
C LEU F 104 9.10 28.45 30.96
N GLU F 105 10.38 28.82 30.83
CA GLU F 105 11.52 27.91 30.87
C GLU F 105 12.07 28.05 32.29
N ILE F 106 12.66 26.97 32.85
CA ILE F 106 13.24 27.01 34.21
C ILE F 106 14.76 26.98 34.09
N LYS F 107 15.45 28.08 34.50
CA LYS F 107 16.92 28.17 34.45
C LYS F 107 17.56 27.25 35.47
N ARG F 108 18.67 26.63 35.07
CA ARG F 108 19.46 25.71 35.90
C ARG F 108 20.97 25.73 35.50
N ALA F 109 21.82 25.06 36.30
CA ALA F 109 23.25 24.94 36.05
C ALA F 109 23.46 24.07 34.82
N ASP F 110 24.34 24.50 33.87
CA ASP F 110 24.63 23.74 32.65
C ASP F 110 24.88 22.25 32.93
N ALA F 111 24.18 21.39 32.18
CA ALA F 111 24.29 19.93 32.29
C ALA F 111 24.69 19.39 30.95
N ALA F 112 25.73 18.55 30.91
CA ALA F 112 26.21 17.93 29.68
C ALA F 112 25.29 16.80 29.21
N PRO F 113 25.12 16.59 27.88
CA PRO F 113 24.25 15.49 27.43
C PRO F 113 24.82 14.10 27.71
N THR F 114 23.93 13.10 27.88
CA THR F 114 24.35 11.71 28.07
C THR F 114 24.05 10.96 26.77
N VAL F 115 25.06 10.93 25.90
CA VAL F 115 25.03 10.36 24.55
C VAL F 115 25.13 8.82 24.52
N SER F 116 24.21 8.20 23.74
CA SER F 116 24.13 6.74 23.56
C SER F 116 23.79 6.42 22.10
N ILE F 117 24.68 5.67 21.41
CA ILE F 117 24.46 5.27 20.00
C ILE F 117 23.87 3.82 19.93
N PHE F 118 22.94 3.58 19.00
CA PHE F 118 22.30 2.28 18.87
C PHE F 118 22.24 1.81 17.43
N PRO F 119 22.77 0.60 17.13
CA PRO F 119 22.67 0.09 15.75
C PRO F 119 21.27 -0.44 15.48
N PRO F 120 20.91 -0.56 14.19
CA PRO F 120 19.61 -1.13 13.83
C PRO F 120 19.45 -2.57 14.30
N SER F 121 18.25 -2.87 14.83
CA SER F 121 17.87 -4.20 15.29
C SER F 121 17.79 -5.16 14.10
N SER F 122 18.18 -6.43 14.34
CA SER F 122 18.13 -7.52 13.36
C SER F 122 16.71 -7.69 12.80
N GLU F 123 15.67 -7.26 13.57
CA GLU F 123 14.26 -7.28 13.19
C GLU F 123 14.03 -6.26 12.07
N GLN F 124 14.59 -5.04 12.21
CA GLN F 124 14.47 -3.97 11.20
C GLN F 124 15.22 -4.34 9.93
N LEU F 125 16.42 -4.94 10.08
CA LEU F 125 17.28 -5.37 8.97
C LEU F 125 16.59 -6.42 8.10
N THR F 126 15.70 -7.25 8.70
CA THR F 126 14.94 -8.27 7.98
C THR F 126 13.78 -7.65 7.15
N SER F 127 13.30 -6.44 7.54
CA SER F 127 12.23 -5.72 6.84
C SER F 127 12.75 -4.81 5.69
N GLY F 128 14.07 -4.71 5.55
CA GLY F 128 14.74 -3.94 4.50
C GLY F 128 15.17 -2.53 4.83
N GLY F 129 14.88 -2.08 6.06
CA GLY F 129 15.23 -0.75 6.56
C GLY F 129 16.32 -0.76 7.61
N ALA F 130 16.85 0.43 7.94
CA ALA F 130 17.90 0.57 8.96
C ALA F 130 17.90 1.96 9.59
N SER F 131 17.51 2.02 10.87
CA SER F 131 17.50 3.28 11.59
C SER F 131 18.55 3.24 12.67
N VAL F 132 19.43 4.25 12.71
CA VAL F 132 20.53 4.39 13.66
C VAL F 132 20.15 5.52 14.58
N VAL F 133 19.76 5.19 15.83
CA VAL F 133 19.28 6.12 16.86
C VAL F 133 20.41 6.60 17.79
N CYS F 134 20.35 7.91 18.12
CA CYS F 134 21.25 8.49 19.09
C CYS F 134 20.47 9.27 20.15
N PHE F 135 20.66 8.91 21.44
CA PHE F 135 20.01 9.60 22.55
C PHE F 135 20.99 10.57 23.22
N LEU F 136 20.64 11.87 23.22
CA LEU F 136 21.41 12.97 23.81
C LEU F 136 20.57 13.39 25.00
N ASN F 137 20.78 12.72 26.14
CA ASN F 137 19.93 12.88 27.31
C ASN F 137 20.44 13.76 28.42
N ASN F 138 19.48 14.50 29.02
CA ASN F 138 19.60 15.37 30.19
C ASN F 138 20.69 16.43 30.10
N PHE F 139 20.37 17.52 29.38
CA PHE F 139 21.30 18.62 29.18
C PHE F 139 20.67 20.00 29.35
N TYR F 140 21.51 21.02 29.60
CA TYR F 140 21.09 22.42 29.70
C TYR F 140 22.23 23.33 29.21
N PRO F 141 21.98 24.32 28.28
CA PRO F 141 20.70 24.73 27.66
C PRO F 141 20.09 23.78 26.60
N LYS F 142 18.91 24.14 26.05
CA LYS F 142 18.24 23.34 24.99
C LYS F 142 19.04 23.33 23.69
N ASP F 143 19.83 24.39 23.45
CA ASP F 143 20.67 24.52 22.26
C ASP F 143 21.80 23.48 22.23
N ILE F 144 21.76 22.63 21.19
CA ILE F 144 22.71 21.54 20.96
C ILE F 144 22.84 21.25 19.46
N ASN F 145 23.99 20.69 19.05
CA ASN F 145 24.24 20.29 17.67
C ASN F 145 24.48 18.79 17.65
N VAL F 146 23.81 18.11 16.73
CA VAL F 146 24.01 16.67 16.56
C VAL F 146 24.47 16.42 15.12
N LYS F 147 25.63 15.76 14.97
CA LYS F 147 26.24 15.48 13.68
C LYS F 147 26.39 13.99 13.48
N TRP F 148 26.06 13.50 12.30
CA TRP F 148 26.23 12.10 11.95
C TRP F 148 27.40 11.95 11.00
N LYS F 149 28.18 10.87 11.16
CA LYS F 149 29.30 10.57 10.30
C LYS F 149 29.27 9.12 9.83
N ILE F 150 29.31 8.91 8.49
CA ILE F 150 29.36 7.58 7.90
C ILE F 150 30.72 7.41 7.26
N ASP F 151 31.57 6.57 7.86
CA ASP F 151 32.95 6.31 7.43
C ASP F 151 33.73 7.63 7.27
N GLY F 152 33.67 8.45 8.32
CA GLY F 152 34.35 9.74 8.37
C GLY F 152 33.60 10.91 7.77
N SER F 153 32.86 10.66 6.64
CA SER F 153 32.09 11.67 5.93
C SER F 153 30.75 11.99 6.56
N GLU F 154 30.48 13.29 6.74
CA GLU F 154 29.26 13.83 7.31
C GLU F 154 28.03 13.42 6.48
N ARG F 155 26.91 13.27 7.19
CA ARG F 155 25.63 12.93 6.61
C ARG F 155 24.55 13.78 7.30
N GLN F 156 23.64 14.33 6.49
CA GLN F 156 22.50 15.12 6.96
C GLN F 156 21.21 14.58 6.36
N ASN F 157 21.30 13.88 5.21
CA ASN F 157 20.15 13.27 4.54
C ASN F 157 19.65 12.07 5.33
N GLY F 158 18.36 12.06 5.67
CA GLY F 158 17.76 10.97 6.43
C GLY F 158 17.72 11.18 7.93
N VAL F 159 18.36 12.27 8.42
CA VAL F 159 18.39 12.62 9.84
C VAL F 159 17.17 13.37 10.33
N LEU F 160 16.55 12.83 11.39
CA LEU F 160 15.39 13.37 12.08
C LEU F 160 15.70 13.62 13.55
N ASN F 161 15.53 14.87 14.01
CA ASN F 161 15.78 15.24 15.41
C ASN F 161 14.52 15.62 16.19
N SER F 162 14.38 15.11 17.42
CA SER F 162 13.21 15.40 18.24
C SER F 162 13.62 15.81 19.64
N TRP F 163 13.23 17.02 20.03
CA TRP F 163 13.51 17.50 21.36
C TRP F 163 12.31 17.26 22.22
N THR F 164 12.56 16.88 23.47
CA THR F 164 11.54 16.71 24.49
C THR F 164 11.30 18.10 25.09
N ASP F 165 10.15 18.27 25.73
CA ASP F 165 9.90 19.50 26.48
C ASP F 165 10.79 19.43 27.77
N GLN F 166 11.11 20.58 28.38
CA GLN F 166 11.97 20.66 29.57
C GLN F 166 11.42 19.76 30.67
N ASP F 167 12.33 19.04 31.39
CA ASP F 167 11.95 18.10 32.45
C ASP F 167 11.36 18.81 33.67
N SER F 168 10.21 18.28 34.12
CA SER F 168 9.46 18.78 35.26
C SER F 168 10.22 18.68 36.56
N LYS F 169 11.12 17.69 36.69
CA LYS F 169 11.89 17.47 37.92
C LYS F 169 13.29 18.11 37.88
N ASP F 170 14.16 17.68 36.94
CA ASP F 170 15.54 18.16 36.86
C ASP F 170 15.80 19.39 35.99
N SER F 171 14.77 19.92 35.33
CA SER F 171 14.87 21.09 34.44
C SER F 171 15.81 20.95 33.20
N THR F 172 16.18 19.69 32.83
CA THR F 172 17.01 19.43 31.64
C THR F 172 16.17 19.08 30.42
N TYR F 173 16.85 19.04 29.26
CA TYR F 173 16.27 18.71 27.96
C TYR F 173 16.89 17.42 27.48
N SER F 174 16.19 16.72 26.61
CA SER F 174 16.66 15.49 26.00
C SER F 174 16.32 15.52 24.51
N MET F 175 17.13 14.85 23.71
CA MET F 175 16.95 14.85 22.27
C MET F 175 17.34 13.52 21.66
N SER F 176 16.50 13.03 20.73
CA SER F 176 16.73 11.80 19.97
C SER F 176 17.05 12.20 18.54
N SER F 177 18.10 11.63 17.97
CA SER F 177 18.53 11.90 16.61
C SER F 177 18.52 10.57 15.84
N THR F 178 17.70 10.48 14.78
CA THR F 178 17.58 9.24 14.02
C THR F 178 17.95 9.32 12.54
N LEU F 179 19.08 8.69 12.20
CA LEU F 179 19.50 8.55 10.82
C LEU F 179 18.83 7.26 10.23
N THR F 180 17.90 7.48 9.30
CA THR F 180 17.17 6.41 8.61
C THR F 180 17.81 6.27 7.24
N LEU F 181 18.33 5.05 6.95
CA LEU F 181 18.94 4.68 5.69
C LEU F 181 18.54 3.25 5.28
N THR F 182 18.67 2.89 4.00
CA THR F 182 18.28 1.55 3.53
C THR F 182 19.19 0.46 4.10
N LYS F 183 18.72 -0.80 4.13
CA LYS F 183 19.47 -1.98 4.57
C LYS F 183 20.75 -2.03 3.74
N ASP F 184 20.60 -1.86 2.42
CA ASP F 184 21.63 -1.88 1.39
C ASP F 184 22.70 -0.81 1.65
N GLU F 185 22.28 0.44 1.91
CA GLU F 185 23.18 1.57 2.21
C GLU F 185 23.97 1.31 3.47
N TYR F 186 23.28 0.85 4.52
CA TYR F 186 23.85 0.53 5.81
C TYR F 186 24.92 -0.55 5.64
N GLU F 187 24.58 -1.62 4.91
CA GLU F 187 25.48 -2.74 4.63
C GLU F 187 26.64 -2.40 3.69
N ARG F 188 26.71 -1.12 3.23
CA ARG F 188 27.79 -0.62 2.36
C ARG F 188 28.73 0.33 3.12
N HIS F 189 28.59 0.41 4.47
CA HIS F 189 29.39 1.26 5.35
C HIS F 189 29.71 0.60 6.69
N ASN F 190 30.87 0.93 7.28
CA ASN F 190 31.32 0.30 8.53
C ASN F 190 31.21 1.16 9.79
N SER F 191 31.91 2.33 9.83
CA SER F 191 31.94 3.21 11.00
C SER F 191 30.84 4.30 11.04
N TYR F 192 29.90 4.14 11.99
CA TYR F 192 28.81 5.08 12.25
C TYR F 192 29.12 5.87 13.49
N THR F 193 29.16 7.20 13.34
CA THR F 193 29.54 8.16 14.38
C THR F 193 28.45 9.20 14.57
N CYS F 194 28.36 9.73 15.79
CA CYS F 194 27.43 10.78 16.18
C CYS F 194 28.13 11.78 17.14
N GLU F 195 28.29 13.03 16.68
CA GLU F 195 28.99 14.09 17.40
C GLU F 195 28.08 15.16 18.01
N ALA F 196 27.89 15.07 19.33
CA ALA F 196 27.08 16.03 20.05
C ALA F 196 27.91 17.26 20.41
N THR F 197 27.48 18.43 19.95
CA THR F 197 28.18 19.67 20.26
C THR F 197 27.29 20.55 21.14
N HIS F 198 27.76 20.77 22.37
CA HIS F 198 27.06 21.52 23.40
C HIS F 198 28.08 22.41 24.10
N LYS F 199 27.62 23.55 24.67
CA LYS F 199 28.49 24.52 25.33
C LYS F 199 29.24 23.97 26.54
N THR F 200 28.75 22.88 27.13
CA THR F 200 29.36 22.19 28.29
C THR F 200 30.79 21.66 28.06
N SER F 201 31.21 21.54 26.80
CA SER F 201 32.55 21.06 26.42
C SER F 201 33.07 21.70 25.13
N THR F 202 34.41 21.85 25.07
CA THR F 202 35.11 22.37 23.90
C THR F 202 35.19 21.23 22.87
N SER F 203 35.39 19.99 23.37
CA SER F 203 35.47 18.78 22.59
C SER F 203 34.07 18.21 22.46
N PRO F 204 33.56 18.01 21.23
CA PRO F 204 32.23 17.39 21.10
C PRO F 204 32.27 15.94 21.58
N ILE F 205 31.20 15.54 22.27
CA ILE F 205 31.11 14.17 22.77
C ILE F 205 30.77 13.27 21.60
N VAL F 206 31.67 12.29 21.33
CA VAL F 206 31.56 11.39 20.19
C VAL F 206 31.33 9.95 20.59
N LYS F 207 30.13 9.41 20.25
CA LYS F 207 29.73 8.01 20.50
C LYS F 207 29.57 7.32 19.15
N SER F 208 30.33 6.21 18.93
CA SER F 208 30.37 5.49 17.65
C SER F 208 30.36 3.95 17.77
N PHE F 209 30.35 3.27 16.59
CA PHE F 209 30.40 1.81 16.43
C PHE F 209 30.77 1.38 15.00
N ASN F 210 31.32 0.15 14.85
CA ASN F 210 31.70 -0.48 13.57
C ASN F 210 30.93 -1.79 13.40
N ARG F 211 30.30 -2.00 12.22
CA ARG F 211 29.49 -3.19 11.88
C ARG F 211 30.20 -4.56 12.09
N ASN F 212 31.52 -4.55 12.36
CA ASN F 212 32.34 -5.74 12.62
C ASN F 212 32.62 -5.99 14.11
N ASP G 1 30.82 -1.60 -37.29
CA ASP G 1 30.55 -0.87 -36.03
C ASP G 1 30.07 -1.79 -34.88
N VAL G 2 31.03 -2.16 -33.99
CA VAL G 2 30.78 -3.02 -32.84
C VAL G 2 29.65 -2.43 -32.01
N GLN G 3 28.74 -3.30 -31.52
CA GLN G 3 27.62 -2.91 -30.67
C GLN G 3 27.18 -4.05 -29.76
N LEU G 4 27.45 -3.94 -28.46
CA LEU G 4 26.99 -4.92 -27.49
C LEU G 4 25.70 -4.39 -26.87
N VAL G 5 24.53 -4.74 -27.44
CA VAL G 5 23.19 -4.32 -27.01
C VAL G 5 22.65 -5.14 -25.80
N GLU G 6 22.76 -4.55 -24.58
CA GLU G 6 22.31 -5.08 -23.26
C GLU G 6 21.05 -4.36 -22.80
N PRO G 7 20.00 -5.04 -22.24
CA PRO G 7 18.80 -4.31 -21.75
C PRO G 7 19.15 -3.34 -20.61
N GLY G 8 18.53 -2.17 -20.64
CA GLY G 8 18.82 -1.08 -19.72
C GLY G 8 18.79 -1.36 -18.24
N ALA G 9 17.69 -1.98 -17.77
CA ALA G 9 17.48 -2.29 -16.36
C ALA G 9 16.52 -3.45 -16.18
N GLU G 10 16.67 -4.17 -15.03
CA GLU G 10 15.86 -5.33 -14.68
C GLU G 10 15.46 -5.34 -13.19
N LEU G 11 14.15 -5.42 -12.89
CA LEU G 11 13.64 -5.48 -11.51
C LEU G 11 13.36 -6.93 -11.09
N VAL G 12 14.13 -7.40 -10.09
CA VAL G 12 14.03 -8.77 -9.64
C VAL G 12 13.65 -8.91 -8.19
N GLN G 13 12.93 -9.99 -7.89
CA GLN G 13 12.47 -10.29 -6.55
C GLN G 13 13.59 -10.98 -5.76
N PRO G 14 13.73 -10.71 -4.44
CA PRO G 14 14.72 -11.43 -3.64
C PRO G 14 14.48 -12.95 -3.67
N GLY G 15 15.57 -13.72 -3.81
CA GLY G 15 15.49 -15.17 -3.86
C GLY G 15 15.20 -15.68 -5.25
N ALA G 16 14.66 -14.84 -6.14
CA ALA G 16 14.38 -15.23 -7.50
C ALA G 16 15.70 -15.19 -8.35
N SER G 17 15.62 -15.56 -9.62
CA SER G 17 16.77 -15.50 -10.51
C SER G 17 16.44 -14.62 -11.73
N VAL G 18 17.51 -14.06 -12.35
CA VAL G 18 17.45 -13.18 -13.52
C VAL G 18 18.34 -13.78 -14.62
N LYS G 19 17.94 -13.57 -15.88
CA LYS G 19 18.69 -13.91 -17.07
C LYS G 19 18.77 -12.61 -17.86
N MET G 20 19.99 -12.15 -18.08
CA MET G 20 20.23 -10.97 -18.87
C MET G 20 21.01 -11.36 -20.16
N SER G 21 20.79 -10.58 -21.23
CA SER G 21 21.31 -10.78 -22.57
C SER G 21 22.33 -9.70 -22.98
N CYS G 22 23.18 -10.04 -23.95
CA CYS G 22 24.20 -9.17 -24.48
C CYS G 22 24.23 -9.50 -25.99
N LYS G 23 23.47 -8.75 -26.80
CA LYS G 23 23.34 -8.94 -28.27
C LYS G 23 24.48 -8.25 -28.96
N ALA G 24 25.32 -9.06 -29.57
CA ALA G 24 26.48 -8.58 -30.28
C ALA G 24 26.18 -8.37 -31.79
N SER G 25 26.82 -7.36 -32.39
CA SER G 25 26.65 -7.01 -33.81
C SER G 25 27.89 -6.25 -34.29
N GLY G 26 28.00 -6.11 -35.62
CA GLY G 26 29.10 -5.38 -36.25
C GLY G 26 30.46 -6.04 -36.26
N TYR G 27 30.56 -7.28 -35.73
CA TYR G 27 31.82 -8.02 -35.68
C TYR G 27 31.64 -9.57 -35.72
N THR G 28 32.74 -10.30 -36.02
CA THR G 28 32.76 -11.77 -36.04
C THR G 28 32.71 -12.31 -34.57
N PHE G 29 31.47 -12.46 -34.04
CA PHE G 29 31.13 -12.90 -32.69
C PHE G 29 31.85 -14.17 -32.24
N SER G 30 31.81 -15.23 -33.10
CA SER G 30 32.41 -16.53 -32.80
C SER G 30 33.97 -16.53 -32.72
N SER G 31 34.61 -15.34 -32.85
CA SER G 31 36.07 -15.20 -32.85
C SER G 31 36.63 -14.26 -31.76
N TYR G 32 35.78 -13.85 -30.79
CA TYR G 32 36.14 -12.99 -29.66
C TYR G 32 35.57 -13.47 -28.30
N TRP G 33 36.34 -13.35 -27.18
CA TRP G 33 35.76 -13.72 -25.88
C TRP G 33 34.75 -12.68 -25.44
N ILE G 34 33.87 -13.04 -24.48
CA ILE G 34 32.89 -12.18 -23.81
C ILE G 34 33.17 -12.24 -22.32
N ASN G 35 33.46 -11.09 -21.70
CA ASN G 35 33.67 -11.04 -20.26
C ASN G 35 32.42 -10.39 -19.69
N TRP G 36 32.17 -10.51 -18.38
CA TRP G 36 31.01 -9.87 -17.77
C TRP G 36 31.42 -9.26 -16.46
N GLU G 37 31.13 -7.99 -16.24
CA GLU G 37 31.60 -7.29 -15.04
C GLU G 37 30.46 -6.83 -14.14
N LYS G 38 30.74 -6.61 -12.87
CA LYS G 38 29.75 -6.11 -11.94
C LYS G 38 30.26 -4.76 -11.41
N GLN G 39 29.33 -3.81 -11.28
CA GLN G 39 29.60 -2.47 -10.77
C GLN G 39 28.56 -2.00 -9.73
N ARG G 40 28.89 -2.10 -8.45
CA ARG G 40 28.00 -1.60 -7.41
C ARG G 40 28.27 -0.10 -7.25
N PRO G 41 27.23 0.75 -7.02
CA PRO G 41 27.49 2.20 -6.89
C PRO G 41 28.59 2.53 -5.87
N GLY G 42 29.37 3.56 -6.18
CA GLY G 42 30.47 4.01 -5.32
C GLY G 42 31.60 3.01 -5.16
N LYS G 43 31.40 1.78 -5.68
CA LYS G 43 32.38 0.70 -5.64
C LYS G 43 32.99 0.42 -7.02
N GLY G 44 34.10 -0.32 -6.99
CA GLY G 44 34.89 -0.72 -8.14
C GLY G 44 34.24 -1.80 -9.00
N LEU G 45 34.94 -2.15 -10.03
CA LEU G 45 34.48 -3.16 -10.95
C LEU G 45 35.02 -4.52 -10.56
N GLU G 46 34.22 -5.56 -10.82
CA GLU G 46 34.49 -6.93 -10.50
C GLU G 46 34.31 -7.77 -11.74
N TRP G 47 35.29 -8.64 -12.06
CA TRP G 47 35.22 -9.54 -13.22
C TRP G 47 34.49 -10.79 -12.82
N ILE G 48 33.23 -10.97 -13.32
CA ILE G 48 32.38 -12.16 -13.07
C ILE G 48 33.01 -13.40 -13.69
N GLY G 49 33.30 -13.31 -14.98
CA GLY G 49 33.93 -14.42 -15.70
C GLY G 49 34.09 -14.11 -17.16
N ASN G 50 34.27 -15.17 -17.98
CA ASN G 50 34.40 -15.06 -19.44
C ASN G 50 34.01 -16.30 -20.26
N ILE G 51 33.46 -16.07 -21.47
CA ILE G 51 32.98 -17.13 -22.35
C ILE G 51 33.53 -16.99 -23.78
N TYR G 52 33.91 -18.12 -24.43
CA TYR G 52 34.42 -18.10 -25.81
C TYR G 52 33.43 -18.70 -26.84
N PRO G 53 32.75 -17.80 -27.60
CA PRO G 53 31.74 -18.25 -28.58
C PRO G 53 32.11 -19.40 -29.50
N GLY G 54 33.31 -19.33 -30.06
CA GLY G 54 33.81 -20.33 -30.98
C GLY G 54 34.38 -21.60 -30.36
N SER G 55 33.96 -21.95 -29.10
CA SER G 55 34.42 -23.17 -28.40
C SER G 55 33.56 -23.52 -27.20
N GLY G 56 32.85 -22.54 -26.68
CA GLY G 56 32.00 -22.67 -25.50
C GLY G 56 32.77 -22.68 -24.20
N THR G 57 34.10 -22.30 -24.24
CA THR G 57 35.10 -22.23 -23.13
C THR G 57 34.65 -21.21 -22.10
N VAL G 58 34.58 -21.63 -20.81
CA VAL G 58 34.13 -20.75 -19.71
C VAL G 58 35.17 -20.70 -18.61
N ASN G 59 35.39 -19.51 -18.09
CA ASN G 59 36.25 -19.25 -16.95
C ASN G 59 35.46 -18.30 -16.07
N TYR G 60 35.20 -18.68 -14.81
CA TYR G 60 34.47 -17.91 -13.80
C TYR G 60 35.41 -17.46 -12.71
N ASP G 61 35.12 -16.29 -12.10
CA ASP G 61 35.84 -15.83 -10.91
C ASP G 61 35.13 -16.59 -9.76
N ASP G 62 35.91 -17.35 -8.98
CA ASP G 62 35.37 -18.17 -7.88
C ASP G 62 34.31 -17.45 -7.05
N LYS G 63 34.51 -16.13 -6.80
CA LYS G 63 33.57 -15.29 -6.06
C LYS G 63 32.16 -15.39 -6.60
N PHE G 64 32.01 -15.68 -7.92
CA PHE G 64 30.70 -15.80 -8.58
C PHE G 64 30.31 -17.22 -9.02
N LYS G 65 31.13 -18.24 -8.73
CA LYS G 65 30.87 -19.63 -9.14
C LYS G 65 29.46 -20.15 -8.96
N SER G 66 28.90 -20.00 -7.73
CA SER G 66 27.56 -20.48 -7.38
C SER G 66 26.40 -19.58 -7.85
N LYS G 67 26.75 -18.34 -8.26
CA LYS G 67 25.83 -17.26 -8.62
C LYS G 67 25.58 -17.13 -10.12
N ALA G 68 26.67 -17.16 -10.90
CA ALA G 68 26.66 -16.91 -12.31
C ALA G 68 26.68 -18.12 -13.19
N THR G 69 25.94 -18.04 -14.32
CA THR G 69 25.92 -19.06 -15.36
C THR G 69 26.08 -18.32 -16.68
N LEU G 70 27.22 -18.54 -17.37
CA LEU G 70 27.46 -17.89 -18.64
C LEU G 70 27.16 -18.84 -19.80
N THR G 71 26.10 -18.55 -20.58
CA THR G 71 25.74 -19.30 -21.77
C THR G 71 25.89 -18.35 -22.93
N ILE G 72 25.90 -18.93 -24.18
CA ILE G 72 26.07 -18.23 -25.48
C ILE G 72 25.10 -18.84 -26.49
N ASP G 73 24.48 -17.98 -27.31
CA ASP G 73 23.62 -18.34 -28.44
C ASP G 73 24.28 -17.72 -29.69
N THR G 74 25.07 -18.55 -30.40
CA THR G 74 25.81 -18.07 -31.57
C THR G 74 24.83 -17.76 -32.70
N SER G 75 23.72 -18.51 -32.82
CA SER G 75 22.72 -18.25 -33.87
C SER G 75 22.08 -16.87 -33.75
N SER G 76 22.02 -16.32 -32.53
CA SER G 76 21.49 -14.98 -32.28
C SER G 76 22.57 -14.00 -31.85
N ASN G 77 23.87 -14.42 -31.90
CA ASN G 77 25.02 -13.61 -31.50
C ASN G 77 24.78 -12.91 -30.18
N THR G 78 24.06 -13.61 -29.28
CA THR G 78 23.73 -13.13 -27.95
C THR G 78 24.50 -13.94 -26.95
N ALA G 79 25.05 -13.26 -25.95
CA ALA G 79 25.73 -13.83 -24.79
C ALA G 79 24.77 -13.63 -23.60
N TYR G 80 24.78 -14.55 -22.65
CA TYR G 80 23.87 -14.47 -21.52
C TYR G 80 24.57 -14.70 -20.21
N MET G 81 24.02 -14.07 -19.16
CA MET G 81 24.40 -14.27 -17.77
C MET G 81 23.16 -14.43 -16.98
N GLN G 82 23.11 -15.56 -16.24
CA GLN G 82 22.02 -15.89 -15.39
C GLN G 82 22.58 -15.75 -13.98
N LEU G 83 21.93 -14.88 -13.16
CA LEU G 83 22.29 -14.73 -11.75
C LEU G 83 21.17 -15.38 -10.98
N SER G 84 21.51 -16.28 -10.06
CA SER G 84 20.55 -17.06 -9.29
C SER G 84 20.44 -16.67 -7.81
N SER G 85 19.32 -17.14 -7.12
CA SER G 85 19.05 -16.96 -5.70
C SER G 85 19.47 -15.55 -5.26
N LEU G 86 18.87 -14.52 -5.90
CA LEU G 86 19.26 -13.13 -5.66
C LEU G 86 19.07 -12.57 -4.26
N THR G 87 20.02 -11.70 -3.90
CA THR G 87 20.12 -10.97 -2.63
C THR G 87 20.41 -9.52 -3.01
N SER G 88 20.35 -8.57 -2.04
CA SER G 88 20.62 -7.15 -2.29
C SER G 88 22.08 -6.86 -2.68
N GLU G 89 23.02 -7.77 -2.33
CA GLU G 89 24.42 -7.72 -2.73
C GLU G 89 24.53 -7.80 -4.28
N ASP G 90 23.46 -8.33 -4.95
CA ASP G 90 23.37 -8.49 -6.42
C ASP G 90 22.84 -7.26 -7.19
N SER G 91 22.24 -6.28 -6.48
CA SER G 91 21.77 -5.04 -7.06
C SER G 91 23.07 -4.29 -7.52
N ALA G 92 23.31 -4.21 -8.83
CA ALA G 92 24.49 -3.58 -9.44
C ALA G 92 24.30 -3.38 -10.95
N VAL G 93 25.28 -2.77 -11.63
CA VAL G 93 25.25 -2.62 -13.09
C VAL G 93 26.16 -3.67 -13.67
N TYR G 94 25.58 -4.54 -14.53
CA TYR G 94 26.28 -5.66 -15.15
C TYR G 94 26.67 -5.35 -16.56
N TYR G 95 27.98 -5.44 -16.82
CA TYR G 95 28.51 -5.13 -18.13
C TYR G 95 28.96 -6.34 -18.89
N CYS G 96 28.90 -6.24 -20.21
CA CYS G 96 29.33 -7.31 -21.09
C CYS G 96 30.30 -6.72 -22.05
N THR G 97 31.37 -7.50 -22.29
CA THR G 97 32.47 -7.05 -23.10
C THR G 97 33.01 -8.06 -24.03
N ARG G 98 33.62 -7.52 -25.07
CA ARG G 98 34.35 -8.24 -26.05
C ARG G 98 35.79 -8.28 -25.48
N GLY G 99 36.36 -9.47 -25.40
CA GLY G 99 37.71 -9.60 -24.89
C GLY G 99 38.78 -9.81 -25.93
N GLY G 100 39.67 -10.72 -25.59
CA GLY G 100 40.83 -11.07 -26.40
C GLY G 100 42.13 -10.88 -25.63
N SER G 101 43.21 -10.69 -26.39
CA SER G 101 44.55 -10.58 -25.85
C SER G 101 44.90 -9.17 -25.33
N HIS G 102 44.00 -8.17 -25.57
CA HIS G 102 44.16 -6.78 -25.15
C HIS G 102 43.31 -6.45 -23.93
N ALA G 103 42.32 -7.34 -23.69
CA ALA G 103 41.33 -7.36 -22.62
C ALA G 103 40.04 -6.87 -23.17
N MET G 104 39.22 -6.25 -22.31
CA MET G 104 37.95 -5.64 -22.66
C MET G 104 38.30 -4.47 -23.57
N ASP G 105 37.67 -4.37 -24.75
CA ASP G 105 37.91 -3.23 -25.63
C ASP G 105 36.62 -2.44 -25.71
N TYR G 106 35.54 -3.09 -26.17
CA TYR G 106 34.21 -2.53 -26.35
C TYR G 106 33.27 -3.09 -25.34
N TRP G 107 32.64 -2.25 -24.53
CA TRP G 107 31.71 -2.59 -23.45
C TRP G 107 30.24 -2.28 -23.81
N GLY G 108 29.34 -3.15 -23.40
CA GLY G 108 27.90 -2.95 -23.63
C GLY G 108 27.31 -1.82 -22.79
N GLN G 109 25.99 -1.58 -22.87
CA GLN G 109 25.49 -0.46 -22.07
C GLN G 109 25.19 -0.76 -20.62
N GLY G 110 25.20 -2.03 -20.27
CA GLY G 110 25.01 -2.44 -18.89
C GLY G 110 23.58 -2.46 -18.42
N THR G 111 23.19 -3.56 -17.76
CA THR G 111 21.87 -3.75 -17.18
C THR G 111 21.95 -3.39 -15.70
N SER G 112 21.11 -2.46 -15.26
CA SER G 112 21.05 -2.03 -13.87
C SER G 112 20.01 -2.87 -13.18
N VAL G 113 20.47 -3.97 -12.55
CA VAL G 113 19.64 -4.91 -11.80
C VAL G 113 19.28 -4.32 -10.45
N THR G 114 18.01 -4.45 -10.05
CA THR G 114 17.53 -3.97 -8.76
C THR G 114 16.77 -5.10 -8.07
N VAL G 115 17.28 -5.54 -6.87
CA VAL G 115 16.72 -6.64 -6.14
C VAL G 115 15.84 -6.09 -4.99
N SER G 116 14.52 -6.31 -5.14
CA SER G 116 13.50 -5.86 -4.19
C SER G 116 12.15 -6.55 -4.47
N SER G 117 11.40 -6.80 -3.39
CA SER G 117 10.05 -7.39 -3.44
C SER G 117 8.98 -6.27 -3.61
N ALA G 118 9.45 -4.99 -3.59
CA ALA G 118 8.66 -3.76 -3.73
C ALA G 118 7.92 -3.60 -5.05
N LYS G 119 6.71 -3.00 -4.95
CA LYS G 119 5.78 -2.71 -6.04
C LYS G 119 6.29 -1.56 -6.90
N THR G 120 6.24 -1.70 -8.23
CA THR G 120 6.60 -0.64 -9.17
C THR G 120 5.56 0.47 -9.07
N THR G 121 6.03 1.69 -8.77
CA THR G 121 5.18 2.83 -8.57
C THR G 121 5.48 3.93 -9.56
N PRO G 122 4.46 4.45 -10.28
CA PRO G 122 4.71 5.60 -11.18
C PRO G 122 4.91 6.88 -10.35
N PRO G 123 5.75 7.84 -10.82
CA PRO G 123 5.96 9.06 -10.02
C PRO G 123 4.92 10.14 -10.15
N SER G 124 4.88 11.05 -9.15
CA SER G 124 4.07 12.27 -9.12
C SER G 124 5.00 13.34 -9.69
N VAL G 125 4.53 14.10 -10.70
CA VAL G 125 5.32 15.13 -11.37
C VAL G 125 4.77 16.50 -11.05
N TYR G 126 5.56 17.28 -10.32
CA TYR G 126 5.17 18.61 -9.88
C TYR G 126 6.02 19.69 -10.57
N PRO G 127 5.36 20.71 -11.15
CA PRO G 127 6.14 21.75 -11.82
C PRO G 127 6.64 22.82 -10.84
N LEU G 128 7.90 23.25 -11.06
CA LEU G 128 8.56 24.24 -10.22
C LEU G 128 8.72 25.56 -10.96
N ALA G 129 7.74 26.46 -10.76
CA ALA G 129 7.65 27.83 -11.30
C ALA G 129 7.76 28.82 -10.11
N PRO G 130 8.62 29.86 -10.22
CA PRO G 130 8.81 30.78 -9.07
C PRO G 130 7.57 31.59 -8.64
N GLY G 131 7.54 31.96 -7.35
CA GLY G 131 6.47 32.71 -6.71
C GLY G 131 6.18 34.08 -7.29
N SER G 132 5.15 34.75 -6.73
CA SER G 132 4.61 36.04 -7.19
C SER G 132 5.61 37.20 -7.54
N ALA G 133 6.91 37.11 -7.10
CA ALA G 133 7.97 38.10 -7.39
C ALA G 133 9.15 37.57 -8.26
N ASP G 134 9.44 38.31 -9.36
CA ASP G 134 10.53 38.00 -10.31
C ASP G 134 11.15 39.29 -10.86
N SER G 138 19.11 38.78 -18.04
CA SER G 138 18.30 38.11 -17.04
C SER G 138 17.88 36.73 -17.56
N SER G 139 17.81 35.74 -16.63
CA SER G 139 17.42 34.36 -16.89
C SER G 139 16.44 33.84 -15.83
N VAL G 140 15.53 32.93 -16.24
CA VAL G 140 14.52 32.28 -15.39
C VAL G 140 14.77 30.76 -15.30
N THR G 141 15.04 30.26 -14.08
CA THR G 141 15.25 28.83 -13.82
C THR G 141 13.92 28.19 -13.45
N LEU G 142 13.58 27.12 -14.17
CA LEU G 142 12.35 26.36 -13.94
C LEU G 142 12.74 24.93 -13.58
N GLY G 143 11.80 24.18 -13.03
CA GLY G 143 12.07 22.81 -12.63
C GLY G 143 10.86 21.91 -12.64
N CYS G 144 11.12 20.62 -12.40
CA CYS G 144 10.11 19.57 -12.30
C CYS G 144 10.49 18.62 -11.17
N LEU G 145 9.51 18.20 -10.39
CA LEU G 145 9.71 17.35 -9.22
C LEU G 145 9.05 15.96 -9.37
N VAL G 146 9.89 14.96 -9.69
CA VAL G 146 9.57 13.55 -9.92
C VAL G 146 9.66 12.81 -8.60
N LYS G 147 8.52 12.74 -7.88
CA LYS G 147 8.37 12.20 -6.51
C LYS G 147 7.69 10.81 -6.38
N GLY G 148 8.22 10.02 -5.46
CA GLY G 148 7.70 8.70 -5.08
C GLY G 148 7.51 7.66 -6.17
N TYR G 149 8.62 7.22 -6.79
CA TYR G 149 8.58 6.21 -7.83
C TYR G 149 9.57 5.06 -7.56
N PHE G 150 9.20 3.85 -8.01
CA PHE G 150 10.06 2.69 -7.90
C PHE G 150 9.91 1.79 -9.12
N PRO G 151 10.99 1.25 -9.74
CA PRO G 151 12.42 1.42 -9.40
C PRO G 151 13.04 2.56 -10.18
N GLU G 152 14.37 2.58 -10.27
CA GLU G 152 15.06 3.57 -11.09
C GLU G 152 15.00 3.04 -12.57
N SER G 153 15.08 3.90 -13.61
CA SER G 153 15.29 5.33 -13.53
C SER G 153 14.15 6.08 -14.21
N VAL G 154 14.22 7.40 -14.20
CA VAL G 154 13.27 8.28 -14.86
C VAL G 154 14.07 9.21 -15.76
N THR G 155 13.45 9.75 -16.81
CA THR G 155 14.15 10.72 -17.66
C THR G 155 13.28 11.94 -17.73
N VAL G 156 13.89 13.13 -17.55
CA VAL G 156 13.15 14.39 -17.65
C VAL G 156 13.62 15.10 -18.91
N THR G 157 12.69 15.27 -19.86
CA THR G 157 12.90 15.90 -21.15
C THR G 157 12.24 17.29 -21.14
N TRP G 158 13.01 18.32 -21.49
CA TRP G 158 12.54 19.69 -21.57
C TRP G 158 12.37 20.09 -23.05
N ASN G 159 11.13 20.53 -23.42
CA ASN G 159 10.74 20.95 -24.77
C ASN G 159 11.21 19.98 -25.87
N SER G 160 10.81 18.69 -25.73
CA SER G 160 11.16 17.56 -26.62
C SER G 160 12.67 17.30 -26.76
N GLY G 161 13.47 17.92 -25.88
CA GLY G 161 14.93 17.78 -25.86
C GLY G 161 15.70 18.99 -26.34
N SER G 162 15.00 19.97 -27.00
CA SER G 162 15.54 21.23 -27.54
C SER G 162 16.26 22.04 -26.46
N LEU G 163 15.65 22.07 -25.25
CA LEU G 163 16.17 22.72 -24.06
C LEU G 163 17.10 21.73 -23.35
N SER G 164 18.40 21.89 -23.56
CA SER G 164 19.49 21.10 -22.98
C SER G 164 20.66 22.08 -22.78
N SER G 165 21.76 21.65 -22.14
CA SER G 165 22.93 22.50 -21.86
C SER G 165 22.59 23.77 -21.00
N SER G 166 21.39 23.73 -20.38
CA SER G 166 20.77 24.71 -19.48
C SER G 166 20.04 23.90 -18.41
N VAL G 167 20.00 22.56 -18.61
CA VAL G 167 19.37 21.54 -17.76
C VAL G 167 20.34 20.80 -16.83
N HIS G 168 19.98 20.74 -15.54
CA HIS G 168 20.69 19.99 -14.51
C HIS G 168 19.75 18.91 -14.08
N THR G 169 20.23 17.66 -14.07
CA THR G 169 19.42 16.52 -13.66
C THR G 169 20.03 16.01 -12.37
N PHE G 170 19.29 16.15 -11.25
CA PHE G 170 19.76 15.82 -9.90
C PHE G 170 19.53 14.36 -9.47
N PRO G 171 20.58 13.71 -8.90
CA PRO G 171 20.44 12.31 -8.46
C PRO G 171 19.27 11.99 -7.54
N ALA G 172 18.58 10.88 -7.85
CA ALA G 172 17.43 10.38 -7.09
C ALA G 172 17.77 9.89 -5.65
N LEU G 173 17.06 10.41 -4.65
CA LEU G 173 17.23 10.05 -3.22
C LEU G 173 16.03 9.22 -2.75
N LEU G 174 16.22 8.43 -1.69
CA LEU G 174 15.18 7.56 -1.15
C LEU G 174 14.45 8.08 0.08
N GLN G 175 13.11 8.09 -0.03
CA GLN G 175 12.10 8.48 0.92
C GLN G 175 11.28 7.21 1.10
N SER G 176 11.41 6.53 2.24
CA SER G 176 10.67 5.33 2.63
C SER G 176 10.41 4.37 1.46
N GLY G 177 11.51 3.96 0.83
CA GLY G 177 11.50 3.00 -0.25
C GLY G 177 11.19 3.53 -1.64
N LEU G 178 10.78 4.80 -1.72
CA LEU G 178 10.47 5.39 -3.00
C LEU G 178 11.48 6.48 -3.39
N TYR G 179 11.75 6.61 -4.71
CA TYR G 179 12.70 7.61 -5.21
C TYR G 179 12.06 8.96 -5.45
N THR G 180 12.87 9.99 -5.26
CA THR G 180 12.52 11.37 -5.55
C THR G 180 13.71 12.01 -6.26
N MET G 181 13.43 12.76 -7.33
CA MET G 181 14.42 13.48 -8.09
C MET G 181 13.85 14.76 -8.68
N SER G 182 14.74 15.73 -8.90
CA SER G 182 14.45 17.03 -9.45
C SER G 182 15.30 17.23 -10.72
N SER G 183 14.78 18.04 -11.66
CA SER G 183 15.45 18.41 -12.89
C SER G 183 15.24 19.91 -13.11
N SER G 184 16.34 20.66 -13.26
CA SER G 184 16.27 22.10 -13.46
C SER G 184 16.49 22.46 -14.93
N VAL G 185 16.01 23.65 -15.35
CA VAL G 185 16.17 24.20 -16.69
C VAL G 185 16.38 25.70 -16.51
N THR G 186 17.21 26.33 -17.34
CA THR G 186 17.44 27.77 -17.27
C THR G 186 17.22 28.38 -18.64
N VAL G 187 16.13 29.15 -18.78
CA VAL G 187 15.78 29.78 -20.05
C VAL G 187 15.85 31.32 -19.96
N PRO G 188 16.32 32.04 -21.01
CA PRO G 188 16.35 33.50 -20.94
C PRO G 188 14.95 34.06 -20.64
N SER G 189 14.86 34.92 -19.60
CA SER G 189 13.64 35.55 -19.07
C SER G 189 12.56 35.94 -20.09
N SER G 190 12.96 36.26 -21.34
CA SER G 190 12.07 36.63 -22.45
C SER G 190 11.25 35.44 -22.98
N THR G 191 11.87 34.22 -23.08
CA THR G 191 11.23 33.01 -23.59
C THR G 191 10.18 32.37 -22.67
N TRP G 192 10.01 32.88 -21.44
CA TRP G 192 9.01 32.35 -20.51
C TRP G 192 8.34 33.49 -19.72
N PRO G 193 6.98 33.50 -19.59
CA PRO G 193 6.00 32.53 -20.08
C PRO G 193 5.59 32.62 -21.56
N SER G 194 6.22 33.56 -22.33
CA SER G 194 5.95 33.84 -23.75
C SER G 194 5.95 32.60 -24.65
N GLN G 195 6.81 31.62 -24.34
CA GLN G 195 6.91 30.35 -25.07
C GLN G 195 6.58 29.19 -24.13
N THR G 196 6.07 28.09 -24.71
CA THR G 196 5.70 26.89 -23.95
C THR G 196 6.94 26.13 -23.45
N VAL G 197 7.05 25.93 -22.13
CA VAL G 197 8.13 25.18 -21.48
C VAL G 197 7.48 23.98 -20.79
N THR G 198 7.79 22.76 -21.28
CA THR G 198 7.22 21.51 -20.80
C THR G 198 8.30 20.49 -20.45
N CYS G 199 8.12 19.78 -19.32
CA CYS G 199 8.98 18.68 -18.90
C CYS G 199 8.25 17.35 -19.14
N SER G 200 8.87 16.47 -19.93
CA SER G 200 8.34 15.16 -20.30
C SER G 200 9.04 14.06 -19.49
N VAL G 201 8.49 13.77 -18.31
CA VAL G 201 9.00 12.74 -17.41
C VAL G 201 8.56 11.36 -17.88
N ALA G 202 9.53 10.43 -18.05
CA ALA G 202 9.32 9.07 -18.51
C ALA G 202 9.80 8.05 -17.49
N HIS G 203 8.95 7.06 -17.20
CA HIS G 203 9.26 6.01 -16.25
C HIS G 203 8.98 4.68 -16.92
N PRO G 204 10.02 4.10 -17.59
CA PRO G 204 9.85 2.83 -18.33
C PRO G 204 9.23 1.67 -17.58
N ALA G 205 9.57 1.50 -16.27
CA ALA G 205 9.04 0.41 -15.45
C ALA G 205 7.51 0.36 -15.40
N SER G 206 6.91 1.52 -15.07
CA SER G 206 5.47 1.78 -14.97
C SER G 206 4.85 2.03 -16.36
N SER G 207 5.70 2.19 -17.43
CA SER G 207 5.33 2.44 -18.82
C SER G 207 4.58 3.79 -18.95
N THR G 208 4.90 4.76 -18.05
CA THR G 208 4.30 6.10 -18.01
C THR G 208 5.19 7.13 -18.65
N THR G 209 4.57 8.29 -18.90
CA THR G 209 5.11 9.52 -19.46
C THR G 209 4.14 10.64 -19.12
N VAL G 210 4.58 11.54 -18.23
CA VAL G 210 3.80 12.64 -17.69
C VAL G 210 4.39 13.96 -18.17
N ASP G 211 3.60 14.71 -18.98
CA ASP G 211 4.00 16.02 -19.49
C ASP G 211 3.34 17.09 -18.65
N LYS G 212 4.15 17.99 -18.07
CA LYS G 212 3.66 19.09 -17.25
C LYS G 212 4.01 20.46 -17.84
N LYS G 213 3.00 21.34 -18.01
CA LYS G 213 3.23 22.66 -18.57
C LYS G 213 3.51 23.61 -17.45
N LEU G 214 4.69 24.25 -17.50
CA LEU G 214 5.16 25.24 -16.55
C LEU G 214 4.39 26.58 -16.80
N GLU G 215 3.51 26.95 -15.86
CA GLU G 215 2.70 28.18 -15.92
C GLU G 215 3.11 29.18 -14.83
N PRO G 216 3.11 30.51 -15.14
CA PRO G 216 3.57 31.50 -14.15
C PRO G 216 2.74 31.68 -12.85
N ARG G 217 3.24 32.56 -11.94
CA ARG G 217 2.72 32.88 -10.61
C ARG G 217 2.81 31.66 -9.69
N ASP H 1 45.08 -14.52 -5.85
CA ASP H 1 44.49 -13.49 -6.68
C ASP H 1 45.32 -12.20 -6.69
N ILE H 2 45.34 -11.47 -7.83
CA ILE H 2 46.10 -10.23 -7.95
C ILE H 2 45.22 -9.05 -7.59
N VAL H 3 45.78 -8.10 -6.85
CA VAL H 3 45.08 -6.94 -6.35
C VAL H 3 45.65 -5.70 -6.99
N MET H 4 44.80 -4.97 -7.72
CA MET H 4 45.19 -3.74 -8.36
C MET H 4 44.90 -2.62 -7.38
N THR H 5 45.94 -1.92 -6.93
CA THR H 5 45.79 -0.88 -5.92
C THR H 5 45.86 0.57 -6.44
N GLN H 6 44.67 1.09 -6.83
CA GLN H 6 44.52 2.46 -7.27
C GLN H 6 44.27 3.28 -6.03
N SER H 7 45.37 3.74 -5.43
CA SER H 7 45.43 4.51 -4.17
C SER H 7 44.79 5.90 -4.25
N GLN H 8 45.03 6.62 -5.37
CA GLN H 8 44.51 7.96 -5.69
C GLN H 8 42.99 7.84 -5.84
N LYS H 9 42.22 8.24 -4.84
CA LYS H 9 40.79 8.11 -4.96
C LYS H 9 40.17 9.30 -5.68
N PHE H 10 40.72 10.52 -5.45
CA PHE H 10 40.24 11.77 -6.03
C PHE H 10 41.41 12.62 -6.51
N MET H 11 41.27 13.29 -7.68
CA MET H 11 42.31 14.11 -8.29
C MET H 11 41.76 15.36 -9.00
N SER H 12 42.24 16.55 -8.60
CA SER H 12 41.81 17.82 -9.21
C SER H 12 42.94 18.41 -10.04
N THR H 13 42.62 18.80 -11.29
CA THR H 13 43.58 19.32 -12.26
C THR H 13 42.93 20.43 -13.09
N SER H 14 43.66 21.55 -13.28
CA SER H 14 43.18 22.66 -14.10
C SER H 14 43.40 22.29 -15.57
N VAL H 15 42.51 22.78 -16.47
CA VAL H 15 42.61 22.51 -17.92
C VAL H 15 43.99 22.92 -18.46
N GLY H 16 44.63 21.98 -19.16
CA GLY H 16 45.95 22.18 -19.75
C GLY H 16 47.09 21.57 -18.98
N ASP H 17 46.88 21.34 -17.65
CA ASP H 17 47.89 20.74 -16.75
C ASP H 17 48.07 19.23 -17.01
N ARG H 18 49.03 18.61 -16.30
CA ARG H 18 49.34 17.19 -16.42
C ARG H 18 49.03 16.46 -15.12
N VAL H 19 48.44 15.26 -15.25
CA VAL H 19 48.03 14.38 -14.16
C VAL H 19 48.55 12.95 -14.42
N SER H 20 49.04 12.27 -13.36
CA SER H 20 49.54 10.89 -13.44
C SER H 20 48.81 9.94 -12.47
N ILE H 21 47.81 9.19 -12.99
CA ILE H 21 47.02 8.23 -12.22
C ILE H 21 47.79 6.91 -12.07
N THR H 22 48.25 6.63 -10.84
CA THR H 22 49.00 5.41 -10.48
C THR H 22 48.07 4.22 -10.13
N CYS H 23 48.59 3.00 -10.29
CA CYS H 23 47.90 1.76 -9.96
C CYS H 23 48.95 0.68 -9.75
N LYS H 24 49.00 0.06 -8.54
CA LYS H 24 49.97 -0.96 -8.13
C LYS H 24 49.43 -2.42 -8.13
N ALA H 25 50.17 -3.33 -8.77
CA ALA H 25 49.80 -4.75 -8.87
C ALA H 25 50.37 -5.53 -7.68
N SER H 26 49.57 -6.48 -7.14
CA SER H 26 49.96 -7.30 -5.99
C SER H 26 51.13 -8.24 -6.29
N GLN H 27 51.31 -8.59 -7.59
CA GLN H 27 52.39 -9.43 -8.11
C GLN H 27 52.71 -9.10 -9.57
N ASN H 28 53.88 -9.57 -10.08
CA ASN H 28 54.30 -9.33 -11.47
C ASN H 28 53.23 -9.80 -12.49
N VAL H 29 52.60 -8.78 -13.12
CA VAL H 29 51.56 -8.92 -14.14
C VAL H 29 52.13 -8.63 -15.50
N ARG H 30 53.44 -8.44 -15.59
CA ARG H 30 54.15 -8.11 -16.81
C ARG H 30 53.69 -6.77 -17.42
N THR H 31 52.89 -6.78 -18.51
CA THR H 31 52.38 -5.56 -19.15
C THR H 31 50.89 -5.71 -19.44
N SER H 32 50.30 -6.84 -19.00
CA SER H 32 48.89 -7.14 -19.21
C SER H 32 48.02 -6.23 -18.31
N VAL H 33 48.04 -4.92 -18.60
CA VAL H 33 47.31 -3.86 -17.86
C VAL H 33 46.64 -2.91 -18.85
N ALA H 34 45.30 -2.75 -18.74
CA ALA H 34 44.52 -1.84 -19.57
C ALA H 34 43.97 -0.67 -18.76
N TRP H 35 43.68 0.48 -19.39
CA TRP H 35 43.11 1.64 -18.71
C TRP H 35 41.82 1.96 -19.33
N TYR H 36 40.83 2.32 -18.50
CA TYR H 36 39.49 2.67 -18.97
C TYR H 36 39.05 3.99 -18.42
N GLN H 37 38.25 4.71 -19.19
CA GLN H 37 37.70 5.99 -18.82
C GLN H 37 36.20 5.80 -18.67
N GLN H 38 35.68 6.10 -17.50
CA GLN H 38 34.24 6.01 -17.32
C GLN H 38 33.62 7.37 -16.93
N LYS H 39 33.12 8.10 -17.94
CA LYS H 39 32.48 9.42 -17.76
C LYS H 39 31.18 9.14 -17.01
N PRO H 40 30.76 10.07 -16.10
CA PRO H 40 29.55 9.84 -15.29
C PRO H 40 28.36 9.36 -16.11
N GLY H 41 27.69 8.34 -15.62
CA GLY H 41 26.52 7.73 -16.26
C GLY H 41 26.73 7.24 -17.68
N GLN H 42 27.89 6.65 -17.96
CA GLN H 42 28.26 6.14 -19.29
C GLN H 42 29.03 4.79 -19.17
N SER H 43 29.18 4.03 -20.29
CA SER H 43 29.94 2.78 -20.31
C SER H 43 31.44 3.11 -20.28
N PRO H 44 32.33 2.28 -19.69
CA PRO H 44 33.75 2.60 -19.74
C PRO H 44 34.27 2.51 -21.17
N LYS H 45 35.22 3.40 -21.50
CA LYS H 45 35.85 3.50 -22.81
C LYS H 45 37.28 3.04 -22.67
N ALA H 46 37.70 2.11 -23.56
CA ALA H 46 39.07 1.59 -23.59
C ALA H 46 40.08 2.69 -24.00
N LEU H 47 41.08 2.99 -23.15
CA LEU H 47 42.09 4.02 -23.45
C LEU H 47 43.45 3.46 -23.82
N ILE H 48 44.03 2.65 -22.93
CA ILE H 48 45.36 2.05 -23.11
C ILE H 48 45.26 0.55 -22.99
N TYR H 49 45.83 -0.19 -23.95
CA TYR H 49 45.90 -1.64 -23.86
C TYR H 49 47.40 -2.01 -23.67
N LEU H 50 47.65 -3.18 -23.05
CA LEU H 50 48.99 -3.69 -22.78
C LEU H 50 49.96 -2.63 -22.27
N ALA H 51 49.63 -2.05 -21.10
CA ALA H 51 50.38 -1.03 -20.33
C ALA H 51 50.71 0.32 -20.99
N SER H 52 51.25 0.30 -22.22
CA SER H 52 51.74 1.46 -22.96
C SER H 52 51.07 1.80 -24.32
N ASN H 53 50.25 0.88 -24.89
CA ASN H 53 49.63 1.09 -26.20
C ASN H 53 48.29 1.74 -26.15
N ARG H 54 48.19 2.89 -26.81
CA ARG H 54 47.00 3.72 -26.95
C ARG H 54 46.05 3.01 -27.93
N HIS H 55 44.74 3.10 -27.69
CA HIS H 55 43.73 2.49 -28.57
C HIS H 55 43.41 3.43 -29.73
N THR H 56 42.59 2.95 -30.67
CA THR H 56 42.18 3.74 -31.82
C THR H 56 41.15 4.78 -31.35
N GLY H 57 41.36 6.02 -31.75
CA GLY H 57 40.46 7.10 -31.36
C GLY H 57 40.60 7.51 -29.92
N VAL H 58 41.85 7.62 -29.47
CA VAL H 58 42.22 8.08 -28.15
C VAL H 58 43.27 9.16 -28.34
N PRO H 59 42.99 10.42 -27.91
CA PRO H 59 43.98 11.50 -28.05
C PRO H 59 45.37 11.17 -27.52
N ASP H 60 46.39 11.75 -28.13
CA ASP H 60 47.79 11.53 -27.73
C ASP H 60 48.18 12.20 -26.40
N ARG H 61 47.18 12.75 -25.69
CA ARG H 61 47.30 13.35 -24.37
C ARG H 61 47.40 12.20 -23.37
N PHE H 62 46.73 11.07 -23.71
CA PHE H 62 46.67 9.84 -22.93
C PHE H 62 47.90 8.98 -23.17
N THR H 63 48.59 8.59 -22.08
CA THR H 63 49.82 7.81 -22.12
C THR H 63 49.88 6.76 -21.02
N GLY H 64 50.30 5.56 -21.40
CA GLY H 64 50.47 4.46 -20.48
C GLY H 64 51.94 4.09 -20.30
N SER H 65 52.33 3.76 -19.06
CA SER H 65 53.70 3.35 -18.77
C SER H 65 53.73 2.36 -17.64
N GLY H 66 54.79 1.59 -17.60
CA GLY H 66 55.02 0.62 -16.54
C GLY H 66 55.07 -0.81 -16.99
N SER H 67 55.70 -1.63 -16.15
CA SER H 67 55.84 -3.07 -16.29
C SER H 67 56.06 -3.68 -14.89
N GLY H 68 55.63 -4.94 -14.72
CA GLY H 68 55.77 -5.68 -13.48
C GLY H 68 54.69 -5.41 -12.43
N THR H 69 54.87 -4.32 -11.60
CA THR H 69 53.94 -3.92 -10.52
C THR H 69 53.50 -2.43 -10.50
N ASP H 70 54.31 -1.53 -11.05
CA ASP H 70 54.01 -0.11 -11.06
C ASP H 70 53.53 0.38 -12.43
N PHE H 71 52.21 0.74 -12.53
CA PHE H 71 51.52 1.20 -13.77
C PHE H 71 50.95 2.61 -13.63
N THR H 72 51.12 3.45 -14.68
CA THR H 72 50.65 4.85 -14.62
C THR H 72 49.93 5.27 -15.89
N LEU H 73 48.82 5.99 -15.74
CA LEU H 73 48.08 6.57 -16.84
C LEU H 73 48.35 8.09 -16.73
N THR H 74 48.81 8.71 -17.83
CA THR H 74 49.15 10.12 -17.83
C THR H 74 48.31 10.88 -18.82
N ILE H 75 47.61 11.92 -18.32
CA ILE H 75 46.79 12.79 -19.17
C ILE H 75 47.45 14.18 -19.20
N SER H 76 48.18 14.46 -20.28
CA SER H 76 48.79 15.77 -20.49
C SER H 76 47.72 16.63 -21.19
N ASN H 77 47.78 17.98 -21.02
CA ASN H 77 46.81 18.90 -21.60
C ASN H 77 45.38 18.47 -21.18
N VAL H 78 45.10 18.55 -19.88
CA VAL H 78 43.79 18.16 -19.35
C VAL H 78 42.70 19.02 -19.94
N GLN H 79 41.60 18.38 -20.32
CA GLN H 79 40.45 19.01 -20.93
C GLN H 79 39.24 18.91 -20.03
N SER H 80 38.24 19.76 -20.26
CA SER H 80 37.01 19.73 -19.45
C SER H 80 36.23 18.40 -19.60
N GLU H 81 36.33 17.77 -20.78
CA GLU H 81 35.69 16.49 -21.09
C GLU H 81 36.33 15.28 -20.37
N ASP H 82 37.62 15.39 -20.01
CA ASP H 82 38.40 14.37 -19.33
C ASP H 82 37.84 13.96 -17.95
N LEU H 83 36.83 14.70 -17.48
CA LEU H 83 36.07 14.52 -16.25
C LEU H 83 35.46 13.10 -16.23
N ALA H 84 36.22 12.13 -15.74
CA ALA H 84 35.77 10.74 -15.68
C ALA H 84 36.42 9.94 -14.56
N ASP H 85 36.07 8.66 -14.46
CA ASP H 85 36.64 7.73 -13.49
C ASP H 85 37.64 6.95 -14.29
N TYR H 86 38.85 6.81 -13.75
CA TYR H 86 39.89 6.08 -14.47
C TYR H 86 40.28 4.84 -13.74
N PHE H 87 40.39 3.73 -14.48
CA PHE H 87 40.75 2.46 -13.88
C PHE H 87 41.60 1.51 -14.70
N CYS H 88 42.48 0.83 -14.00
CA CYS H 88 43.40 -0.19 -14.49
C CYS H 88 42.77 -1.57 -14.30
N LEU H 89 43.19 -2.53 -15.12
CA LEU H 89 42.74 -3.91 -15.04
C LEU H 89 43.87 -4.84 -15.45
N GLN H 90 44.11 -5.90 -14.65
CA GLN H 90 45.10 -6.91 -15.01
C GLN H 90 44.39 -8.06 -15.74
N HIS H 91 45.07 -8.58 -16.73
CA HIS H 91 44.61 -9.72 -17.49
C HIS H 91 45.81 -10.63 -17.70
N TRP H 92 46.65 -10.65 -16.64
CA TRP H 92 47.82 -11.47 -16.60
C TRP H 92 47.37 -12.94 -16.37
N THR H 93 46.49 -13.14 -15.35
CA THR H 93 45.91 -14.43 -14.99
C THR H 93 44.48 -14.24 -14.51
N TYR H 94 43.68 -15.33 -14.59
CA TYR H 94 42.32 -15.35 -14.06
C TYR H 94 42.39 -15.41 -12.51
N PRO H 95 41.51 -14.71 -11.76
CA PRO H 95 40.47 -13.80 -12.24
C PRO H 95 41.01 -12.41 -12.51
N TYR H 96 40.49 -11.78 -13.57
CA TYR H 96 40.84 -10.44 -14.03
C TYR H 96 40.41 -9.45 -12.94
N THR H 97 41.33 -8.63 -12.45
CA THR H 97 41.01 -7.72 -11.36
C THR H 97 41.22 -6.26 -11.69
N PHE H 98 40.28 -5.39 -11.26
CA PHE H 98 40.24 -3.93 -11.53
C PHE H 98 40.75 -3.04 -10.43
N GLY H 99 41.29 -1.89 -10.82
CA GLY H 99 41.74 -0.86 -9.88
C GLY H 99 40.55 -0.22 -9.18
N GLY H 100 40.80 0.31 -7.99
CA GLY H 100 39.77 0.96 -7.18
C GLY H 100 39.03 2.09 -7.88
N GLY H 101 39.70 2.72 -8.84
CA GLY H 101 39.17 3.85 -9.59
C GLY H 101 39.73 5.15 -9.08
N THR H 102 39.76 6.18 -9.95
CA THR H 102 40.26 7.51 -9.62
C THR H 102 39.34 8.56 -10.24
N LYS H 103 38.50 9.21 -9.40
CA LYS H 103 37.59 10.25 -9.89
C LYS H 103 38.42 11.50 -10.12
N LEU H 104 38.48 11.90 -11.38
CA LEU H 104 39.21 13.10 -11.77
C LEU H 104 38.26 14.29 -11.76
N GLU H 105 38.60 15.30 -10.95
CA GLU H 105 37.85 16.55 -10.86
C GLU H 105 38.63 17.53 -11.71
N ILE H 106 37.94 18.49 -12.36
CA ILE H 106 38.59 19.52 -13.19
C ILE H 106 38.58 20.87 -12.47
N LYS H 107 39.76 21.40 -12.07
CA LYS H 107 39.87 22.69 -11.38
C LYS H 107 39.53 23.84 -12.30
N ARG H 108 38.84 24.84 -11.74
CA ARG H 108 38.40 26.05 -12.45
C ARG H 108 38.30 27.26 -11.50
N ALA H 109 38.07 28.47 -12.07
CA ALA H 109 37.92 29.70 -11.31
C ALA H 109 36.61 29.65 -10.52
N ASP H 110 36.65 29.99 -9.22
CA ASP H 110 35.47 29.96 -8.36
C ASP H 110 34.24 30.59 -9.04
N ALA H 111 33.10 29.85 -9.02
CA ALA H 111 31.83 30.29 -9.60
C ALA H 111 30.80 30.28 -8.50
N ALA H 112 30.06 31.39 -8.34
CA ALA H 112 29.04 31.50 -7.31
C ALA H 112 27.75 30.74 -7.73
N PRO H 113 26.99 30.17 -6.77
CA PRO H 113 25.78 29.44 -7.15
C PRO H 113 24.65 30.35 -7.69
N THR H 114 23.77 29.80 -8.52
CA THR H 114 22.61 30.52 -9.02
C THR H 114 21.38 29.94 -8.34
N VAL H 115 21.02 30.57 -7.19
CA VAL H 115 19.96 30.18 -6.26
C VAL H 115 18.55 30.56 -6.74
N SER H 116 17.62 29.57 -6.68
CA SER H 116 16.22 29.72 -7.08
C SER H 116 15.33 28.96 -6.09
N ILE H 117 14.38 29.68 -5.43
CA ILE H 117 13.43 29.09 -4.48
C ILE H 117 12.08 28.81 -5.18
N PHE H 118 11.43 27.67 -4.85
CA PHE H 118 10.17 27.29 -5.48
C PHE H 118 9.14 26.84 -4.48
N PRO H 119 7.94 27.46 -4.45
CA PRO H 119 6.91 26.99 -3.52
C PRO H 119 6.24 25.71 -4.06
N PRO H 120 5.59 24.96 -3.16
CA PRO H 120 4.87 23.75 -3.60
C PRO H 120 3.77 24.05 -4.60
N SER H 121 3.67 23.20 -5.63
CA SER H 121 2.65 23.29 -6.67
C SER H 121 1.27 22.98 -6.07
N SER H 122 0.23 23.66 -6.58
CA SER H 122 -1.17 23.46 -6.19
C SER H 122 -1.60 22.00 -6.35
N GLU H 123 -0.91 21.24 -7.24
CA GLU H 123 -1.12 19.82 -7.51
C GLU H 123 -0.69 19.02 -6.30
N GLN H 124 0.50 19.36 -5.71
CA GLN H 124 1.03 18.67 -4.53
C GLN H 124 0.20 18.98 -3.30
N LEU H 125 -0.24 20.25 -3.17
CA LEU H 125 -1.06 20.70 -2.05
C LEU H 125 -2.41 19.98 -1.99
N THR H 126 -2.93 19.52 -3.15
CA THR H 126 -4.19 18.77 -3.23
C THR H 126 -3.99 17.29 -2.79
N SER H 127 -2.76 16.77 -2.86
CA SER H 127 -2.42 15.39 -2.45
C SER H 127 -2.07 15.27 -0.94
N GLY H 128 -2.01 16.42 -0.24
CA GLY H 128 -1.73 16.50 1.19
C GLY H 128 -0.28 16.73 1.60
N GLY H 129 0.62 16.82 0.63
CA GLY H 129 2.04 17.07 0.85
C GLY H 129 2.50 18.44 0.40
N ALA H 130 3.73 18.83 0.77
CA ALA H 130 4.31 20.12 0.40
C ALA H 130 5.83 20.09 0.38
N SER H 131 6.41 20.16 -0.82
CA SER H 131 7.85 20.16 -0.97
C SER H 131 8.31 21.52 -1.47
N VAL H 132 9.26 22.12 -0.75
CA VAL H 132 9.83 23.43 -1.06
C VAL H 132 11.24 23.17 -1.57
N VAL H 133 11.43 23.33 -2.90
CA VAL H 133 12.70 23.07 -3.62
C VAL H 133 13.59 24.32 -3.76
N CYS H 134 14.93 24.11 -3.64
CA CYS H 134 15.97 25.12 -3.81
C CYS H 134 17.11 24.72 -4.77
N PHE H 135 17.19 25.35 -5.92
CA PHE H 135 18.25 25.01 -6.86
C PHE H 135 19.44 25.97 -6.69
N LEU H 136 20.60 25.39 -6.35
CA LEU H 136 21.88 26.09 -6.16
C LEU H 136 22.70 25.66 -7.37
N ASN H 137 22.56 26.39 -8.49
CA ASN H 137 23.15 25.99 -9.76
C ASN H 137 24.43 26.67 -10.18
N ASN H 138 25.31 25.85 -10.79
CA ASN H 138 26.60 26.23 -11.41
C ASN H 138 27.58 26.95 -10.52
N PHE H 139 28.26 26.18 -9.66
CA PHE H 139 29.21 26.72 -8.70
C PHE H 139 30.51 25.93 -8.59
N TYR H 140 31.57 26.59 -8.09
CA TYR H 140 32.85 25.95 -7.84
C TYR H 140 33.53 26.61 -6.63
N PRO H 141 34.03 25.86 -5.60
CA PRO H 141 34.09 24.38 -5.46
C PRO H 141 32.78 23.65 -5.17
N LYS H 142 32.80 22.30 -5.09
CA LYS H 142 31.62 21.49 -4.78
C LYS H 142 31.10 21.73 -3.35
N ASP H 143 32.01 22.15 -2.44
CA ASP H 143 31.67 22.43 -1.05
C ASP H 143 30.77 23.67 -0.91
N ILE H 144 29.55 23.44 -0.37
CA ILE H 144 28.51 24.46 -0.16
C ILE H 144 27.63 24.08 1.05
N ASN H 145 27.02 25.10 1.69
CA ASN H 145 26.08 24.94 2.81
C ASN H 145 24.71 25.47 2.39
N VAL H 146 23.69 24.69 2.65
CA VAL H 146 22.33 25.10 2.36
C VAL H 146 21.52 25.07 3.67
N LYS H 147 20.91 26.21 4.01
CA LYS H 147 20.14 26.38 5.25
C LYS H 147 18.71 26.76 4.93
N TRP H 148 17.75 26.13 5.63
CA TRP H 148 16.34 26.46 5.48
C TRP H 148 15.86 27.21 6.71
N LYS H 149 14.98 28.19 6.51
CA LYS H 149 14.41 28.97 7.59
C LYS H 149 12.88 29.07 7.43
N ILE H 150 12.15 28.67 8.48
CA ILE H 150 10.69 28.76 8.51
C ILE H 150 10.33 29.80 9.55
N ASP H 151 9.85 30.98 9.08
CA ASP H 151 9.47 32.13 9.91
C ASP H 151 10.63 32.52 10.85
N GLY H 152 11.81 32.70 10.25
CA GLY H 152 13.03 33.07 10.94
C GLY H 152 13.81 31.94 11.56
N SER H 153 13.11 30.92 12.12
CA SER H 153 13.70 29.76 12.77
C SER H 153 14.20 28.68 11.80
N GLU H 154 15.43 28.21 12.03
CA GLU H 154 16.10 27.19 11.24
C GLU H 154 15.33 25.86 11.26
N ARG H 155 15.45 25.13 10.16
CA ARG H 155 14.87 23.81 9.99
C ARG H 155 15.88 22.91 9.30
N GLN H 156 16.01 21.67 9.79
CA GLN H 156 16.87 20.65 9.20
C GLN H 156 16.11 19.34 8.96
N ASN H 157 15.00 19.13 9.70
CA ASN H 157 14.14 17.95 9.55
C ASN H 157 13.34 18.04 8.27
N GLY H 158 13.41 17.00 7.46
CA GLY H 158 12.69 16.94 6.19
C GLY H 158 13.52 17.40 4.99
N VAL H 159 14.72 17.97 5.24
CA VAL H 159 15.63 18.41 4.17
C VAL H 159 16.46 17.27 3.52
N LEU H 160 16.41 17.24 2.17
CA LEU H 160 17.11 16.31 1.31
C LEU H 160 17.97 17.08 0.33
N ASN H 161 19.28 16.83 0.31
CA ASN H 161 20.22 17.47 -0.61
C ASN H 161 20.86 16.51 -1.63
N SER H 162 20.93 16.92 -2.91
CA SER H 162 21.50 16.10 -3.95
C SER H 162 22.43 16.89 -4.82
N TRP H 163 23.67 16.43 -4.93
CA TRP H 163 24.67 17.06 -5.76
C TRP H 163 24.75 16.35 -7.07
N THR H 164 24.90 17.11 -8.15
CA THR H 164 25.09 16.59 -9.51
C THR H 164 26.58 16.29 -9.69
N ASP H 165 26.93 15.48 -10.71
CA ASP H 165 28.32 15.25 -11.06
C ASP H 165 28.86 16.56 -11.71
N GLN H 166 30.19 16.80 -11.66
CA GLN H 166 30.81 17.98 -12.24
C GLN H 166 30.44 18.11 -13.72
N ASP H 167 30.15 19.34 -14.21
CA ASP H 167 29.76 19.59 -15.60
C ASP H 167 30.91 19.36 -16.59
N SER H 168 30.60 18.62 -17.67
CA SER H 168 31.54 18.26 -18.73
C SER H 168 32.06 19.47 -19.50
N LYS H 169 31.24 20.54 -19.58
CA LYS H 169 31.59 21.74 -20.33
C LYS H 169 32.17 22.85 -19.46
N ASP H 170 31.38 23.36 -18.49
CA ASP H 170 31.81 24.48 -17.65
C ASP H 170 32.57 24.12 -16.36
N SER H 171 32.72 22.83 -16.06
CA SER H 171 33.41 22.34 -14.86
C SER H 171 32.78 22.74 -13.50
N THR H 172 31.50 23.19 -13.50
CA THR H 172 30.81 23.57 -12.25
C THR H 172 29.93 22.43 -11.72
N TYR H 173 29.41 22.63 -10.48
CA TYR H 173 28.55 21.69 -9.77
C TYR H 173 27.22 22.36 -9.56
N SER H 174 26.19 21.55 -9.35
CA SER H 174 24.85 22.01 -9.07
C SER H 174 24.25 21.16 -7.94
N MET H 175 23.35 21.76 -7.15
CA MET H 175 22.77 21.09 -6.01
C MET H 175 21.31 21.49 -5.80
N SER H 176 20.46 20.48 -5.53
CA SER H 176 19.04 20.67 -5.25
C SER H 176 18.83 20.36 -3.77
N SER H 177 18.12 21.25 -3.07
CA SER H 177 17.81 21.12 -1.65
C SER H 177 16.29 21.10 -1.49
N THR H 178 15.73 20.00 -0.98
CA THR H 178 14.27 19.85 -0.85
C THR H 178 13.73 19.65 0.58
N LEU H 179 13.07 20.68 1.10
CA LEU H 179 12.38 20.60 2.38
C LEU H 179 10.95 20.04 2.13
N THR H 180 10.72 18.82 2.61
CA THR H 180 9.43 18.13 2.51
C THR H 180 8.76 18.27 3.87
N LEU H 181 7.57 18.86 3.88
CA LEU H 181 6.74 19.03 5.07
C LEU H 181 5.25 18.80 4.71
N THR H 182 4.39 18.53 5.71
CA THR H 182 2.97 18.28 5.45
C THR H 182 2.25 19.54 4.96
N LYS H 183 1.09 19.37 4.28
CA LYS H 183 0.23 20.46 3.79
C LYS H 183 -0.11 21.33 5.01
N ASP H 184 -0.51 20.66 6.10
CA ASP H 184 -0.92 21.24 7.39
C ASP H 184 0.20 22.09 8.01
N GLU H 185 1.44 21.55 8.07
CA GLU H 185 2.62 22.24 8.61
C GLU H 185 2.94 23.48 7.79
N TYR H 186 2.92 23.32 6.45
CA TYR H 186 3.19 24.36 5.49
C TYR H 186 2.20 25.50 5.69
N GLU H 187 0.90 25.14 5.78
CA GLU H 187 -0.21 26.09 5.97
C GLU H 187 -0.24 26.74 7.37
N ARG H 188 0.74 26.38 8.24
CA ARG H 188 0.91 26.93 9.58
C ARG H 188 2.13 27.87 9.67
N HIS H 189 2.73 28.22 8.50
CA HIS H 189 3.89 29.10 8.40
C HIS H 189 3.85 30.00 7.17
N ASN H 190 4.45 31.22 7.27
CA ASN H 190 4.42 32.20 6.19
C ASN H 190 5.71 32.39 5.38
N SER H 191 6.81 32.78 6.04
CA SER H 191 8.09 33.06 5.38
C SER H 191 9.06 31.87 5.30
N TYR H 192 9.28 31.38 4.06
CA TYR H 192 10.19 30.29 3.75
C TYR H 192 11.44 30.88 3.12
N THR H 193 12.60 30.61 3.75
CA THR H 193 13.91 31.13 3.39
C THR H 193 14.89 29.98 3.14
N CYS H 194 15.87 30.23 2.27
CA CYS H 194 16.94 29.31 1.94
C CYS H 194 18.28 30.07 1.77
N GLU H 195 19.24 29.79 2.67
CA GLU H 195 20.54 30.47 2.73
C GLU H 195 21.72 29.65 2.23
N ALA H 196 22.16 29.94 1.01
CA ALA H 196 23.31 29.26 0.41
C ALA H 196 24.61 29.89 0.90
N THR H 197 25.48 29.09 1.52
CA THR H 197 26.77 29.58 2.01
C THR H 197 27.88 28.90 1.23
N HIS H 198 28.62 29.72 0.46
CA HIS H 198 29.69 29.30 -0.42
C HIS H 198 30.86 30.28 -0.25
N LYS H 199 32.10 29.82 -0.50
CA LYS H 199 33.30 30.64 -0.36
C LYS H 199 33.35 31.87 -1.27
N THR H 200 32.56 31.85 -2.38
CA THR H 200 32.47 32.95 -3.35
C THR H 200 32.00 34.29 -2.77
N SER H 201 31.33 34.26 -1.58
CA SER H 201 30.80 35.45 -0.93
C SER H 201 30.86 35.37 0.58
N THR H 202 31.03 36.54 1.22
CA THR H 202 31.02 36.68 2.68
C THR H 202 29.56 36.65 3.13
N SER H 203 28.68 37.25 2.31
CA SER H 203 27.24 37.31 2.54
C SER H 203 26.60 36.06 1.92
N PRO H 204 25.90 35.21 2.70
CA PRO H 204 25.25 34.05 2.08
C PRO H 204 24.11 34.52 1.18
N ILE H 205 23.98 33.91 0.00
CA ILE H 205 22.92 34.28 -0.92
C ILE H 205 21.59 33.72 -0.40
N VAL H 206 20.64 34.64 -0.16
CA VAL H 206 19.34 34.33 0.44
C VAL H 206 18.19 34.57 -0.52
N LYS H 207 17.50 33.48 -0.89
CA LYS H 207 16.32 33.50 -1.75
C LYS H 207 15.11 33.04 -0.91
N SER H 208 14.05 33.88 -0.84
CA SER H 208 12.86 33.59 -0.01
C SER H 208 11.50 33.91 -0.66
N PHE H 209 10.40 33.63 0.07
CA PHE H 209 9.01 33.90 -0.31
C PHE H 209 8.04 33.80 0.89
N ASN H 210 6.86 34.48 0.79
CA ASN H 210 5.78 34.48 1.80
C ASN H 210 4.50 33.96 1.16
N ARG H 211 3.79 33.03 1.82
CA ARG H 211 2.54 32.40 1.37
C ARG H 211 1.40 33.37 0.96
N ASN H 212 1.57 34.69 1.27
CA ASN H 212 0.62 35.77 0.96
C ASN H 212 1.04 36.60 -0.27
N THR I 6 -28.63 58.83 13.73
CA THR I 6 -30.09 59.02 13.68
C THR I 6 -30.87 57.82 14.23
N MET I 7 -31.94 58.07 15.03
CA MET I 7 -32.78 57.02 15.65
C MET I 7 -33.71 56.29 14.72
N CYS I 8 -33.82 54.96 14.89
CA CYS I 8 -34.77 54.14 14.13
C CYS I 8 -36.19 54.57 14.54
N SER I 9 -37.15 54.56 13.62
CA SER I 9 -38.51 54.94 13.96
C SER I 9 -39.58 53.87 13.61
N GLY I 10 -39.16 52.61 13.42
CA GLY I 10 -40.06 51.52 13.03
C GLY I 10 -40.20 50.38 14.02
N LYS I 11 -40.86 49.29 13.56
CA LYS I 11 -41.09 48.08 14.34
C LYS I 11 -39.80 47.29 14.52
N PHE I 12 -39.57 46.83 15.74
CA PHE I 12 -38.46 45.96 16.08
C PHE I 12 -39.13 44.74 16.69
N SER I 13 -38.96 43.58 16.07
CA SER I 13 -39.51 42.33 16.60
C SER I 13 -38.40 41.56 17.34
N ILE I 14 -38.79 40.56 18.19
CA ILE I 14 -37.80 39.75 18.90
C ILE I 14 -37.34 38.58 17.98
N ASP I 15 -36.01 38.50 17.69
CA ASP I 15 -35.45 37.41 16.88
C ASP I 15 -35.15 36.23 17.79
N LYS I 16 -34.44 36.48 18.88
CA LYS I 16 -34.11 35.53 19.94
C LYS I 16 -34.34 36.29 21.27
N GLU I 17 -35.15 35.71 22.18
CA GLU I 17 -35.48 36.38 23.44
C GLU I 17 -34.31 36.67 24.42
N MET I 18 -34.59 37.51 25.43
CA MET I 18 -33.64 37.92 26.46
C MET I 18 -33.06 36.69 27.09
N ALA I 19 -31.75 36.68 27.26
CA ALA I 19 -31.10 35.55 27.90
C ALA I 19 -29.86 35.99 28.67
N GLU I 20 -29.71 35.42 29.86
CA GLU I 20 -28.57 35.63 30.72
C GLU I 20 -27.36 34.95 30.04
N THR I 21 -26.19 35.58 30.15
CA THR I 21 -24.93 35.11 29.59
C THR I 21 -24.13 34.51 30.70
N GLN I 22 -23.10 33.71 30.37
CA GLN I 22 -22.16 33.11 31.34
C GLN I 22 -21.52 34.23 32.20
N HIS I 23 -21.21 35.38 31.57
CA HIS I 23 -20.58 36.51 32.22
C HIS I 23 -21.51 37.47 32.95
N GLY I 24 -22.68 36.94 33.33
CA GLY I 24 -23.73 37.62 34.10
C GLY I 24 -24.30 38.89 33.49
N THR I 25 -24.61 38.87 32.19
CA THR I 25 -25.23 39.99 31.46
C THR I 25 -26.43 39.39 30.70
N THR I 26 -27.20 40.22 29.95
CA THR I 26 -28.32 39.71 29.15
C THR I 26 -28.16 40.09 27.68
N VAL I 27 -28.72 39.27 26.77
CA VAL I 27 -28.64 39.56 25.34
C VAL I 27 -29.97 39.37 24.70
N VAL I 28 -30.34 40.34 23.87
CA VAL I 28 -31.53 40.29 23.05
C VAL I 28 -31.10 40.38 21.61
N LYS I 29 -31.78 39.62 20.75
CA LYS I 29 -31.55 39.65 19.32
C LYS I 29 -32.83 40.19 18.69
N VAL I 30 -32.77 41.42 18.14
CA VAL I 30 -33.93 42.13 17.57
C VAL I 30 -33.86 42.31 16.04
N LYS I 31 -34.98 42.02 15.37
CA LYS I 31 -35.12 42.23 13.94
C LYS I 31 -35.73 43.63 13.78
N TYR I 32 -35.19 44.45 12.86
CA TYR I 32 -35.71 45.78 12.60
C TYR I 32 -36.61 45.70 11.40
N GLU I 33 -37.86 46.16 11.52
CA GLU I 33 -38.84 46.09 10.44
C GLU I 33 -39.22 47.46 9.85
N GLY I 34 -38.56 48.52 10.31
CA GLY I 34 -38.88 49.85 9.82
C GLY I 34 -37.95 50.33 8.72
N ALA I 35 -37.96 51.64 8.44
CA ALA I 35 -37.11 52.25 7.43
C ALA I 35 -36.05 53.10 8.13
N GLY I 36 -35.24 53.80 7.35
CA GLY I 36 -34.20 54.67 7.88
C GLY I 36 -32.96 53.95 8.35
N ALA I 37 -32.89 52.61 8.12
CA ALA I 37 -31.71 51.83 8.50
C ALA I 37 -30.58 52.14 7.47
N PRO I 38 -29.31 52.45 7.88
CA PRO I 38 -28.75 52.38 9.24
C PRO I 38 -29.23 53.52 10.14
N CYS I 39 -29.62 53.12 11.36
CA CYS I 39 -30.16 53.97 12.41
C CYS I 39 -29.86 53.33 13.74
N LYS I 40 -29.66 54.16 14.75
CA LYS I 40 -29.37 53.76 16.12
C LYS I 40 -30.65 53.13 16.73
N VAL I 41 -30.47 52.03 17.46
CA VAL I 41 -31.57 51.30 18.08
C VAL I 41 -31.97 52.04 19.36
N PRO I 42 -33.24 52.50 19.51
CA PRO I 42 -33.66 53.13 20.78
C PRO I 42 -33.77 52.12 21.96
N ILE I 43 -32.89 52.25 22.98
CA ILE I 43 -32.87 51.35 24.15
C ILE I 43 -33.03 52.12 25.44
N GLU I 44 -34.07 51.78 26.22
CA GLU I 44 -34.32 52.33 27.55
C GLU I 44 -34.29 51.19 28.64
N ILE I 45 -33.60 51.41 29.76
CA ILE I 45 -33.63 50.44 30.88
C ILE I 45 -34.32 51.10 32.09
N ARG I 46 -35.55 50.69 32.40
CA ARG I 46 -36.28 51.30 33.52
C ARG I 46 -36.10 50.40 34.73
N ASP I 47 -36.03 50.95 35.98
CA ASP I 47 -36.01 50.05 37.14
C ASP I 47 -37.45 49.74 37.46
N VAL I 48 -37.78 49.64 38.77
CA VAL I 48 -39.17 49.48 39.22
C VAL I 48 -39.87 50.89 38.96
N ASN I 49 -39.74 51.32 37.66
CA ASN I 49 -40.19 52.52 36.96
C ASN I 49 -39.55 53.84 37.39
N VAL I 53 -32.62 54.13 33.88
CA VAL I 53 -31.27 53.80 34.35
C VAL I 53 -30.15 53.72 33.30
N VAL I 54 -29.23 54.68 33.44
CA VAL I 54 -28.04 54.90 32.60
C VAL I 54 -26.79 54.07 32.96
N GLY I 55 -25.93 53.94 31.94
CA GLY I 55 -24.66 53.21 31.98
C GLY I 55 -24.87 51.72 32.01
N ARG I 56 -26.08 51.25 31.58
CA ARG I 56 -26.38 49.83 31.63
C ARG I 56 -26.43 49.06 30.27
N ILE I 57 -25.81 49.60 29.18
CA ILE I 57 -25.70 48.97 27.84
C ILE I 57 -24.24 48.60 27.57
N ILE I 58 -23.96 47.29 27.57
CA ILE I 58 -22.65 46.67 27.38
C ILE I 58 -22.22 46.76 25.93
N SER I 59 -23.17 46.62 25.01
CA SER I 59 -22.98 46.68 23.56
C SER I 59 -22.45 48.03 23.06
N SER I 60 -21.72 47.99 21.94
CA SER I 60 -21.13 49.16 21.29
C SER I 60 -22.20 49.85 20.48
N THR I 61 -22.93 50.81 21.11
CA THR I 61 -24.01 51.64 20.55
C THR I 61 -24.75 50.90 19.42
N PRO I 62 -25.79 50.06 19.71
CA PRO I 62 -26.44 49.26 18.66
C PRO I 62 -27.12 50.02 17.52
N PHE I 63 -26.95 49.47 16.31
CA PHE I 63 -27.48 49.98 15.05
C PHE I 63 -28.22 48.90 14.28
N ALA I 64 -29.35 49.28 13.69
CA ALA I 64 -30.10 48.41 12.80
C ALA I 64 -29.43 48.68 11.46
N GLU I 65 -28.37 47.91 11.15
CA GLU I 65 -27.55 48.07 9.94
C GLU I 65 -28.29 48.24 8.62
N TYR I 66 -29.42 47.54 8.49
CA TYR I 66 -30.31 47.49 7.33
C TYR I 66 -31.67 46.96 7.79
N THR I 67 -32.73 47.14 6.98
CA THR I 67 -34.07 46.62 7.32
C THR I 67 -33.98 45.09 7.26
N ASN I 68 -34.75 44.42 8.11
CA ASN I 68 -34.74 42.97 8.25
C ASN I 68 -33.48 42.43 8.98
N SER I 69 -32.55 43.32 9.42
CA SER I 69 -31.31 42.95 10.15
C SER I 69 -31.55 42.60 11.61
N VAL I 70 -30.77 41.61 12.14
CA VAL I 70 -30.84 41.16 13.54
C VAL I 70 -29.68 41.79 14.33
N THR I 71 -29.93 42.33 15.54
CA THR I 71 -28.92 43.03 16.34
C THR I 71 -28.82 42.46 17.79
N ASN I 72 -27.58 42.11 18.24
CA ASN I 72 -27.36 41.61 19.61
C ASN I 72 -27.23 42.84 20.51
N ILE I 73 -28.03 42.88 21.60
CA ILE I 73 -28.04 43.98 22.54
C ILE I 73 -27.65 43.43 23.89
N GLU I 74 -26.41 43.69 24.29
CA GLU I 74 -25.89 43.24 25.59
C GLU I 74 -26.11 44.34 26.58
N LEU I 75 -26.78 43.99 27.69
CA LEU I 75 -27.11 44.87 28.79
C LEU I 75 -26.65 44.26 30.10
N GLU I 76 -26.60 45.13 31.11
CA GLU I 76 -26.26 44.79 32.48
C GLU I 76 -27.54 45.26 33.21
N PRO I 77 -28.67 44.52 33.12
CA PRO I 77 -29.90 45.00 33.77
C PRO I 77 -29.74 45.06 35.29
N PRO I 78 -30.40 46.04 35.96
CA PRO I 78 -30.27 46.11 37.44
C PRO I 78 -30.78 44.83 38.09
N PHE I 79 -30.41 44.63 39.36
CA PHE I 79 -30.87 43.47 40.13
C PHE I 79 -32.34 43.54 40.36
N GLY I 80 -32.97 42.39 40.21
CA GLY I 80 -34.40 42.24 40.41
C GLY I 80 -35.20 42.67 39.20
N ASP I 81 -36.36 43.31 39.47
CA ASP I 81 -37.26 43.78 38.40
C ASP I 81 -36.78 45.03 37.74
N SER I 82 -36.64 44.93 36.40
CA SER I 82 -36.26 45.92 35.38
C SER I 82 -37.13 45.69 34.13
N TYR I 83 -37.22 46.72 33.31
CA TYR I 83 -37.99 46.79 32.08
C TYR I 83 -37.11 47.39 31.00
N ILE I 84 -37.08 46.73 29.87
CA ILE I 84 -36.28 47.17 28.75
C ILE I 84 -37.20 47.63 27.64
N VAL I 85 -36.99 48.86 27.17
CA VAL I 85 -37.79 49.42 26.10
C VAL I 85 -36.97 49.52 24.81
N ILE I 86 -37.38 48.72 23.81
CA ILE I 86 -36.72 48.73 22.54
C ILE I 86 -37.60 49.36 21.49
N GLY I 87 -37.18 50.53 21.07
CA GLY I 87 -37.90 51.31 20.07
C GLY I 87 -38.72 52.41 20.69
N VAL I 88 -39.37 53.18 19.83
CA VAL I 88 -40.21 54.29 20.23
C VAL I 88 -41.62 54.13 19.69
N GLY I 89 -42.55 54.87 20.28
CA GLY I 89 -43.93 54.88 19.83
C GLY I 89 -44.70 53.67 20.31
N ASP I 90 -45.93 53.49 19.77
CA ASP I 90 -46.80 52.39 20.20
C ASP I 90 -46.34 51.03 19.75
N SER I 91 -45.28 51.01 18.93
CA SER I 91 -44.65 49.83 18.36
C SER I 91 -43.40 49.50 19.18
N ALA I 92 -43.10 50.31 20.23
CA ALA I 92 -41.95 50.08 21.11
C ALA I 92 -42.15 48.76 21.81
N LEU I 93 -41.06 48.06 22.11
CA LEU I 93 -41.11 46.75 22.73
C LEU I 93 -40.68 46.84 24.16
N THR I 94 -41.64 46.69 25.08
CA THR I 94 -41.31 46.69 26.50
C THR I 94 -41.10 45.23 26.92
N LEU I 95 -39.92 44.99 27.50
CA LEU I 95 -39.51 43.66 27.94
C LEU I 95 -39.28 43.63 29.43
N HIS I 96 -39.98 42.74 30.15
CA HIS I 96 -39.76 42.65 31.58
C HIS I 96 -38.68 41.64 31.91
N TRP I 97 -37.70 42.07 32.69
CA TRP I 97 -36.63 41.19 33.07
C TRP I 97 -36.49 41.11 34.55
N PHE I 98 -36.08 39.93 35.03
CA PHE I 98 -35.80 39.66 36.42
C PHE I 98 -34.39 39.12 36.58
N ARG I 99 -33.61 39.73 37.47
CA ARG I 99 -32.20 39.37 37.72
C ARG I 99 -31.99 38.86 39.14
N THR J 6 58.96 -31.08 -2.37
CA THR J 6 58.87 -32.51 -2.69
C THR J 6 57.88 -32.87 -3.82
N MET J 7 58.31 -33.69 -4.79
CA MET J 7 57.51 -34.11 -5.96
C MET J 7 56.45 -35.14 -5.66
N CYS J 8 55.24 -34.98 -6.22
CA CYS J 8 54.15 -35.96 -6.09
C CYS J 8 54.61 -37.23 -6.83
N SER J 9 54.23 -38.41 -6.36
CA SER J 9 54.65 -39.64 -7.04
C SER J 9 53.47 -40.56 -7.44
N GLY J 10 52.24 -40.05 -7.46
CA GLY J 10 51.05 -40.83 -7.75
C GLY J 10 50.32 -40.48 -9.04
N LYS J 11 49.10 -41.05 -9.18
CA LYS J 11 48.24 -40.86 -10.35
C LYS J 11 47.63 -39.45 -10.34
N PHE J 12 47.67 -38.79 -11.49
CA PHE J 12 47.04 -37.49 -11.69
C PHE J 12 46.09 -37.72 -12.86
N SER J 13 44.79 -37.53 -12.64
CA SER J 13 43.81 -37.66 -13.71
C SER J 13 43.43 -36.24 -14.24
N ILE J 14 42.81 -36.15 -15.45
CA ILE J 14 42.35 -34.87 -15.99
C ILE J 14 40.96 -34.53 -15.40
N ASP J 15 40.84 -33.38 -14.70
CA ASP J 15 39.57 -32.93 -14.13
C ASP J 15 38.79 -32.18 -15.18
N LYS J 16 39.45 -31.18 -15.80
CA LYS J 16 38.95 -30.36 -16.89
C LYS J 16 40.11 -30.28 -17.91
N GLU J 17 39.84 -30.61 -19.18
CA GLU J 17 40.87 -30.62 -20.23
C GLU J 17 41.57 -29.27 -20.54
N MET J 18 42.72 -29.36 -21.28
CA MET J 18 43.53 -28.23 -21.71
C MET J 18 42.65 -27.26 -22.42
N ALA J 19 42.81 -25.98 -22.09
CA ALA J 19 42.01 -24.97 -22.74
C ALA J 19 42.76 -23.67 -22.84
N GLU J 20 42.66 -23.03 -23.99
CA GLU J 20 43.23 -21.74 -24.26
C GLU J 20 42.41 -20.71 -23.45
N THR J 21 43.09 -19.71 -22.91
CA THR J 21 42.49 -18.65 -22.12
C THR J 21 42.41 -17.43 -23.01
N GLN J 22 41.59 -16.46 -22.61
CA GLN J 22 41.42 -15.17 -23.26
C GLN J 22 42.79 -14.48 -23.43
N HIS J 23 43.63 -14.59 -22.38
CA HIS J 23 44.96 -13.98 -22.32
C HIS J 23 46.07 -14.78 -22.98
N GLY J 24 45.69 -15.64 -23.91
CA GLY J 24 46.59 -16.45 -24.73
C GLY J 24 47.51 -17.41 -24.02
N THR J 25 46.98 -18.14 -23.03
CA THR J 25 47.71 -19.15 -22.27
C THR J 25 46.82 -20.41 -22.24
N THR J 26 47.30 -21.52 -21.65
CA THR J 26 46.48 -22.73 -21.53
C THR J 26 46.33 -23.14 -20.05
N VAL J 27 45.20 -23.79 -19.72
CA VAL J 27 44.98 -24.22 -18.36
C VAL J 27 44.48 -25.64 -18.35
N VAL J 28 45.06 -26.42 -17.45
CA VAL J 28 44.66 -27.78 -17.19
C VAL J 28 44.25 -27.87 -15.76
N LYS J 29 43.20 -28.65 -15.51
CA LYS J 29 42.72 -28.89 -14.15
C LYS J 29 42.94 -30.39 -13.89
N VAL J 30 43.89 -30.71 -12.98
CA VAL J 30 44.27 -32.10 -12.67
C VAL J 30 43.90 -32.55 -11.26
N LYS J 31 43.33 -33.76 -11.17
CA LYS J 31 43.00 -34.35 -9.87
C LYS J 31 44.19 -35.21 -9.49
N TYR J 32 44.66 -35.11 -8.23
CA TYR J 32 45.76 -35.92 -7.73
C TYR J 32 45.19 -37.11 -6.99
N GLU J 33 45.61 -38.32 -7.37
CA GLU J 33 45.09 -39.56 -6.78
C GLU J 33 46.13 -40.29 -5.94
N GLY J 34 47.33 -39.73 -5.79
CA GLY J 34 48.40 -40.37 -5.03
C GLY J 34 48.48 -39.91 -3.59
N ALA J 35 49.62 -40.24 -2.95
CA ALA J 35 49.93 -39.85 -1.56
C ALA J 35 50.99 -38.77 -1.54
N GLY J 36 51.36 -38.35 -0.35
CA GLY J 36 52.37 -37.31 -0.17
C GLY J 36 51.89 -35.89 -0.37
N ALA J 37 50.57 -35.68 -0.40
CA ALA J 37 50.02 -34.34 -0.55
C ALA J 37 50.16 -33.62 0.82
N PRO J 38 50.63 -32.34 0.89
CA PRO J 38 51.02 -31.45 -0.21
C PRO J 38 52.38 -31.76 -0.84
N CYS J 39 52.43 -31.67 -2.18
CA CYS J 39 53.61 -31.97 -3.02
C CYS J 39 53.56 -31.20 -4.33
N LYS J 40 54.71 -30.97 -4.94
CA LYS J 40 54.83 -30.24 -6.18
C LYS J 40 54.37 -31.14 -7.33
N VAL J 41 53.62 -30.57 -8.27
CA VAL J 41 53.10 -31.31 -9.42
C VAL J 41 54.22 -31.43 -10.46
N PRO J 42 54.62 -32.66 -10.88
CA PRO J 42 55.66 -32.78 -11.95
C PRO J 42 55.13 -32.37 -13.35
N ILE J 43 55.65 -31.23 -13.91
CA ILE J 43 55.21 -30.69 -15.20
C ILE J 43 56.37 -30.58 -16.18
N GLU J 44 56.23 -31.22 -17.35
CA GLU J 44 57.26 -31.12 -18.37
C GLU J 44 56.65 -30.67 -19.65
N ILE J 45 57.30 -29.71 -20.36
CA ILE J 45 56.83 -29.21 -21.66
C ILE J 45 57.91 -29.47 -22.69
N ARG J 46 57.62 -30.32 -23.67
CA ARG J 46 58.58 -30.65 -24.72
C ARG J 46 58.08 -30.14 -26.07
N ASP J 47 59.01 -29.79 -26.98
CA ASP J 47 58.65 -29.28 -28.29
C ASP J 47 58.28 -30.39 -29.28
N VAL J 48 58.46 -30.11 -30.58
CA VAL J 48 58.11 -31.05 -31.64
C VAL J 48 59.03 -32.27 -31.64
N ASN J 49 60.34 -32.01 -31.48
CA ASN J 49 61.44 -33.00 -31.42
C ASN J 49 61.49 -33.76 -30.08
N LYS J 50 60.38 -33.70 -29.30
CA LYS J 50 60.20 -34.33 -27.98
C LYS J 50 61.44 -34.09 -27.10
N GLU J 51 61.79 -32.80 -26.97
CA GLU J 51 62.91 -32.25 -26.22
C GLU J 51 62.32 -31.22 -25.29
N LYS J 52 62.62 -31.32 -24.00
CA LYS J 52 62.11 -30.40 -22.97
C LYS J 52 62.44 -28.94 -23.28
N VAL J 53 61.43 -28.06 -23.04
CA VAL J 53 61.45 -26.61 -23.12
C VAL J 53 61.04 -25.95 -21.80
N VAL J 54 62.06 -25.38 -21.14
CA VAL J 54 61.96 -24.66 -19.87
C VAL J 54 61.98 -23.13 -20.21
N GLY J 55 61.23 -22.28 -19.51
CA GLY J 55 60.30 -22.57 -18.45
C GLY J 55 59.00 -21.90 -18.83
N ARG J 56 58.10 -22.66 -19.45
CA ARG J 56 56.84 -22.11 -19.90
C ARG J 56 55.66 -22.27 -18.89
N ILE J 57 55.95 -22.06 -17.55
CA ILE J 57 54.98 -22.13 -16.45
C ILE J 57 54.51 -20.75 -15.89
N ILE J 58 53.23 -20.47 -16.11
CA ILE J 58 52.60 -19.22 -15.70
C ILE J 58 52.21 -19.28 -14.24
N SER J 59 51.69 -20.44 -13.80
CA SER J 59 51.22 -20.70 -12.43
C SER J 59 52.34 -20.57 -11.39
N SER J 60 51.93 -20.26 -10.15
CA SER J 60 52.85 -20.14 -9.01
C SER J 60 53.16 -21.54 -8.49
N THR J 61 54.25 -22.16 -9.04
CA THR J 61 54.80 -23.50 -8.70
C THR J 61 53.66 -24.44 -8.24
N PRO J 62 52.95 -25.16 -9.15
CA PRO J 62 51.78 -25.96 -8.74
C PRO J 62 51.99 -27.07 -7.74
N PHE J 63 51.04 -27.17 -6.79
CA PHE J 63 51.00 -28.14 -5.71
C PHE J 63 49.66 -28.83 -5.64
N ALA J 64 49.68 -30.12 -5.37
CA ALA J 64 48.50 -30.92 -5.09
C ALA J 64 48.31 -30.81 -3.52
N GLU J 65 47.75 -29.68 -3.02
CA GLU J 65 47.52 -29.37 -1.59
C GLU J 65 47.07 -30.54 -0.73
N TYR J 66 46.31 -31.50 -1.31
CA TYR J 66 45.73 -32.67 -0.64
C TYR J 66 45.35 -33.72 -1.68
N THR J 67 45.14 -34.98 -1.24
CA THR J 67 44.72 -36.04 -2.17
C THR J 67 43.29 -35.71 -2.61
N ASN J 68 42.94 -36.06 -3.86
CA ASN J 68 41.64 -35.75 -4.45
C ASN J 68 41.50 -34.28 -4.86
N SER J 69 42.52 -33.44 -4.64
CA SER J 69 42.53 -32.01 -4.99
C SER J 69 42.71 -31.75 -6.50
N VAL J 70 42.01 -30.72 -7.01
CA VAL J 70 42.09 -30.29 -8.41
C VAL J 70 43.02 -29.06 -8.46
N THR J 71 43.97 -29.03 -9.41
CA THR J 71 44.96 -27.96 -9.52
C THR J 71 44.96 -27.34 -10.93
N ASN J 72 44.86 -25.98 -11.00
CA ASN J 72 44.89 -25.22 -12.26
C ASN J 72 46.36 -25.04 -12.60
N ILE J 73 46.75 -25.45 -13.83
CA ILE J 73 48.11 -25.36 -14.31
C ILE J 73 48.11 -24.47 -15.52
N GLU J 74 48.58 -23.22 -15.31
CA GLU J 74 48.66 -22.24 -16.38
C GLU J 74 50.02 -22.31 -16.99
N LEU J 75 50.05 -22.51 -18.31
CA LEU J 75 51.23 -22.62 -19.14
C LEU J 75 51.13 -21.68 -20.31
N GLU J 76 52.28 -21.44 -20.94
CA GLU J 76 52.46 -20.64 -22.13
C GLU J 76 53.10 -21.69 -23.07
N PRO J 77 52.33 -22.66 -23.62
CA PRO J 77 52.95 -23.67 -24.49
C PRO J 77 53.58 -23.05 -25.74
N PRO J 78 54.71 -23.60 -26.24
CA PRO J 78 55.30 -23.06 -27.48
C PRO J 78 54.32 -23.13 -28.65
N PHE J 79 54.63 -22.34 -29.71
CA PHE J 79 53.81 -22.28 -30.91
C PHE J 79 53.87 -23.57 -31.63
N GLY J 80 52.70 -23.99 -32.14
CA GLY J 80 52.54 -25.22 -32.92
C GLY J 80 52.46 -26.45 -32.04
N ASP J 81 53.07 -27.54 -32.52
CA ASP J 81 53.09 -28.80 -31.78
C ASP J 81 54.01 -28.79 -30.57
N SER J 82 53.37 -29.07 -29.41
CA SER J 82 53.87 -29.15 -28.03
C SER J 82 53.18 -30.32 -27.33
N TYR J 83 53.84 -30.84 -26.28
CA TYR J 83 53.44 -31.98 -25.43
C TYR J 83 53.71 -31.62 -23.97
N ILE J 84 52.74 -31.91 -23.12
CA ILE J 84 52.79 -31.65 -21.70
C ILE J 84 52.76 -32.96 -20.93
N VAL J 85 53.75 -33.16 -20.05
CA VAL J 85 53.83 -34.35 -19.24
C VAL J 85 53.53 -34.02 -17.79
N ILE J 86 52.40 -34.55 -17.30
CA ILE J 86 51.98 -34.34 -15.92
C ILE J 86 52.16 -35.60 -15.11
N GLY J 87 53.13 -35.56 -14.23
CA GLY J 87 53.47 -36.68 -13.37
C GLY J 87 54.68 -37.43 -13.86
N VAL J 88 55.07 -38.43 -13.08
CA VAL J 88 56.22 -39.29 -13.39
C VAL J 88 55.80 -40.76 -13.46
N GLY J 89 56.63 -41.58 -14.12
CA GLY J 89 56.41 -43.01 -14.20
C GLY J 89 55.37 -43.40 -15.21
N ASP J 90 54.93 -44.68 -15.20
CA ASP J 90 53.95 -45.15 -16.19
C ASP J 90 52.55 -44.64 -15.98
N SER J 91 52.37 -43.87 -14.93
CA SER J 91 51.11 -43.24 -14.55
C SER J 91 51.16 -41.74 -14.97
N ALA J 92 52.29 -41.30 -15.57
CA ALA J 92 52.45 -39.93 -16.06
C ALA J 92 51.44 -39.67 -17.17
N LEU J 93 50.99 -38.41 -17.29
CA LEU J 93 49.99 -38.03 -18.28
C LEU J 93 50.57 -37.18 -19.36
N THR J 94 50.70 -37.74 -20.55
CA THR J 94 51.22 -36.97 -21.70
C THR J 94 50.04 -36.34 -22.46
N LEU J 95 50.14 -35.03 -22.68
CA LEU J 95 49.09 -34.26 -23.34
C LEU J 95 49.63 -33.55 -24.56
N HIS J 96 49.02 -33.78 -25.73
CA HIS J 96 49.47 -33.09 -26.94
C HIS J 96 48.67 -31.83 -27.15
N TRP J 97 49.38 -30.74 -27.37
CA TRP J 97 48.77 -29.45 -27.59
C TRP J 97 49.24 -28.83 -28.88
N PHE J 98 48.33 -28.11 -29.54
CA PHE J 98 48.60 -27.35 -30.74
C PHE J 98 48.24 -25.90 -30.52
N ARG J 99 49.20 -24.98 -30.81
CA ARG J 99 49.06 -23.55 -30.63
C ARG J 99 49.15 -22.82 -31.95
N LYS J 100 48.09 -22.10 -32.32
CA LYS J 100 48.02 -21.39 -33.60
C LYS J 100 48.64 -20.00 -33.52
N GLY J 101 49.12 -19.50 -34.67
CA GLY J 101 49.70 -18.16 -34.84
C GLY J 101 51.16 -18.03 -34.45
N THR K 6 -58.78 32.08 0.35
CA THR K 6 -58.83 33.50 0.70
C THR K 6 -57.65 34.35 0.13
N MET K 7 -57.96 35.54 -0.41
CA MET K 7 -56.98 36.43 -1.05
C MET K 7 -56.05 37.16 -0.11
N CYS K 8 -54.76 37.28 -0.50
CA CYS K 8 -53.76 38.06 0.27
C CYS K 8 -54.16 39.53 0.15
N SER K 9 -53.93 40.32 1.19
CA SER K 9 -54.31 41.73 1.15
C SER K 9 -53.16 42.68 1.48
N GLY K 10 -51.90 42.22 1.37
CA GLY K 10 -50.73 43.03 1.69
C GLY K 10 -49.76 43.32 0.56
N LYS K 11 -48.60 43.86 0.92
CA LYS K 11 -47.49 44.21 0.01
C LYS K 11 -46.80 42.96 -0.47
N PHE K 12 -46.56 42.89 -1.78
CA PHE K 12 -45.81 41.81 -2.40
C PHE K 12 -44.68 42.50 -3.10
N SER K 13 -43.45 42.23 -2.72
CA SER K 13 -42.28 42.83 -3.38
C SER K 13 -41.69 41.83 -4.40
N ILE K 14 -40.83 42.32 -5.33
CA ILE K 14 -40.18 41.44 -6.31
C ILE K 14 -38.91 40.80 -5.67
N ASP K 15 -38.87 39.45 -5.62
CA ASP K 15 -37.70 38.72 -5.09
C ASP K 15 -36.69 38.51 -6.22
N LYS K 16 -37.16 37.99 -7.35
CA LYS K 16 -36.42 37.77 -8.59
C LYS K 16 -37.37 38.24 -9.72
N GLU K 17 -36.90 39.13 -10.59
CA GLU K 17 -37.74 39.68 -11.67
C GLU K 17 -38.25 38.69 -12.74
N MET K 18 -39.23 39.15 -13.55
CA MET K 18 -39.85 38.39 -14.62
C MET K 18 -38.78 37.85 -15.52
N ALA K 19 -38.91 36.58 -15.88
CA ALA K 19 -37.93 35.98 -16.77
C ALA K 19 -38.56 34.90 -17.60
N GLU K 20 -38.20 34.91 -18.89
CA GLU K 20 -38.64 33.94 -19.85
C GLU K 20 -37.92 32.62 -19.52
N THR K 21 -38.64 31.50 -19.67
CA THR K 21 -38.15 30.15 -19.42
C THR K 21 -37.81 29.50 -20.74
N GLN K 22 -37.04 28.40 -20.70
CA GLN K 22 -36.69 27.57 -21.84
C GLN K 22 -37.99 27.10 -22.59
N HIS K 23 -39.03 26.76 -21.81
CA HIS K 23 -40.30 26.29 -22.34
C HIS K 23 -41.29 27.39 -22.74
N GLY K 24 -40.76 28.58 -23.03
CA GLY K 24 -41.49 29.75 -23.51
C GLY K 24 -42.59 30.33 -22.63
N THR K 25 -42.34 30.38 -21.31
CA THR K 25 -43.26 30.94 -20.32
C THR K 25 -42.45 31.97 -19.50
N THR K 26 -43.10 32.67 -18.55
CA THR K 26 -42.40 33.64 -17.70
C THR K 26 -42.55 33.25 -16.22
N VAL K 27 -41.56 33.62 -15.38
CA VAL K 27 -41.63 33.34 -13.96
C VAL K 27 -41.24 34.55 -13.18
N VAL K 28 -42.02 34.81 -12.15
CA VAL K 28 -41.75 35.86 -11.19
C VAL K 28 -41.65 35.21 -9.83
N LYS K 29 -40.71 35.73 -9.02
CA LYS K 29 -40.53 35.30 -7.66
C LYS K 29 -40.90 36.52 -6.77
N VAL K 30 -42.01 36.40 -6.03
CA VAL K 30 -42.53 37.47 -5.17
C VAL K 30 -42.45 37.19 -3.67
N LYS K 31 -42.00 38.17 -2.89
CA LYS K 31 -41.98 38.08 -1.43
C LYS K 31 -43.28 38.69 -0.95
N TYR K 32 -43.95 38.05 0.01
CA TYR K 32 -45.19 38.57 0.56
C TYR K 32 -44.87 39.28 1.86
N GLU K 33 -45.31 40.53 1.98
CA GLU K 33 -45.02 41.34 3.19
C GLU K 33 -46.27 41.65 4.02
N GLY K 34 -47.41 41.08 3.65
CA GLY K 34 -48.66 41.31 4.37
C GLY K 34 -48.98 40.24 5.39
N ALA K 35 -50.22 40.23 5.88
CA ALA K 35 -50.69 39.23 6.85
C ALA K 35 -51.72 38.32 6.16
N GLY K 36 -52.42 37.52 6.94
CA GLY K 36 -53.46 36.62 6.46
C GLY K 36 -52.95 35.40 5.74
N ALA K 37 -51.60 35.30 5.59
CA ALA K 37 -50.85 34.21 4.94
C ALA K 37 -50.88 32.93 5.79
N PRO K 38 -51.04 31.70 5.23
CA PRO K 38 -51.17 31.35 3.80
C PRO K 38 -52.41 31.95 3.16
N CYS K 39 -52.26 32.47 1.93
CA CYS K 39 -53.36 33.11 1.16
C CYS K 39 -53.13 33.06 -0.37
N LYS K 40 -54.21 33.13 -1.15
CA LYS K 40 -54.05 33.10 -2.60
C LYS K 40 -53.43 34.45 -3.09
N VAL K 41 -52.45 34.36 -4.00
CA VAL K 41 -51.77 35.53 -4.54
C VAL K 41 -52.68 36.16 -5.63
N PRO K 42 -53.08 37.47 -5.50
CA PRO K 42 -53.90 38.10 -6.56
C PRO K 42 -53.07 38.37 -7.85
N ILE K 43 -53.39 37.65 -8.96
CA ILE K 43 -52.67 37.76 -10.25
C ILE K 43 -53.60 38.16 -11.40
N GLU K 44 -53.31 39.30 -12.02
CA GLU K 44 -54.07 39.78 -13.16
C GLU K 44 -53.13 39.89 -14.39
N ILE K 45 -53.56 39.38 -15.54
CA ILE K 45 -52.80 39.57 -16.76
C ILE K 45 -53.68 40.46 -17.63
N ARG K 46 -53.25 41.70 -17.81
CA ARG K 46 -53.98 42.66 -18.67
C ARG K 46 -53.24 42.77 -20.01
N ASP K 47 -53.95 43.17 -21.07
CA ASP K 47 -53.40 43.39 -22.40
C ASP K 47 -53.15 44.93 -22.56
N VAL K 48 -53.16 45.40 -23.80
CA VAL K 48 -52.97 46.83 -24.12
C VAL K 48 -54.32 47.60 -23.95
N LYS K 52 -57.91 42.41 -19.87
CA LYS K 52 -57.89 41.29 -18.93
C LYS K 52 -57.86 39.94 -19.66
N VAL K 53 -56.71 39.25 -19.60
CA VAL K 53 -56.51 37.98 -20.31
C VAL K 53 -56.74 36.82 -19.39
N VAL K 54 -57.55 35.89 -19.86
CA VAL K 54 -57.91 34.72 -19.09
C VAL K 54 -57.07 33.46 -19.31
N GLY K 55 -57.00 32.64 -18.26
CA GLY K 55 -56.34 31.34 -18.21
C GLY K 55 -54.90 31.24 -18.66
N ARG K 56 -54.14 32.35 -18.56
CA ARG K 56 -52.74 32.40 -18.97
C ARG K 56 -51.78 32.11 -17.77
N ILE K 57 -52.36 31.70 -16.60
CA ILE K 57 -51.63 31.30 -15.38
C ILE K 57 -51.30 29.76 -15.47
N ILE K 58 -49.97 29.44 -15.53
CA ILE K 58 -49.41 28.11 -15.68
C ILE K 58 -49.30 27.43 -14.32
N SER K 59 -48.89 28.19 -13.28
CA SER K 59 -48.70 27.73 -11.89
C SER K 59 -49.99 27.17 -11.28
N SER K 60 -49.82 26.27 -10.29
CA SER K 60 -50.93 25.65 -9.58
C SER K 60 -51.41 26.61 -8.51
N THR K 61 -52.40 27.45 -8.86
CA THR K 61 -53.04 28.46 -8.01
C THR K 61 -52.09 29.00 -6.92
N PRO K 62 -51.26 30.03 -7.21
CA PRO K 62 -50.23 30.47 -6.22
C PRO K 62 -50.72 30.98 -4.87
N PHE K 63 -49.99 30.58 -3.82
CA PHE K 63 -50.25 30.93 -2.42
C PHE K 63 -49.00 31.48 -1.72
N ALA K 64 -49.20 32.47 -0.82
CA ALA K 64 -48.13 33.03 0.01
C ALA K 64 -48.17 32.28 1.38
N GLU K 65 -47.50 31.11 1.41
CA GLU K 65 -47.46 30.12 2.50
C GLU K 65 -47.25 30.63 3.95
N TYR K 66 -46.70 31.86 4.07
CA TYR K 66 -46.34 32.56 5.31
C TYR K 66 -45.81 33.94 4.95
N THR K 67 -45.75 34.87 5.92
CA THR K 67 -45.21 36.23 5.67
C THR K 67 -43.72 36.07 5.43
N ASN K 68 -43.17 36.93 4.57
CA ASN K 68 -41.76 36.87 4.18
C ASN K 68 -41.43 35.70 3.19
N SER K 69 -42.44 34.88 2.79
CA SER K 69 -42.29 33.76 1.85
C SER K 69 -42.17 34.21 0.38
N VAL K 70 -41.36 33.50 -0.41
CA VAL K 70 -41.16 33.78 -1.85
C VAL K 70 -42.02 32.79 -2.65
N THR K 71 -42.69 33.25 -3.74
CA THR K 71 -43.59 32.41 -4.55
C THR K 71 -43.28 32.51 -6.05
N ASN K 72 -43.09 31.35 -6.74
CA ASN K 72 -42.81 31.30 -8.20
C ASN K 72 -44.15 31.34 -8.91
N ILE K 73 -44.31 32.31 -9.84
CA ILE K 73 -45.54 32.51 -10.59
C ILE K 73 -45.27 32.32 -12.06
N GLU K 74 -45.67 31.16 -12.59
CA GLU K 74 -45.50 30.83 -13.99
C GLU K 74 -46.73 31.25 -14.74
N LEU K 75 -46.50 32.07 -15.80
CA LEU K 75 -47.51 32.63 -16.71
C LEU K 75 -47.14 32.34 -18.15
N GLU K 76 -48.14 32.46 -19.02
CA GLU K 76 -48.08 32.32 -20.48
C GLU K 76 -48.50 33.72 -20.95
N PRO K 77 -47.69 34.80 -20.78
CA PRO K 77 -48.20 36.15 -21.11
C PRO K 77 -48.54 36.29 -22.58
N PRO K 78 -49.57 37.11 -22.93
CA PRO K 78 -49.91 37.26 -24.36
C PRO K 78 -48.74 37.83 -25.11
N PHE K 79 -48.77 37.68 -26.46
CA PHE K 79 -47.76 38.20 -27.36
C PHE K 79 -47.75 39.69 -27.33
N GLY K 80 -46.54 40.24 -27.30
CA GLY K 80 -46.32 41.67 -27.30
C GLY K 80 -46.44 42.30 -25.95
N ASP K 81 -47.02 43.50 -25.91
CA ASP K 81 -47.21 44.25 -24.66
C ASP K 81 -48.33 43.71 -23.79
N SER K 82 -47.98 43.36 -22.56
CA SER K 82 -48.84 42.88 -21.48
C SER K 82 -48.44 43.55 -20.17
N TYR K 83 -49.32 43.45 -19.20
CA TYR K 83 -49.21 44.05 -17.86
C TYR K 83 -49.68 43.04 -16.81
N ILE K 84 -48.80 42.75 -15.86
CA ILE K 84 -49.12 41.79 -14.82
C ILE K 84 -49.34 42.53 -13.52
N VAL K 85 -50.48 42.28 -12.89
CA VAL K 85 -50.82 42.92 -11.64
C VAL K 85 -50.77 41.92 -10.51
N ILE K 86 -49.83 42.14 -9.60
CA ILE K 86 -49.67 41.27 -8.45
C ILE K 86 -50.10 42.00 -7.19
N GLY K 87 -51.22 41.56 -6.66
CA GLY K 87 -51.80 42.11 -5.45
C GLY K 87 -52.94 43.04 -5.74
N VAL K 88 -53.51 43.57 -4.65
CA VAL K 88 -54.63 44.51 -4.69
C VAL K 88 -54.33 45.81 -4.00
N GLY K 89 -55.09 46.85 -4.32
CA GLY K 89 -54.95 48.18 -3.72
C GLY K 89 -53.79 48.97 -4.26
N ASP K 90 -53.45 50.10 -3.61
CA ASP K 90 -52.35 50.95 -4.10
C ASP K 90 -50.98 50.37 -3.83
N SER K 91 -50.95 49.18 -3.19
CA SER K 91 -49.74 48.44 -2.92
C SER K 91 -49.58 47.33 -3.99
N ALA K 92 -50.56 47.22 -4.93
CA ALA K 92 -50.52 46.25 -6.02
C ALA K 92 -49.31 46.52 -6.88
N LEU K 93 -48.72 45.45 -7.45
CA LEU K 93 -47.51 45.58 -8.26
C LEU K 93 -47.83 45.37 -9.71
N THR K 94 -47.77 46.44 -10.49
CA THR K 94 -48.00 46.35 -11.93
C THR K 94 -46.65 46.14 -12.62
N LEU K 95 -46.57 45.10 -13.43
CA LEU K 95 -45.37 44.73 -14.14
C LEU K 95 -45.58 44.73 -15.64
N HIS K 96 -44.75 45.51 -16.38
CA HIS K 96 -44.90 45.52 -17.84
C HIS K 96 -44.02 44.45 -18.48
N TRP K 97 -44.62 43.63 -19.33
CA TRP K 97 -43.89 42.61 -20.01
C TRP K 97 -44.03 42.73 -21.51
N PHE K 98 -42.96 42.36 -22.24
CA PHE K 98 -42.94 42.29 -23.70
C PHE K 98 -42.57 40.89 -24.15
N ARG K 99 -43.40 40.29 -25.04
CA ARG K 99 -43.20 38.92 -25.55
C ARG K 99 -43.01 38.92 -27.05
N LYS K 100 -41.87 38.41 -27.54
CA LYS K 100 -41.60 38.39 -28.97
C LYS K 100 -42.21 37.21 -29.74
N THR L 6 27.57 -59.70 -10.49
CA THR L 6 29.04 -59.70 -10.44
C THR L 6 29.65 -58.88 -9.27
N MET L 7 30.58 -59.47 -8.52
CA MET L 7 31.22 -58.86 -7.34
C MET L 7 32.24 -57.81 -7.64
N CYS L 8 32.26 -56.71 -6.85
CA CYS L 8 33.26 -55.63 -6.97
C CYS L 8 34.58 -56.24 -6.53
N SER L 9 35.69 -55.82 -7.12
CA SER L 9 36.99 -56.38 -6.75
C SER L 9 38.05 -55.33 -6.35
N GLY L 10 37.60 -54.09 -6.05
CA GLY L 10 38.48 -52.96 -5.73
C GLY L 10 38.41 -52.44 -4.31
N LYS L 11 39.07 -51.30 -4.07
CA LYS L 11 39.11 -50.63 -2.76
C LYS L 11 37.76 -49.97 -2.45
N PHE L 12 37.27 -50.16 -1.24
CA PHE L 12 36.07 -49.52 -0.73
C PHE L 12 36.52 -48.81 0.51
N SER L 13 36.39 -47.48 0.52
CA SER L 13 36.75 -46.67 1.69
C SER L 13 35.47 -46.31 2.49
N ILE L 14 35.62 -45.89 3.75
CA ILE L 14 34.47 -45.48 4.57
C ILE L 14 34.15 -44.00 4.26
N ASP L 15 32.90 -43.72 3.80
CA ASP L 15 32.44 -42.35 3.50
C ASP L 15 31.91 -41.72 4.77
N LYS L 16 31.01 -42.45 5.46
CA LYS L 16 30.42 -42.11 6.74
C LYS L 16 30.43 -43.41 7.58
N GLU L 17 30.98 -43.37 8.83
CA GLU L 17 31.09 -44.57 9.66
C GLU L 17 29.79 -45.26 10.09
N MET L 18 29.91 -46.51 10.62
CA MET L 18 28.80 -47.31 11.11
C MET L 18 28.00 -46.51 12.11
N ALA L 19 26.68 -46.54 11.99
CA ALA L 19 25.85 -45.82 12.93
C ALA L 19 24.53 -46.54 13.13
N GLU L 20 24.11 -46.62 14.42
CA GLU L 20 22.83 -47.16 14.79
C GLU L 20 21.73 -46.16 14.30
N THR L 21 20.61 -46.71 13.82
CA THR L 21 19.47 -45.96 13.33
C THR L 21 18.39 -45.98 14.40
N GLN L 22 17.41 -45.06 14.30
CA GLN L 22 16.23 -44.98 15.16
C GLN L 22 15.49 -46.34 15.21
N HIS L 23 15.41 -47.03 14.07
CA HIS L 23 14.74 -48.30 13.91
C HIS L 23 15.58 -49.52 14.24
N GLY L 24 16.60 -49.31 15.07
CA GLY L 24 17.48 -50.35 15.61
C GLY L 24 18.29 -51.17 14.63
N THR L 25 18.86 -50.52 13.60
CA THR L 25 19.68 -51.16 12.60
C THR L 25 20.97 -50.32 12.49
N THR L 26 21.94 -50.73 11.64
CA THR L 26 23.16 -49.95 11.44
C THR L 26 23.34 -49.55 9.97
N VAL L 27 24.01 -48.42 9.71
CA VAL L 27 24.23 -47.99 8.33
C VAL L 27 25.66 -47.57 8.14
N VAL L 28 26.23 -48.04 7.04
CA VAL L 28 27.57 -47.65 6.62
C VAL L 28 27.45 -47.03 5.27
N LYS L 29 28.24 -45.98 5.04
CA LYS L 29 28.30 -45.31 3.75
C LYS L 29 29.71 -45.55 3.21
N VAL L 30 29.81 -46.34 2.12
CA VAL L 30 31.09 -46.72 1.52
C VAL L 30 31.34 -46.15 0.11
N LYS L 31 32.55 -45.62 -0.11
CA LYS L 31 32.94 -45.12 -1.42
C LYS L 31 33.66 -46.28 -2.11
N TYR L 32 33.36 -46.54 -3.39
CA TYR L 32 34.00 -47.57 -4.17
C TYR L 32 35.08 -46.95 -5.01
N GLU L 33 36.31 -47.46 -4.90
CA GLU L 33 37.47 -46.91 -5.59
C GLU L 33 38.01 -47.84 -6.67
N GLY L 34 37.35 -48.96 -6.91
CA GLY L 34 37.81 -49.92 -7.91
C GLY L 34 37.14 -49.75 -9.26
N ALA L 35 37.28 -50.77 -10.12
CA ALA L 35 36.62 -50.80 -11.43
C ALA L 35 35.49 -51.86 -11.40
N GLY L 36 34.89 -52.15 -12.53
CA GLY L 36 33.85 -53.17 -12.58
C GLY L 36 32.49 -52.72 -12.13
N ALA L 37 32.35 -51.43 -11.74
CA ALA L 37 31.08 -50.82 -11.33
C ALA L 37 30.28 -50.63 -12.62
N PRO L 38 28.97 -51.03 -12.67
CA PRO L 38 28.14 -51.58 -11.58
C PRO L 38 28.48 -53.03 -11.23
N CYS L 39 28.65 -53.29 -9.91
CA CYS L 39 28.97 -54.59 -9.30
C CYS L 39 28.39 -54.66 -7.88
N LYS L 40 28.13 -55.87 -7.41
CA LYS L 40 27.59 -56.13 -6.08
C LYS L 40 28.69 -55.87 -5.03
N VAL L 41 28.33 -55.22 -3.91
CA VAL L 41 29.26 -54.90 -2.85
C VAL L 41 29.45 -56.18 -2.01
N PRO L 42 30.69 -56.71 -1.84
CA PRO L 42 30.90 -57.90 -0.98
C PRO L 42 30.72 -57.57 0.51
N ILE L 43 29.66 -58.11 1.15
CA ILE L 43 29.34 -57.88 2.57
C ILE L 43 29.28 -59.20 3.34
N GLU L 44 30.16 -59.32 4.34
CA GLU L 44 30.20 -60.46 5.24
C GLU L 44 29.90 -60.02 6.69
N ILE L 45 29.01 -60.77 7.40
CA ILE L 45 28.71 -60.54 8.82
C ILE L 45 29.19 -61.78 9.57
N ARG L 46 30.31 -61.63 10.27
CA ARG L 46 30.87 -62.68 11.12
C ARG L 46 30.31 -62.38 12.53
N ASP L 47 30.49 -63.32 13.44
CA ASP L 47 30.02 -63.22 14.82
C ASP L 47 31.22 -63.14 15.83
N VAL L 48 30.89 -63.18 17.13
CA VAL L 48 31.84 -63.13 18.24
C VAL L 48 33.01 -64.10 18.06
N ASN L 49 32.73 -65.38 17.69
CA ASN L 49 33.74 -66.40 17.36
C ASN L 49 33.60 -66.53 15.88
N LYS L 50 34.28 -65.65 15.13
CA LYS L 50 34.30 -65.61 13.66
C LYS L 50 34.26 -67.06 13.13
N GLU L 51 33.30 -67.40 12.27
CA GLU L 51 32.53 -66.44 11.50
C GLU L 51 31.05 -66.79 11.20
N LYS L 52 30.59 -66.07 10.15
CA LYS L 52 29.41 -66.08 9.30
C LYS L 52 28.03 -66.20 9.87
N VAL L 53 27.33 -65.06 9.85
CA VAL L 53 25.97 -64.82 10.26
C VAL L 53 25.34 -64.59 8.94
N VAL L 54 24.28 -65.32 8.68
CA VAL L 54 23.59 -65.18 7.41
C VAL L 54 22.24 -64.42 7.53
N GLY L 55 21.83 -63.78 6.43
CA GLY L 55 20.55 -63.11 6.24
C GLY L 55 20.29 -61.87 7.06
N ARG L 56 21.32 -61.04 7.25
CA ARG L 56 21.19 -59.80 8.03
C ARG L 56 21.36 -58.49 7.23
N ILE L 57 21.31 -58.54 5.86
CA ILE L 57 21.40 -57.29 5.07
C ILE L 57 19.97 -56.71 4.84
N ILE L 58 19.66 -55.60 5.53
CA ILE L 58 18.40 -54.89 5.44
C ILE L 58 18.26 -54.25 4.07
N SER L 59 19.35 -53.69 3.54
CA SER L 59 19.43 -53.03 2.22
C SER L 59 19.06 -53.98 1.06
N SER L 60 18.59 -53.37 -0.04
CA SER L 60 18.22 -54.10 -1.25
C SER L 60 19.49 -54.40 -2.05
N THR L 61 20.09 -55.59 -1.80
CA THR L 61 21.31 -56.09 -2.44
C THR L 61 22.25 -54.96 -2.90
N PRO L 62 23.15 -54.42 -2.03
CA PRO L 62 23.96 -53.26 -2.41
C PRO L 62 24.89 -53.40 -3.61
N PHE L 63 24.92 -52.33 -4.42
CA PHE L 63 25.73 -52.20 -5.63
C PHE L 63 26.47 -50.88 -5.61
N ALA L 64 27.74 -50.92 -6.01
CA ALA L 64 28.51 -49.71 -6.24
C ALA L 64 28.15 -49.44 -7.73
N GLU L 65 27.21 -48.50 -7.97
CA GLU L 65 26.66 -48.17 -9.30
C GLU L 65 27.70 -47.70 -10.33
N TYR L 66 28.70 -47.00 -9.83
CA TYR L 66 29.77 -46.39 -10.58
C TYR L 66 30.98 -46.18 -9.65
N THR L 67 32.17 -45.95 -10.23
CA THR L 67 33.37 -45.69 -9.43
C THR L 67 33.18 -44.34 -8.74
N ASN L 68 33.73 -44.19 -7.56
CA ASN L 68 33.58 -43.00 -6.75
C ASN L 68 32.18 -42.85 -6.10
N SER L 69 31.26 -43.83 -6.33
CA SER L 69 29.91 -43.85 -5.75
C SER L 69 29.87 -44.24 -4.28
N VAL L 70 28.98 -43.59 -3.50
CA VAL L 70 28.78 -43.87 -2.06
C VAL L 70 27.53 -44.77 -1.94
N THR L 71 27.59 -45.82 -1.11
CA THR L 71 26.49 -46.77 -0.96
C THR L 71 26.09 -46.95 0.54
N ASN L 72 24.78 -46.80 0.85
CA ASN L 72 24.27 -46.99 2.22
C ASN L 72 24.03 -48.48 2.37
N ILE L 73 24.60 -49.06 3.43
CA ILE L 73 24.49 -50.48 3.70
C ILE L 73 23.81 -50.62 5.06
N GLU L 74 22.51 -50.99 5.00
CA GLU L 74 21.71 -51.20 6.20
C GLU L 74 21.79 -52.64 6.54
N LEU L 75 22.22 -52.90 7.79
CA LEU L 75 22.38 -54.21 8.38
C LEU L 75 21.62 -54.29 9.69
N GLU L 76 21.37 -55.52 10.12
CA GLU L 76 20.75 -55.89 11.37
C GLU L 76 21.90 -56.72 12.00
N PRO L 77 22.99 -56.07 12.53
CA PRO L 77 24.08 -56.87 13.09
C PRO L 77 23.62 -57.71 14.28
N PRO L 78 24.17 -58.95 14.46
CA PRO L 78 23.77 -59.75 15.62
C PRO L 78 24.04 -59.00 16.94
N PHE L 79 23.39 -59.46 18.02
CA PHE L 79 23.57 -58.87 19.35
C PHE L 79 24.97 -59.10 19.83
N GLY L 80 25.51 -58.06 20.46
CA GLY L 80 26.86 -58.08 21.02
C GLY L 80 27.92 -57.87 19.98
N ASP L 81 29.03 -58.60 20.16
CA ASP L 81 30.17 -58.49 19.24
C ASP L 81 29.93 -59.14 17.88
N SER L 82 30.01 -58.30 16.81
CA SER L 82 29.84 -58.59 15.38
C SER L 82 30.97 -57.92 14.60
N TYR L 83 31.32 -58.52 13.44
CA TYR L 83 32.39 -58.06 12.53
C TYR L 83 31.85 -57.97 11.11
N ILE L 84 31.98 -56.79 10.49
CA ILE L 84 31.48 -56.62 9.13
C ILE L 84 32.65 -56.51 8.17
N VAL L 85 32.62 -57.35 7.12
CA VAL L 85 33.67 -57.33 6.11
C VAL L 85 33.15 -56.76 4.80
N ILE L 86 33.67 -55.61 4.42
CA ILE L 86 33.28 -54.96 3.17
C ILE L 86 34.39 -55.03 2.16
N GLY L 87 34.15 -55.83 1.14
CA GLY L 87 35.10 -56.06 0.06
C GLY L 87 35.85 -57.34 0.23
N VAL L 88 36.68 -57.66 -0.75
CA VAL L 88 37.50 -58.85 -0.76
C VAL L 88 38.99 -58.49 -0.90
N GLY L 89 39.86 -59.45 -0.60
CA GLY L 89 41.29 -59.28 -0.74
C GLY L 89 41.90 -58.47 0.38
N ASP L 90 43.19 -58.08 0.24
CA ASP L 90 43.85 -57.35 1.31
C ASP L 90 43.43 -55.90 1.45
N SER L 91 42.51 -55.49 0.58
CA SER L 91 41.93 -54.18 0.56
C SER L 91 40.53 -54.23 1.21
N ALA L 92 40.10 -55.44 1.67
CA ALA L 92 38.81 -55.64 2.34
C ALA L 92 38.77 -54.81 3.64
N LEU L 93 37.58 -54.34 4.02
CA LEU L 93 37.43 -53.50 5.20
C LEU L 93 36.71 -54.25 6.28
N THR L 94 37.42 -54.61 7.35
CA THR L 94 36.80 -55.29 8.50
C THR L 94 36.39 -54.23 9.53
N LEU L 95 35.12 -54.30 9.94
CA LEU L 95 34.55 -53.36 10.89
C LEU L 95 34.01 -54.04 12.12
N HIS L 96 34.52 -53.67 13.32
CA HIS L 96 33.98 -54.27 14.56
C HIS L 96 32.79 -53.45 15.11
N TRP L 97 31.68 -54.14 15.35
CA TRP L 97 30.49 -53.54 15.87
C TRP L 97 30.03 -54.21 17.14
N PHE L 98 29.46 -53.40 18.04
CA PHE L 98 28.86 -53.87 19.28
C PHE L 98 27.40 -53.42 19.35
N ARG L 99 26.49 -54.39 19.62
CA ARG L 99 25.05 -54.16 19.69
C ARG L 99 24.50 -54.49 21.08
N LYS L 100 23.86 -53.51 21.74
CA LYS L 100 23.34 -53.74 23.07
C LYS L 100 21.98 -54.46 23.16
#